data_5VIE
#
_entry.id   5VIE
#
_cell.length_a   138.734
_cell.length_b   200.025
_cell.length_c   152.986
_cell.angle_alpha   90.00
_cell.angle_beta   90.00
_cell.angle_gamma   90.00
#
_symmetry.space_group_name_H-M   'C 2 2 21'
#
loop_
_entity.id
_entity.type
_entity.pdbx_description
1 polymer 'UDP-N-acetylglucosamine--peptide N-acetylglucosaminyltransferase 110 kDa subunit'
2 polymer CKII
3 non-polymer "URIDINE-5'-DIPHOSPHATE"
4 non-polymer 2-{[(2E)-4-chlorobut-2-enoyl]amino}-2-deoxy-beta-D-glucopyranose
5 non-polymer 2-{[(2E)-but-2-enoyl]amino}-2-deoxy-beta-D-glucopyranose
6 water water
#
loop_
_entity_poly.entity_id
_entity_poly.type
_entity_poly.pdbx_seq_one_letter_code
_entity_poly.pdbx_strand_id
1 'polypeptide(L)'
;GPGSCPTHADSLNNLANIKREQGNIEEAVRLYRKALEVFPEFAAAHSNLASVLQQQGKLQEALMHYKEAIRISPTFADAY
SNMGNTLKEMQDVQGALQCYTRAIQINPAFADAHSNLASIHKDSGNIPEAIASYRTALKLKPDFPDAYCNLAHCLQIVCD
WTDYDERMKKLVSIVADQLEKNRLPSVHPHHSMLYPLSHGFRKAIAERHGNLCLDKINVLHKPPYEHPKDLKLSDGRLRV
GYVSSDFGNHPTSHLMQSIPGMHNPDKFEVFCYALSPDDGTNFRVKVMAEANHFIDLSQIPCNGKAADRIHQDGIHILVN
MNGYTKGARNELFALRPAPIQAMWLGYPGTSGALFMDYIITDQETSPAEVAEQYSEKLAYMPHTFFIGDHANMFPHLKKK
AVIDFKSNGHIYDNRIVLNGIDLKAFLDSLPDVKIVKMKCPDGGDNADSSNTALNMPVIPMNTIAEAVIEMINRGQIQIT
INGFSISNGLATTQINNKAATGEEVPRTIIVTTRSQYGLPEDAIVYCNFNQLYKIDPSTLQMWANILKRVPNSVLWLLRF
PAVGEPNIQQYAQNMGLPQNRIIFSPVAPKEEHVRRGQLADVCLDTPLCNGHTTGMDVLWAGTPMVTMPGETLASRVAAS
QLTCLGCLELIAKNRQEYEDIAVKLGTDLEYLKKVRGKVWKQRISSPLFNTKQYTMELERLYLQMWEHYAAGNKPDHMIK
PVE
;
A,C
2 'polypeptide(L)' YPGGSTPVSSANMM B,D
#
loop_
_chem_comp.id
_chem_comp.type
_chem_comp.name
_chem_comp.formula
9C1 D-saccharide, beta linking 2-{[(2E)-4-chlorobut-2-enoyl]amino}-2-deoxy-beta-D-glucopyranose 'C10 H16 Cl N O6'
9CD D-saccharide, beta linking 2-{[(2E)-but-2-enoyl]amino}-2-deoxy-beta-D-glucopyranose 'C10 H17 N O6'
UDP RNA linking URIDINE-5'-DIPHOSPHATE 'C9 H14 N2 O12 P2'
#
# COMPACT_ATOMS: atom_id res chain seq x y z
N ARG A 30 10.79 -2.62 -32.85
CA ARG A 30 10.14 -3.74 -33.60
C ARG A 30 8.66 -3.52 -33.88
N LEU A 31 8.35 -3.58 -35.17
CA LEU A 31 6.98 -3.75 -35.63
C LEU A 31 6.62 -5.25 -35.69
N TYR A 32 6.42 -5.81 -34.49
CA TYR A 32 5.47 -6.92 -34.30
C TYR A 32 4.08 -6.55 -34.73
N ARG A 33 3.75 -5.24 -34.79
CA ARG A 33 2.40 -4.86 -35.22
C ARG A 33 2.16 -5.21 -36.69
N LYS A 34 3.25 -5.34 -37.46
CA LYS A 34 3.20 -6.03 -38.76
C LYS A 34 2.95 -7.56 -38.63
N ALA A 35 3.72 -8.25 -37.78
CA ALA A 35 3.46 -9.67 -37.48
C ALA A 35 1.97 -10.06 -37.14
N LEU A 36 1.30 -9.23 -36.34
CA LEU A 36 -0.10 -9.44 -35.94
C LEU A 36 -1.09 -9.04 -37.04
N GLU A 37 -0.61 -8.21 -37.95
CA GLU A 37 -1.39 -7.81 -39.13
C GLU A 37 -1.64 -9.05 -40.00
N VAL A 38 -0.59 -9.84 -40.23
CA VAL A 38 -0.66 -11.08 -41.01
C VAL A 38 -1.55 -12.12 -40.32
N PHE A 39 -1.41 -12.22 -38.99
CA PHE A 39 -2.11 -13.23 -38.18
C PHE A 39 -2.75 -12.59 -36.93
N PRO A 40 -4.11 -12.46 -36.89
CA PRO A 40 -4.83 -11.92 -35.71
C PRO A 40 -4.65 -12.68 -34.37
N GLU A 41 -4.82 -14.00 -34.39
CA GLU A 41 -4.86 -14.77 -33.15
C GLU A 41 -3.52 -15.46 -32.78
N PHE A 42 -2.43 -14.71 -32.95
CA PHE A 42 -1.07 -15.16 -32.70
C PHE A 42 -0.57 -14.79 -31.31
N ALA A 43 -0.79 -15.70 -30.36
CA ALA A 43 -0.61 -15.39 -28.93
C ALA A 43 0.78 -14.88 -28.58
N ALA A 44 1.79 -15.41 -29.24
CA ALA A 44 3.18 -15.18 -28.90
C ALA A 44 3.66 -13.77 -29.23
N ALA A 45 3.16 -13.21 -30.34
CA ALA A 45 3.54 -11.85 -30.74
C ALA A 45 2.82 -10.78 -29.90
N HIS A 46 1.61 -11.13 -29.44
CA HIS A 46 0.83 -10.36 -28.46
C HIS A 46 1.67 -10.24 -27.20
N SER A 47 2.11 -11.38 -26.68
CA SER A 47 2.97 -11.42 -25.51
C SER A 47 4.27 -10.68 -25.73
N ASN A 48 4.84 -10.82 -26.92
CA ASN A 48 6.09 -10.10 -27.26
C ASN A 48 5.99 -8.58 -27.53
N LEU A 49 4.98 -8.17 -28.32
CA LEU A 49 4.66 -6.75 -28.42
C LEU A 49 4.47 -6.13 -27.05
N ALA A 50 3.70 -6.82 -26.18
CA ALA A 50 3.46 -6.35 -24.82
C ALA A 50 4.74 -6.14 -24.04
N SER A 51 5.71 -7.02 -24.22
CA SER A 51 6.98 -6.94 -23.51
C SER A 51 7.89 -5.82 -24.06
N VAL A 52 7.70 -5.48 -25.33
CA VAL A 52 8.44 -4.35 -25.91
C VAL A 52 7.72 -3.00 -25.63
N LEU A 53 6.39 -2.99 -25.62
CA LEU A 53 5.67 -1.76 -25.27
C LEU A 53 6.00 -1.37 -23.85
N GLN A 54 6.30 -2.39 -23.04
CA GLN A 54 6.59 -2.21 -21.64
C GLN A 54 8.00 -1.67 -21.45
N GLN A 55 8.87 -1.94 -22.44
CA GLN A 55 10.25 -1.38 -22.50
C GLN A 55 10.28 0.16 -22.55
N GLN A 56 9.50 0.67 -23.51
CA GLN A 56 9.19 2.07 -23.71
C GLN A 56 8.41 2.72 -22.56
N GLY A 57 7.67 1.92 -21.77
CA GLY A 57 6.90 2.44 -20.60
C GLY A 57 5.37 2.54 -20.79
N LYS A 58 4.87 2.06 -21.95
CA LYS A 58 3.45 2.08 -22.34
C LYS A 58 2.70 0.95 -21.68
N LEU A 59 2.42 1.14 -20.40
CA LEU A 59 1.93 0.06 -19.50
C LEU A 59 0.50 -0.36 -19.74
N GLN A 60 -0.40 0.60 -19.91
CA GLN A 60 -1.84 0.31 -20.20
C GLN A 60 -2.00 -0.48 -21.54
N GLU A 61 -1.30 0.00 -22.57
CA GLU A 61 -1.21 -0.71 -23.87
C GLU A 61 -0.62 -2.13 -23.74
N ALA A 62 0.57 -2.25 -23.13
CA ALA A 62 1.20 -3.54 -22.87
C ALA A 62 0.21 -4.51 -22.22
N LEU A 63 -0.27 -4.11 -21.03
CA LEU A 63 -1.32 -4.78 -20.24
C LEU A 63 -2.44 -5.25 -21.16
N MET A 64 -2.86 -4.39 -22.12
CA MET A 64 -3.93 -4.77 -23.09
C MET A 64 -3.57 -5.99 -23.95
N HIS A 65 -2.43 -5.95 -24.66
CA HIS A 65 -1.85 -7.14 -25.35
C HIS A 65 -1.53 -8.37 -24.48
N TYR A 66 -1.01 -8.24 -23.26
CA TYR A 66 -1.01 -9.45 -22.39
C TYR A 66 -2.42 -10.11 -22.16
N LYS A 67 -3.51 -9.35 -22.02
CA LYS A 67 -4.83 -10.02 -21.81
C LYS A 67 -5.30 -10.73 -23.10
N GLU A 68 -4.80 -10.22 -24.25
CA GLU A 68 -5.12 -10.76 -25.59
C GLU A 68 -4.41 -12.07 -25.71
N ALA A 69 -3.09 -12.03 -25.57
CA ALA A 69 -2.29 -13.23 -25.46
C ALA A 69 -3.00 -14.34 -24.66
N ILE A 70 -3.53 -14.01 -23.48
CA ILE A 70 -4.28 -14.99 -22.67
C ILE A 70 -5.71 -15.33 -23.13
N ARG A 71 -6.45 -14.36 -23.70
CA ARG A 71 -7.73 -14.66 -24.36
C ARG A 71 -7.59 -15.84 -25.37
N ILE A 72 -6.53 -15.78 -26.19
CA ILE A 72 -6.19 -16.79 -27.20
C ILE A 72 -5.76 -18.10 -26.55
N SER A 73 -4.74 -18.04 -25.68
CA SER A 73 -4.18 -19.24 -25.09
C SER A 73 -4.30 -19.23 -23.57
N PRO A 74 -5.43 -19.69 -23.01
CA PRO A 74 -5.67 -19.46 -21.58
C PRO A 74 -4.69 -20.08 -20.54
N THR A 75 -3.79 -20.95 -20.96
CA THR A 75 -2.82 -21.51 -20.01
C THR A 75 -1.40 -21.03 -20.32
N PHE A 76 -1.29 -19.95 -21.11
CA PHE A 76 0.00 -19.28 -21.45
C PHE A 76 0.75 -18.64 -20.25
N ALA A 77 1.35 -19.49 -19.40
CA ALA A 77 2.20 -19.11 -18.24
C ALA A 77 3.04 -17.83 -18.40
N ASP A 78 3.89 -17.81 -19.44
CA ASP A 78 4.89 -16.74 -19.72
C ASP A 78 4.25 -15.35 -19.78
N ALA A 79 3.06 -15.28 -20.38
CA ALA A 79 2.31 -14.05 -20.44
C ALA A 79 1.75 -13.67 -19.09
N TYR A 80 1.07 -14.59 -18.39
CA TYR A 80 0.68 -14.35 -16.98
C TYR A 80 1.85 -13.79 -16.10
N SER A 81 3.03 -14.41 -16.19
CA SER A 81 4.16 -13.92 -15.39
C SER A 81 4.68 -12.56 -15.86
N ASN A 82 4.89 -12.38 -17.17
CA ASN A 82 5.26 -11.05 -17.68
C ASN A 82 4.20 -10.00 -17.38
N MET A 83 2.93 -10.43 -17.31
CA MET A 83 1.79 -9.54 -17.07
C MET A 83 2.01 -8.89 -15.76
N GLY A 84 2.39 -9.75 -14.81
CA GLY A 84 2.70 -9.46 -13.41
C GLY A 84 3.70 -8.35 -13.27
N ASN A 85 4.75 -8.41 -14.10
CA ASN A 85 5.79 -7.39 -14.10
C ASN A 85 5.19 -6.04 -14.47
N THR A 86 4.43 -6.06 -15.56
CA THR A 86 3.73 -4.88 -16.01
C THR A 86 2.74 -4.35 -14.95
N LEU A 87 1.99 -5.21 -14.26
CA LEU A 87 1.14 -4.57 -13.26
C LEU A 87 1.79 -4.19 -11.96
N LYS A 88 2.93 -4.81 -11.67
CA LYS A 88 3.75 -4.42 -10.53
C LYS A 88 4.30 -3.02 -10.78
N GLU A 89 4.74 -2.74 -12.01
CA GLU A 89 5.17 -1.38 -12.37
C GLU A 89 4.11 -0.30 -12.11
N MET A 90 2.88 -0.52 -12.58
CA MET A 90 1.71 0.35 -12.34
C MET A 90 1.25 0.29 -10.87
N GLN A 91 2.08 -0.31 -10.03
CA GLN A 91 1.88 -0.44 -8.57
C GLN A 91 0.60 -1.15 -8.07
N ASP A 92 -0.01 -1.96 -8.93
CA ASP A 92 -1.04 -2.93 -8.54
C ASP A 92 -0.31 -4.19 -8.10
N VAL A 93 -0.07 -4.28 -6.78
CA VAL A 93 0.71 -5.36 -6.16
C VAL A 93 -0.16 -6.63 -5.98
N GLN A 94 -1.43 -6.49 -5.58
CA GLN A 94 -2.36 -7.63 -5.47
C GLN A 94 -2.71 -8.25 -6.83
N GLY A 95 -2.66 -7.38 -7.83
CA GLY A 95 -2.84 -7.78 -9.19
C GLY A 95 -1.68 -8.61 -9.65
N ALA A 96 -0.47 -8.23 -9.22
CA ALA A 96 0.78 -8.86 -9.69
C ALA A 96 0.89 -10.25 -9.12
N LEU A 97 0.46 -10.36 -7.87
CA LEU A 97 0.51 -11.56 -7.11
C LEU A 97 -0.34 -12.59 -7.76
N GLN A 98 -1.56 -12.21 -8.16
CA GLN A 98 -2.45 -13.14 -8.88
C GLN A 98 -1.87 -13.61 -10.20
N CYS A 99 -1.27 -12.72 -10.96
CA CYS A 99 -0.53 -13.12 -12.15
C CYS A 99 0.64 -14.04 -11.87
N TYR A 100 1.39 -13.80 -10.79
CA TYR A 100 2.56 -14.68 -10.48
C TYR A 100 2.11 -16.05 -10.05
N THR A 101 1.22 -16.09 -9.06
CA THR A 101 0.77 -17.34 -8.51
C THR A 101 -0.01 -18.13 -9.55
N ARG A 102 -0.57 -17.45 -10.56
CA ARG A 102 -1.23 -18.14 -11.70
C ARG A 102 -0.24 -18.82 -12.62
N ALA A 103 0.85 -18.14 -12.96
CA ALA A 103 1.95 -18.74 -13.69
C ALA A 103 2.50 -19.97 -12.96
N ILE A 104 2.32 -20.04 -11.64
CA ILE A 104 2.85 -21.14 -10.85
C ILE A 104 1.84 -22.30 -10.75
N GLN A 105 0.54 -22.00 -10.86
CA GLN A 105 -0.46 -23.10 -10.92
C GLN A 105 -0.54 -23.77 -12.30
N ILE A 106 -0.36 -22.98 -13.35
CA ILE A 106 -0.24 -23.55 -14.69
C ILE A 106 1.03 -24.36 -14.78
N ASN A 107 2.12 -23.88 -14.21
CA ASN A 107 3.39 -24.57 -14.36
C ASN A 107 4.21 -24.53 -13.07
N PRO A 108 4.02 -25.52 -12.17
CA PRO A 108 4.78 -25.42 -10.87
C PRO A 108 6.29 -25.53 -11.04
N ALA A 109 6.72 -25.73 -12.28
CA ALA A 109 8.11 -25.90 -12.64
C ALA A 109 8.64 -24.70 -13.40
N PHE A 110 7.95 -23.58 -13.29
CA PHE A 110 8.31 -22.34 -14.00
C PHE A 110 9.14 -21.45 -13.04
N ALA A 111 10.44 -21.36 -13.30
CA ALA A 111 11.41 -20.72 -12.36
C ALA A 111 11.29 -19.20 -12.35
N ASP A 112 11.29 -18.59 -13.53
CA ASP A 112 11.05 -17.16 -13.69
C ASP A 112 9.90 -16.58 -12.87
N ALA A 113 8.75 -17.25 -12.96
CA ALA A 113 7.57 -16.96 -12.17
C ALA A 113 7.90 -17.04 -10.73
N HIS A 114 8.69 -18.05 -10.32
CA HIS A 114 9.13 -18.13 -8.89
C HIS A 114 9.99 -16.96 -8.42
N SER A 115 10.90 -16.51 -9.27
CA SER A 115 11.87 -15.44 -8.95
C SER A 115 11.18 -14.06 -8.75
N ASN A 116 10.41 -13.64 -9.76
CA ASN A 116 9.32 -12.66 -9.67
C ASN A 116 8.40 -12.77 -8.41
N LEU A 117 7.83 -13.94 -8.11
CA LEU A 117 6.97 -14.02 -6.90
C LEU A 117 7.77 -13.56 -5.67
N ALA A 118 9.03 -13.97 -5.63
CA ALA A 118 9.92 -13.77 -4.50
C ALA A 118 10.19 -12.28 -4.33
N SER A 119 10.58 -11.69 -5.45
CA SER A 119 10.86 -10.30 -5.60
C SER A 119 9.75 -9.42 -5.00
N ILE A 120 8.48 -9.81 -5.13
CA ILE A 120 7.42 -9.02 -4.49
C ILE A 120 7.43 -9.24 -2.98
N HIS A 121 7.68 -10.47 -2.54
CA HIS A 121 7.90 -10.74 -1.09
C HIS A 121 9.01 -9.91 -0.44
N LYS A 122 10.13 -9.75 -1.17
CA LYS A 122 11.25 -8.92 -0.73
C LYS A 122 10.78 -7.47 -0.56
N ASP A 123 9.99 -6.96 -1.51
CA ASP A 123 9.47 -5.59 -1.45
C ASP A 123 8.37 -5.36 -0.43
N SER A 124 7.68 -6.42 -0.03
CA SER A 124 6.77 -6.39 1.11
C SER A 124 7.52 -6.48 2.43
N GLY A 125 8.85 -6.62 2.35
CA GLY A 125 9.72 -6.79 3.53
C GLY A 125 9.80 -8.18 4.19
N ASN A 126 8.95 -9.11 3.74
CA ASN A 126 8.98 -10.56 4.04
C ASN A 126 10.24 -11.27 3.48
N ILE A 127 11.41 -11.08 4.11
CA ILE A 127 12.65 -11.63 3.54
C ILE A 127 12.69 -13.17 3.54
N PRO A 128 12.09 -13.84 4.55
CA PRO A 128 12.09 -15.33 4.51
C PRO A 128 11.45 -15.93 3.24
N GLU A 129 10.27 -15.43 2.87
CA GLU A 129 9.56 -15.85 1.66
C GLU A 129 10.27 -15.47 0.37
N ALA A 130 10.79 -14.26 0.34
CA ALA A 130 11.77 -13.87 -0.65
C ALA A 130 12.83 -15.00 -0.87
N ILE A 131 13.39 -15.49 0.25
CA ILE A 131 14.42 -16.52 0.22
C ILE A 131 13.79 -17.88 -0.22
N ALA A 132 12.82 -18.40 0.54
CA ALA A 132 12.21 -19.72 0.19
C ALA A 132 11.85 -19.79 -1.33
N SER A 133 11.20 -18.73 -1.84
CA SER A 133 10.98 -18.57 -3.25
C SER A 133 12.22 -18.36 -4.17
N TYR A 134 13.32 -17.76 -3.72
CA TYR A 134 14.42 -17.64 -4.66
C TYR A 134 15.10 -19.01 -4.87
N ARG A 135 15.06 -19.83 -3.84
CA ARG A 135 15.72 -21.13 -3.88
C ARG A 135 14.97 -22.10 -4.80
N THR A 136 13.63 -22.07 -4.76
CA THR A 136 12.79 -22.78 -5.74
C THR A 136 13.11 -22.41 -7.20
N ALA A 137 13.26 -21.12 -7.48
CA ALA A 137 13.79 -20.70 -8.77
C ALA A 137 15.16 -21.34 -9.07
N LEU A 138 16.06 -21.36 -8.06
CA LEU A 138 17.38 -22.03 -8.21
C LEU A 138 17.33 -23.57 -8.37
N LYS A 139 16.53 -24.24 -7.55
CA LYS A 139 16.35 -25.71 -7.60
C LYS A 139 15.83 -26.15 -8.97
N LEU A 140 14.85 -25.40 -9.48
CA LEU A 140 14.32 -25.57 -10.81
C LEU A 140 15.32 -25.22 -11.91
N LYS A 141 16.10 -24.17 -11.71
CA LYS A 141 17.02 -23.68 -12.76
C LYS A 141 18.38 -23.16 -12.18
N PRO A 142 19.35 -24.07 -11.97
CA PRO A 142 20.55 -23.58 -11.28
C PRO A 142 21.44 -22.62 -12.09
N ASP A 143 21.36 -22.57 -13.42
CA ASP A 143 21.99 -21.43 -14.10
C ASP A 143 20.99 -20.23 -14.13
N PHE A 144 20.78 -19.57 -12.97
CA PHE A 144 19.87 -18.39 -12.81
C PHE A 144 20.60 -17.21 -12.16
N PRO A 145 21.41 -16.45 -12.93
CA PRO A 145 22.22 -15.37 -12.30
C PRO A 145 21.39 -14.32 -11.55
N ASP A 146 20.32 -13.81 -12.16
CA ASP A 146 19.50 -12.74 -11.61
C ASP A 146 18.88 -13.20 -10.30
N ALA A 147 18.42 -14.43 -10.24
CA ALA A 147 17.89 -14.91 -8.99
C ALA A 147 18.96 -15.28 -7.95
N TYR A 148 20.19 -15.60 -8.35
CA TYR A 148 21.24 -15.85 -7.31
C TYR A 148 21.63 -14.56 -6.62
N CYS A 149 21.85 -13.51 -7.42
CA CYS A 149 22.34 -12.24 -6.93
C CYS A 149 21.36 -11.53 -6.02
N ASN A 150 20.09 -11.64 -6.39
CA ASN A 150 18.99 -11.19 -5.60
C ASN A 150 18.89 -11.98 -4.30
N LEU A 151 19.05 -13.29 -4.36
CA LEU A 151 19.10 -14.11 -3.14
C LEU A 151 20.29 -13.70 -2.21
N ALA A 152 21.40 -13.33 -2.81
CA ALA A 152 22.56 -12.93 -2.07
C ALA A 152 22.25 -11.61 -1.33
N HIS A 153 21.55 -10.68 -2.00
CA HIS A 153 21.10 -9.47 -1.34
C HIS A 153 20.17 -9.72 -0.17
N CYS A 154 19.18 -10.58 -0.35
CA CYS A 154 18.24 -10.95 0.70
C CYS A 154 18.99 -11.54 1.83
N LEU A 155 20.02 -12.33 1.52
CA LEU A 155 20.82 -12.98 2.57
C LEU A 155 21.63 -11.92 3.27
N GLN A 156 22.20 -11.00 2.49
CA GLN A 156 22.92 -9.85 3.04
C GLN A 156 22.06 -9.05 4.00
N ILE A 157 20.78 -8.87 3.67
CA ILE A 157 19.85 -8.05 4.42
C ILE A 157 19.72 -8.60 5.82
N VAL A 158 19.56 -9.91 5.95
CA VAL A 158 19.23 -10.53 7.27
C VAL A 158 20.47 -11.05 8.00
N CYS A 159 21.63 -10.81 7.37
CA CYS A 159 22.99 -11.23 7.81
C CYS A 159 23.08 -12.74 7.98
N ASP A 160 22.59 -13.48 6.98
CA ASP A 160 22.69 -14.93 6.97
C ASP A 160 23.90 -15.14 6.11
N TRP A 161 24.96 -15.64 6.79
CA TRP A 161 26.30 -15.81 6.21
C TRP A 161 26.76 -17.27 5.98
N THR A 162 25.82 -18.21 6.08
CA THR A 162 26.00 -19.60 5.59
C THR A 162 26.59 -19.63 4.17
N ASP A 163 27.72 -20.33 4.03
CA ASP A 163 28.55 -20.46 2.82
C ASP A 163 28.90 -19.12 2.22
N TYR A 164 29.18 -18.16 3.11
CA TYR A 164 29.45 -16.79 2.76
C TYR A 164 30.52 -16.64 1.65
N ASP A 165 31.64 -17.34 1.84
CA ASP A 165 32.81 -17.22 0.96
C ASP A 165 32.52 -17.84 -0.39
N GLU A 166 31.79 -18.95 -0.36
CA GLU A 166 31.24 -19.59 -1.56
C GLU A 166 30.37 -18.61 -2.36
N ARG A 167 29.38 -18.04 -1.66
CA ARG A 167 28.52 -17.02 -2.20
C ARG A 167 29.35 -15.88 -2.81
N MET A 168 30.33 -15.36 -2.06
CA MET A 168 31.12 -14.20 -2.50
C MET A 168 31.89 -14.48 -3.78
N LYS A 169 32.57 -15.63 -3.80
CA LYS A 169 33.40 -15.96 -4.95
C LYS A 169 32.50 -16.20 -6.13
N LYS A 170 31.38 -16.91 -5.91
CA LYS A 170 30.36 -17.14 -6.95
C LYS A 170 29.74 -15.83 -7.56
N LEU A 171 29.57 -14.80 -6.72
CA LEU A 171 29.05 -13.52 -7.19
C LEU A 171 30.01 -12.82 -8.14
N VAL A 172 31.32 -12.94 -7.91
CA VAL A 172 32.29 -12.40 -8.87
C VAL A 172 32.27 -13.10 -10.25
N SER A 173 32.29 -14.44 -10.16
CA SER A 173 32.27 -15.36 -11.28
CA SER A 173 32.29 -15.32 -11.31
C SER A 173 31.10 -15.02 -12.21
N ILE A 174 29.92 -14.86 -11.59
CA ILE A 174 28.69 -14.48 -12.26
C ILE A 174 28.94 -13.18 -13.03
N VAL A 175 29.56 -12.16 -12.39
CA VAL A 175 29.75 -10.87 -13.08
C VAL A 175 30.87 -10.86 -14.12
N ALA A 176 32.02 -11.45 -13.77
CA ALA A 176 33.10 -11.74 -14.72
C ALA A 176 32.51 -12.34 -16.01
N ASP A 177 31.71 -13.40 -15.87
CA ASP A 177 31.04 -14.06 -16.98
C ASP A 177 30.07 -13.13 -17.80
N GLN A 178 29.19 -12.42 -17.09
CA GLN A 178 28.17 -11.55 -17.70
C GLN A 178 28.73 -10.32 -18.39
N LEU A 179 29.79 -9.74 -17.80
CA LEU A 179 30.42 -8.53 -18.33
C LEU A 179 31.11 -8.81 -19.66
N GLU A 180 31.70 -9.99 -19.72
CA GLU A 180 32.34 -10.60 -20.87
C GLU A 180 31.36 -10.85 -22.04
N LYS A 181 30.11 -11.22 -21.75
CA LYS A 181 29.00 -11.26 -22.75
C LYS A 181 28.02 -10.07 -22.63
N ASN A 182 28.54 -8.83 -22.66
CA ASN A 182 27.71 -7.61 -22.62
C ASN A 182 26.80 -7.47 -21.39
N LEU A 184 24.63 -7.32 -19.10
CA LEU A 184 23.92 -6.65 -18.00
C LEU A 184 24.08 -7.45 -16.70
N PRO A 185 24.88 -6.92 -15.75
CA PRO A 185 25.09 -7.60 -14.47
C PRO A 185 23.85 -7.86 -13.62
N SER A 186 23.79 -9.06 -13.06
CA SER A 186 22.80 -9.47 -12.08
C SER A 186 23.05 -8.84 -10.71
N VAL A 187 24.21 -8.16 -10.57
CA VAL A 187 24.48 -7.32 -9.40
C VAL A 187 24.16 -5.84 -9.72
N HIS A 188 23.22 -5.26 -8.95
CA HIS A 188 22.90 -3.82 -8.99
C HIS A 188 24.11 -2.96 -8.54
N PRO A 189 24.48 -1.90 -9.31
CA PRO A 189 25.63 -1.07 -8.88
C PRO A 189 25.55 -0.62 -7.44
N HIS A 190 24.35 -0.45 -6.90
CA HIS A 190 24.18 0.00 -5.52
C HIS A 190 24.56 -1.06 -4.47
N HIS A 191 24.70 -2.30 -4.94
CA HIS A 191 25.08 -3.39 -4.07
C HIS A 191 26.56 -3.71 -4.24
N SER A 192 27.15 -3.31 -5.39
CA SER A 192 28.56 -3.59 -5.77
C SER A 192 29.58 -3.33 -4.67
N MET A 193 29.46 -2.20 -3.99
CA MET A 193 30.15 -1.93 -2.73
C MET A 193 30.06 -3.02 -1.63
N LEU A 194 29.04 -3.90 -1.67
CA LEU A 194 28.83 -4.94 -0.60
C LEU A 194 29.52 -6.28 -0.79
N TYR A 195 30.09 -6.49 -1.98
CA TYR A 195 30.68 -7.78 -2.31
C TYR A 195 32.14 -7.58 -2.73
N PRO A 196 33.01 -8.59 -2.54
CA PRO A 196 34.42 -8.49 -2.98
C PRO A 196 34.75 -8.32 -4.49
N LEU A 197 33.97 -7.56 -5.25
CA LEU A 197 34.29 -7.24 -6.63
C LEU A 197 35.54 -6.39 -6.74
N SER A 198 36.18 -6.44 -7.91
CA SER A 198 37.31 -5.56 -8.18
C SER A 198 36.81 -4.16 -8.52
N HIS A 199 37.73 -3.19 -8.50
CA HIS A 199 37.40 -1.80 -8.86
C HIS A 199 37.09 -1.58 -10.34
N GLY A 200 37.76 -2.33 -11.22
CA GLY A 200 37.41 -2.31 -12.63
C GLY A 200 36.00 -2.84 -12.85
N PHE A 201 35.66 -3.91 -12.10
CA PHE A 201 34.32 -4.55 -12.14
C PHE A 201 33.19 -3.60 -11.67
N ARG A 202 33.48 -2.76 -10.68
CA ARG A 202 32.51 -1.79 -10.15
C ARG A 202 32.05 -0.79 -11.19
N LYS A 203 33.04 -0.07 -11.74
CA LYS A 203 32.79 0.82 -12.84
C LYS A 203 32.05 0.12 -13.98
N ALA A 204 32.34 -1.15 -14.25
CA ALA A 204 31.68 -1.78 -15.40
C ALA A 204 30.16 -2.04 -15.19
N ILE A 205 29.79 -2.60 -14.04
CA ILE A 205 28.36 -2.73 -13.64
C ILE A 205 27.65 -1.35 -13.67
N ALA A 206 28.36 -0.29 -13.28
CA ALA A 206 27.81 1.06 -13.36
C ALA A 206 27.68 1.58 -14.80
N GLU A 207 28.67 1.33 -15.65
CA GLU A 207 28.58 1.73 -17.06
C GLU A 207 27.45 0.99 -17.79
N ARG A 208 27.13 -0.23 -17.32
CA ARG A 208 26.07 -1.03 -17.96
C ARG A 208 24.68 -0.45 -17.75
N HIS A 209 24.28 -0.24 -16.49
CA HIS A 209 23.00 0.38 -16.10
C HIS A 209 22.88 1.83 -16.65
N GLY A 210 24.04 2.47 -16.80
CA GLY A 210 24.16 3.79 -17.42
C GLY A 210 23.88 3.74 -18.91
N ASN A 211 24.64 2.94 -19.65
CA ASN A 211 24.38 2.67 -21.08
C ASN A 211 22.91 2.28 -21.33
N LEU A 212 22.29 1.60 -20.36
CA LEU A 212 20.87 1.21 -20.45
C LEU A 212 19.90 2.40 -20.41
N CYS A 213 20.31 3.48 -19.73
CA CYS A 213 19.58 4.75 -19.77
C CYS A 213 19.72 5.42 -21.15
N LEU A 214 20.92 5.34 -21.73
CA LEU A 214 21.21 5.83 -23.09
C LEU A 214 20.35 5.13 -24.16
N ASP A 215 20.22 3.80 -24.09
CA ASP A 215 19.47 3.04 -25.10
C ASP A 215 17.96 3.25 -25.05
N LYS A 216 17.42 3.35 -23.84
CA LYS A 216 15.99 3.59 -23.64
C LYS A 216 15.62 4.98 -24.18
N ILE A 217 16.63 5.83 -24.39
CA ILE A 217 16.49 7.24 -24.87
C ILE A 217 16.71 7.51 -26.37
N ASN A 218 17.56 6.67 -26.96
CA ASN A 218 17.81 6.70 -28.38
C ASN A 218 16.57 6.29 -29.19
N VAL A 219 15.62 5.62 -28.52
CA VAL A 219 14.27 5.31 -29.03
C VAL A 219 13.56 6.57 -29.54
N LEU A 220 13.79 7.70 -28.85
CA LEU A 220 13.11 8.97 -29.12
C LEU A 220 13.75 9.84 -30.22
N HIS A 221 14.96 9.49 -30.66
CA HIS A 221 15.69 10.12 -31.79
C HIS A 221 15.91 11.64 -31.65
N LYS A 222 16.05 12.14 -30.42
CA LYS A 222 16.16 13.59 -30.22
C LYS A 222 17.55 14.15 -30.62
N PRO A 223 17.60 15.37 -31.22
CA PRO A 223 18.88 16.05 -31.52
C PRO A 223 19.73 16.30 -30.27
N PRO A 224 21.01 16.69 -30.41
CA PRO A 224 21.66 17.22 -29.19
C PRO A 224 21.05 18.57 -28.87
N TYR A 225 21.03 18.95 -27.59
CA TYR A 225 20.47 20.24 -27.20
C TYR A 225 21.54 21.29 -27.39
N GLU A 226 21.07 22.51 -27.65
CA GLU A 226 21.92 23.67 -27.86
C GLU A 226 22.19 24.39 -26.52
N HIS A 227 23.42 24.26 -25.98
CA HIS A 227 23.72 24.76 -24.60
C HIS A 227 24.14 26.23 -24.45
N PRO A 228 23.72 26.90 -23.31
CA PRO A 228 24.24 28.25 -23.01
C PRO A 228 25.78 28.34 -22.96
N LYS A 229 26.29 29.53 -23.26
CA LYS A 229 27.74 29.74 -23.42
C LYS A 229 28.34 30.86 -22.55
N ASP A 230 27.47 31.72 -22.02
CA ASP A 230 27.83 32.80 -21.09
C ASP A 230 26.70 32.86 -20.07
N LEU A 231 26.66 33.91 -19.27
CA LEU A 231 25.62 34.00 -18.27
C LEU A 231 24.63 35.12 -18.62
N LYS A 232 24.46 35.42 -19.90
CA LYS A 232 23.72 36.63 -20.28
C LYS A 232 22.18 36.57 -20.23
N LEU A 233 21.54 35.49 -20.72
CA LEU A 233 20.05 35.32 -20.57
C LEU A 233 19.60 35.35 -19.10
N SER A 234 20.48 34.88 -18.23
CA SER A 234 20.17 34.60 -16.82
C SER A 234 20.42 35.77 -15.86
N ASP A 235 20.72 36.94 -16.43
CA ASP A 235 21.09 38.19 -15.73
C ASP A 235 22.40 38.11 -14.91
N GLY A 236 23.30 37.20 -15.26
CA GLY A 236 24.61 37.06 -14.60
C GLY A 236 24.61 35.99 -13.54
N ARG A 237 23.47 35.29 -13.47
CA ARG A 237 23.24 34.21 -12.52
C ARG A 237 23.63 32.85 -13.14
N LEU A 238 24.26 32.00 -12.34
CA LEU A 238 24.41 30.59 -12.69
C LEU A 238 23.10 29.85 -12.43
N ARG A 239 22.64 29.07 -13.40
CA ARG A 239 21.36 28.41 -13.21
C ARG A 239 21.54 26.95 -12.83
N VAL A 240 21.26 26.64 -11.55
CA VAL A 240 21.44 25.26 -11.01
C VAL A 240 20.12 24.51 -10.86
N GLY A 241 20.07 23.27 -11.32
CA GLY A 241 18.91 22.40 -11.18
C GLY A 241 19.22 21.15 -10.36
N TYR A 242 18.58 21.03 -9.20
CA TYR A 242 18.82 19.88 -8.33
C TYR A 242 17.70 18.89 -8.61
N VAL A 243 18.05 17.72 -9.16
CA VAL A 243 17.04 16.74 -9.62
C VAL A 243 16.92 15.60 -8.63
N SER A 244 15.79 15.51 -7.95
CA SER A 244 15.66 14.40 -7.01
C SER A 244 14.23 13.76 -6.79
N SER A 245 14.21 12.47 -6.43
CA SER A 245 12.95 11.83 -6.07
C SER A 245 12.70 11.87 -4.57
N ASP A 246 13.72 12.43 -3.88
CA ASP A 246 13.81 12.45 -2.45
C ASP A 246 13.56 13.86 -1.86
N PHE A 247 12.72 14.66 -2.52
CA PHE A 247 12.15 15.88 -1.90
C PHE A 247 10.98 15.55 -0.98
N GLY A 248 11.27 14.89 0.12
CA GLY A 248 10.19 14.54 1.02
C GLY A 248 10.73 13.97 2.31
N ASN A 249 9.89 13.14 2.96
CA ASN A 249 10.33 12.50 4.18
C ASN A 249 11.36 11.48 3.76
N HIS A 250 12.59 11.92 3.65
CA HIS A 250 13.69 11.06 3.13
C HIS A 250 15.07 11.59 3.61
N PRO A 251 16.04 10.68 3.82
CA PRO A 251 17.34 11.18 4.29
C PRO A 251 18.01 12.25 3.40
N THR A 252 17.85 12.18 2.06
CA THR A 252 18.33 13.27 1.21
C THR A 252 17.89 14.65 1.83
N SER A 253 16.58 14.82 2.07
CA SER A 253 16.04 16.07 2.60
C SER A 253 16.53 16.27 4.01
N HIS A 254 16.59 15.20 4.81
CA HIS A 254 17.26 15.34 6.18
C HIS A 254 18.72 15.87 6.10
N LEU A 255 19.30 15.84 4.91
CA LEU A 255 20.66 16.25 4.65
C LEU A 255 20.78 17.68 4.09
N MET A 256 20.12 17.91 2.94
CA MET A 256 20.24 19.12 2.08
C MET A 256 18.98 20.05 1.94
N GLN A 257 17.97 19.92 2.84
CA GLN A 257 16.75 20.75 2.79
C GLN A 257 16.97 22.24 2.98
N SER A 258 18.00 22.63 3.75
CA SER A 258 18.34 24.02 3.92
C SER A 258 19.03 24.60 2.70
N ILE A 259 19.64 23.73 1.87
CA ILE A 259 20.60 24.24 0.89
C ILE A 259 20.06 25.19 -0.14
N PRO A 260 19.00 24.80 -0.85
CA PRO A 260 18.56 25.76 -1.87
C PRO A 260 18.33 27.16 -1.29
N GLY A 261 17.63 27.28 -0.15
CA GLY A 261 17.44 28.57 0.52
C GLY A 261 18.64 29.44 0.94
N MET A 262 19.84 28.85 1.01
CA MET A 262 21.09 29.54 1.36
C MET A 262 21.91 30.01 0.16
N HIS A 263 21.52 29.61 -1.05
CA HIS A 263 22.21 30.06 -2.25
C HIS A 263 22.09 31.58 -2.40
N ASN A 264 23.08 32.17 -3.06
CA ASN A 264 23.17 33.60 -3.25
C ASN A 264 22.35 34.01 -4.48
N PRO A 265 21.19 34.68 -4.26
CA PRO A 265 20.36 35.10 -5.42
C PRO A 265 21.14 35.94 -6.48
N ASP A 266 22.15 36.71 -6.05
CA ASP A 266 22.87 37.60 -6.95
C ASP A 266 23.64 36.87 -8.04
N LYS A 267 24.12 35.68 -7.70
CA LYS A 267 25.06 34.94 -8.53
C LYS A 267 24.48 33.59 -9.01
N PHE A 268 23.35 33.17 -8.37
CA PHE A 268 22.74 31.85 -8.58
C PHE A 268 21.21 31.86 -8.70
N GLU A 269 20.70 31.01 -9.58
CA GLU A 269 19.28 30.85 -9.77
C GLU A 269 18.97 29.37 -9.61
N VAL A 270 18.14 29.03 -8.62
CA VAL A 270 18.02 27.66 -8.16
C VAL A 270 16.70 26.98 -8.53
N PHE A 271 16.83 25.89 -9.29
CA PHE A 271 15.70 25.12 -9.82
C PHE A 271 15.65 23.74 -9.12
N CYS A 272 14.59 23.43 -8.38
CA CYS A 272 14.52 22.06 -7.81
C CYS A 272 13.48 21.21 -8.59
N TYR A 273 13.99 20.16 -9.28
CA TYR A 273 13.21 19.18 -10.08
C TYR A 273 12.81 17.88 -9.32
N ALA A 274 11.60 17.82 -8.75
CA ALA A 274 11.11 16.65 -8.05
C ALA A 274 10.77 15.53 -9.03
N LEU A 275 11.02 14.29 -8.64
CA LEU A 275 10.62 13.13 -9.43
C LEU A 275 9.63 12.33 -8.56
N SER A 276 9.11 12.95 -7.51
CA SER A 276 8.17 12.28 -6.59
C SER A 276 6.98 13.19 -6.48
N PRO A 277 5.76 12.63 -6.37
CA PRO A 277 4.62 13.46 -5.98
C PRO A 277 4.86 14.03 -4.60
N ASP A 278 4.24 15.18 -4.33
CA ASP A 278 4.29 15.83 -3.02
C ASP A 278 3.65 14.91 -1.96
N ASP A 279 4.40 14.55 -0.94
CA ASP A 279 3.97 13.54 0.00
C ASP A 279 3.31 14.16 1.27
N GLY A 280 3.33 15.48 1.31
CA GLY A 280 2.61 16.22 2.28
C GLY A 280 3.49 16.66 3.43
N THR A 281 4.77 16.29 3.40
CA THR A 281 5.66 16.59 4.50
C THR A 281 6.19 18.00 4.41
N ASN A 282 6.72 18.41 5.56
CA ASN A 282 7.26 19.72 5.72
C ASN A 282 8.47 19.83 4.93
N PHE A 283 9.15 18.72 4.69
CA PHE A 283 10.44 18.73 3.94
C PHE A 283 10.21 19.27 2.55
N ARG A 284 9.23 18.67 1.88
CA ARG A 284 8.67 19.15 0.61
C ARG A 284 8.21 20.63 0.67
N VAL A 285 7.30 20.99 1.59
CA VAL A 285 6.95 22.40 1.82
C VAL A 285 8.23 23.33 1.79
N LYS A 286 9.32 22.91 2.46
CA LYS A 286 10.38 23.88 2.76
C LYS A 286 11.12 24.18 1.48
N VAL A 287 11.32 23.13 0.69
CA VAL A 287 12.16 23.19 -0.50
C VAL A 287 11.32 23.93 -1.52
N MET A 288 10.02 23.74 -1.45
CA MET A 288 9.08 24.35 -2.36
C MET A 288 9.05 25.84 -2.16
N ALA A 289 9.06 26.24 -0.90
CA ALA A 289 9.15 27.68 -0.51
C ALA A 289 10.52 28.36 -0.76
N GLU A 290 11.62 27.62 -0.88
CA GLU A 290 12.93 28.31 -0.84
C GLU A 290 13.76 28.24 -2.12
N ALA A 291 13.59 27.18 -2.87
CA ALA A 291 14.11 27.20 -4.19
C ALA A 291 13.41 28.38 -4.92
N ASN A 292 14.10 28.95 -5.90
CA ASN A 292 13.58 30.05 -6.66
C ASN A 292 12.50 29.55 -7.57
N HIS A 293 12.64 28.28 -7.95
CA HIS A 293 11.74 27.60 -8.88
C HIS A 293 11.65 26.14 -8.42
N PHE A 294 10.44 25.68 -8.12
CA PHE A 294 10.21 24.29 -7.83
C PHE A 294 9.37 23.60 -8.91
N ILE A 295 9.94 22.56 -9.53
CA ILE A 295 9.32 21.99 -10.73
C ILE A 295 9.05 20.54 -10.51
N ASP A 296 7.76 20.20 -10.55
CA ASP A 296 7.31 18.86 -10.16
C ASP A 296 7.23 17.92 -11.36
N LEU A 297 8.35 17.26 -11.64
CA LEU A 297 8.48 16.44 -12.81
C LEU A 297 7.72 15.14 -12.68
N SER A 298 7.17 14.81 -11.51
CA SER A 298 6.40 13.56 -11.38
C SER A 298 5.15 13.68 -12.22
N GLN A 299 4.80 14.93 -12.57
CA GLN A 299 3.62 15.27 -13.38
C GLN A 299 3.87 15.10 -14.85
N ILE A 300 5.14 15.11 -15.23
CA ILE A 300 5.56 14.94 -16.59
C ILE A 300 6.29 13.59 -16.71
N PRO A 301 5.53 12.46 -16.83
CA PRO A 301 6.15 11.11 -16.87
C PRO A 301 7.03 10.87 -18.10
N CYS A 302 6.80 11.55 -19.22
CA CYS A 302 7.66 11.40 -20.38
C CYS A 302 9.04 12.06 -20.19
N ASN A 303 10.08 11.26 -20.33
CA ASN A 303 11.48 11.72 -20.28
C ASN A 303 11.90 12.69 -21.38
N GLY A 304 11.36 12.51 -22.58
CA GLY A 304 11.56 13.47 -23.66
C GLY A 304 11.07 14.86 -23.30
N LYS A 305 9.77 14.94 -22.95
CA LYS A 305 9.07 16.16 -22.59
C LYS A 305 9.66 16.79 -21.34
N ALA A 306 10.09 15.95 -20.39
CA ALA A 306 10.68 16.42 -19.14
C ALA A 306 12.06 17.03 -19.32
N ALA A 307 12.84 16.51 -20.27
CA ALA A 307 14.21 16.97 -20.50
C ALA A 307 14.25 18.23 -21.32
N ASP A 308 13.30 18.33 -22.25
CA ASP A 308 13.04 19.56 -23.02
C ASP A 308 12.79 20.72 -22.05
N ARG A 309 11.93 20.48 -21.05
CA ARG A 309 11.65 21.46 -20.00
C ARG A 309 12.89 21.93 -19.25
N ILE A 310 13.64 21.01 -18.66
CA ILE A 310 14.91 21.36 -18.03
C ILE A 310 15.77 22.26 -18.92
N HIS A 311 15.89 21.94 -20.22
CA HIS A 311 16.70 22.74 -21.15
C HIS A 311 16.23 24.17 -21.29
N GLN A 312 14.93 24.37 -21.43
CA GLN A 312 14.41 25.71 -21.66
C GLN A 312 14.41 26.60 -20.41
N ASP A 313 14.53 26.00 -19.23
CA ASP A 313 14.81 26.75 -18.00
C ASP A 313 16.22 27.37 -18.04
N GLY A 314 17.01 26.92 -19.01
CA GLY A 314 18.31 27.52 -19.29
C GLY A 314 19.38 27.06 -18.32
N ILE A 315 19.19 25.86 -17.77
CA ILE A 315 20.05 25.30 -16.71
C ILE A 315 21.50 25.19 -17.17
N HIS A 316 22.41 25.72 -16.34
CA HIS A 316 23.84 25.55 -16.59
C HIS A 316 24.42 24.32 -15.88
N ILE A 317 23.99 24.05 -14.65
CA ILE A 317 24.44 22.81 -13.97
C ILE A 317 23.19 22.06 -13.50
N LEU A 318 23.09 20.79 -13.92
CA LEU A 318 22.02 19.87 -13.53
C LEU A 318 22.66 18.79 -12.68
N VAL A 319 22.09 18.62 -11.49
CA VAL A 319 22.75 17.86 -10.44
C VAL A 319 21.99 16.55 -10.30
N ASN A 320 22.73 15.45 -10.25
CA ASN A 320 22.12 14.15 -10.10
C ASN A 320 22.13 13.75 -8.67
N MET A 321 20.97 13.68 -8.03
CA MET A 321 20.93 13.43 -6.62
C MET A 321 20.46 12.03 -6.31
N ASN A 322 20.09 11.26 -7.34
CA ASN A 322 19.66 9.88 -7.15
C ASN A 322 20.74 8.82 -7.43
N GLY A 323 21.50 8.99 -8.52
CA GLY A 323 22.26 7.89 -9.09
C GLY A 323 21.34 6.70 -9.31
N TYR A 324 21.78 5.50 -8.96
CA TYR A 324 20.98 4.30 -9.19
C TYR A 324 20.26 3.97 -7.88
N THR A 325 19.34 4.85 -7.50
CA THR A 325 18.57 4.67 -6.28
C THR A 325 17.09 4.70 -6.60
N LYS A 326 16.27 4.26 -5.64
CA LYS A 326 14.80 4.25 -5.83
C LYS A 326 14.34 5.64 -6.25
N GLY A 327 13.72 5.68 -7.43
CA GLY A 327 13.08 6.86 -7.99
C GLY A 327 13.84 7.53 -9.11
N ALA A 328 15.08 7.09 -9.35
CA ALA A 328 15.96 7.64 -10.43
C ALA A 328 15.21 7.76 -11.74
N ARG A 329 15.50 8.80 -12.50
CA ARG A 329 14.95 8.94 -13.83
C ARG A 329 16.09 9.42 -14.71
N ASN A 330 17.19 8.67 -14.66
CA ASN A 330 18.47 9.07 -15.25
C ASN A 330 18.45 9.28 -16.76
N GLU A 331 17.44 8.70 -17.41
CA GLU A 331 17.05 9.08 -18.76
C GLU A 331 17.11 10.61 -18.93
N LEU A 332 16.73 11.34 -17.88
CA LEU A 332 16.82 12.79 -17.85
C LEU A 332 18.23 13.23 -18.13
N PHE A 333 19.20 12.63 -17.44
CA PHE A 333 20.63 13.01 -17.62
C PHE A 333 21.28 12.43 -18.87
N ALA A 334 20.70 11.34 -19.38
CA ALA A 334 21.17 10.66 -20.59
C ALA A 334 21.06 11.56 -21.82
N LEU A 335 19.86 12.13 -22.06
CA LEU A 335 19.68 13.34 -22.87
C LEU A 335 20.52 14.33 -22.12
N ARG A 336 21.39 15.08 -22.77
CA ARG A 336 22.20 16.05 -22.03
C ARG A 336 21.46 17.41 -22.16
N PRO A 337 20.58 17.76 -21.16
CA PRO A 337 19.91 19.05 -21.26
C PRO A 337 20.73 20.20 -20.69
N ALA A 338 21.82 19.89 -19.97
CA ALA A 338 22.66 20.92 -19.38
C ALA A 338 24.12 20.66 -19.73
N PRO A 339 24.94 21.74 -19.87
CA PRO A 339 26.35 21.59 -20.28
C PRO A 339 27.23 20.94 -19.26
N ILE A 340 26.94 21.19 -17.99
CA ILE A 340 27.64 20.53 -16.89
C ILE A 340 26.68 19.72 -16.02
N GLN A 341 27.10 18.51 -15.72
CA GLN A 341 26.27 17.56 -15.06
C GLN A 341 27.11 16.82 -14.01
N ALA A 342 26.71 16.93 -12.74
CA ALA A 342 27.51 16.48 -11.57
C ALA A 342 26.73 15.57 -10.63
N MET A 343 27.38 14.50 -10.17
CA MET A 343 26.77 13.55 -9.24
C MET A 343 26.97 14.18 -7.89
N TRP A 344 25.89 14.43 -7.14
CA TRP A 344 26.02 15.03 -5.81
C TRP A 344 25.23 14.36 -4.72
N LEU A 345 25.96 13.76 -3.80
CA LEU A 345 25.46 13.42 -2.46
C LEU A 345 24.50 12.24 -2.19
N GLY A 346 23.66 11.85 -3.15
CA GLY A 346 22.64 10.84 -2.89
C GLY A 346 23.01 9.40 -3.21
N TYR A 347 23.89 9.28 -4.22
CA TYR A 347 24.42 8.01 -4.63
C TYR A 347 25.93 7.91 -4.35
N PRO A 348 26.35 7.07 -3.37
CA PRO A 348 27.77 7.00 -3.00
C PRO A 348 28.58 6.02 -3.88
N GLY A 349 28.61 6.27 -5.19
CA GLY A 349 29.39 5.44 -6.12
C GLY A 349 29.52 6.21 -7.41
N THR A 350 30.21 5.64 -8.40
CA THR A 350 30.36 6.32 -9.70
C THR A 350 29.22 5.86 -10.53
N SER A 351 28.79 6.71 -11.47
CA SER A 351 27.67 6.34 -12.33
C SER A 351 28.12 5.54 -13.51
N GLY A 352 29.43 5.52 -13.78
CA GLY A 352 29.99 4.87 -14.98
C GLY A 352 29.55 5.47 -16.32
N ALA A 353 28.75 6.53 -16.25
CA ALA A 353 28.10 7.12 -17.39
C ALA A 353 28.94 8.26 -17.92
N LEU A 354 29.05 8.32 -19.25
CA LEU A 354 29.79 9.39 -19.88
C LEU A 354 28.96 10.68 -19.93
N PHE A 355 27.66 10.58 -19.60
CA PHE A 355 26.81 11.78 -19.49
C PHE A 355 26.96 12.53 -18.15
N MET A 356 27.62 11.90 -17.18
CA MET A 356 27.94 12.56 -15.93
C MET A 356 29.38 13.03 -15.96
N ASP A 357 29.55 14.33 -15.84
CA ASP A 357 30.86 15.01 -15.95
C ASP A 357 31.74 15.04 -14.68
N TYR A 358 31.19 15.45 -13.54
CA TYR A 358 31.95 15.45 -12.28
C TYR A 358 31.24 14.64 -11.20
N ILE A 359 31.99 14.08 -10.25
CA ILE A 359 31.36 13.65 -9.01
C ILE A 359 31.86 14.58 -7.91
N ILE A 360 30.94 15.31 -7.28
CA ILE A 360 31.27 16.16 -6.14
C ILE A 360 31.52 15.26 -4.93
N THR A 361 32.74 15.34 -4.41
CA THR A 361 33.25 14.46 -3.37
C THR A 361 34.36 15.30 -2.81
N ASP A 362 35.31 14.70 -2.10
CA ASP A 362 36.34 15.41 -1.41
C ASP A 362 37.61 14.56 -1.35
N GLN A 363 38.72 15.25 -1.02
CA GLN A 363 40.07 14.71 -0.93
C GLN A 363 40.19 13.45 -0.12
N GLU A 364 39.43 13.36 0.97
CA GLU A 364 39.43 12.22 1.87
C GLU A 364 38.59 11.01 1.41
N THR A 365 37.45 11.27 0.77
CA THR A 365 36.59 10.20 0.21
C THR A 365 37.10 9.64 -1.13
N SER A 366 37.44 10.54 -2.05
CA SER A 366 37.97 10.10 -3.30
C SER A 366 39.33 10.76 -3.53
N PRO A 367 40.44 10.20 -2.94
CA PRO A 367 41.78 10.76 -3.18
C PRO A 367 42.17 10.65 -4.66
N ALA A 368 42.83 11.68 -5.20
CA ALA A 368 43.10 11.79 -6.67
C ALA A 368 43.93 10.63 -7.20
N GLU A 369 44.85 10.15 -6.34
CA GLU A 369 45.61 8.89 -6.49
C GLU A 369 44.74 7.74 -6.99
N VAL A 370 43.52 7.66 -6.46
CA VAL A 370 42.66 6.52 -6.63
C VAL A 370 41.40 6.96 -7.41
N ALA A 371 41.63 7.72 -8.51
CA ALA A 371 40.54 8.31 -9.32
C ALA A 371 40.14 7.49 -10.53
N GLU A 372 40.43 6.20 -10.47
CA GLU A 372 40.32 5.31 -11.63
C GLU A 372 38.98 4.63 -11.64
N GLN A 373 38.33 4.59 -10.47
CA GLN A 373 37.01 4.01 -10.28
C GLN A 373 36.03 4.92 -10.92
N TYR A 374 36.38 6.19 -10.95
CA TYR A 374 35.42 7.18 -11.30
C TYR A 374 35.45 7.40 -12.80
N SER A 375 34.29 7.15 -13.43
CA SER A 375 34.07 7.52 -14.81
C SER A 375 34.03 9.03 -14.94
N GLU A 376 33.45 9.66 -13.91
CA GLU A 376 33.40 11.13 -13.76
C GLU A 376 34.77 11.68 -13.36
N LYS A 377 35.08 12.91 -13.75
CA LYS A 377 36.15 13.67 -13.10
C LYS A 377 35.81 13.96 -11.60
N LEU A 378 36.86 14.11 -10.82
CA LEU A 378 36.72 14.48 -9.42
C LEU A 378 36.58 15.98 -9.29
N ALA A 379 35.50 16.41 -8.64
CA ALA A 379 35.39 17.80 -8.16
C ALA A 379 35.41 17.77 -6.64
N TYR A 380 36.34 18.53 -6.04
CA TYR A 380 36.51 18.54 -4.59
C TYR A 380 35.78 19.66 -3.85
N MET A 381 35.03 19.28 -2.80
CA MET A 381 34.71 20.19 -1.68
C MET A 381 35.93 20.30 -0.76
N PRO A 382 36.12 21.47 -0.13
CA PRO A 382 37.28 21.72 0.76
C PRO A 382 37.43 20.80 1.99
N HIS A 383 36.33 20.31 2.56
CA HIS A 383 36.39 19.55 3.80
C HIS A 383 35.70 18.19 3.60
N THR A 384 34.37 18.09 3.69
CA THR A 384 33.64 16.90 3.20
C THR A 384 32.69 17.35 2.14
N PHE A 385 32.45 16.48 1.15
CA PHE A 385 31.25 16.58 0.34
C PHE A 385 29.96 16.41 1.19
N PHE A 386 30.05 15.77 2.36
CA PHE A 386 28.90 15.45 3.19
C PHE A 386 28.45 16.66 3.98
N ILE A 387 27.13 16.75 4.11
CA ILE A 387 26.40 17.82 4.77
C ILE A 387 25.14 17.29 5.47
N GLY A 388 24.58 18.09 6.37
CA GLY A 388 23.52 17.58 7.25
C GLY A 388 22.78 18.72 7.91
N ASP A 389 21.45 18.60 7.93
CA ASP A 389 20.57 19.69 8.34
C ASP A 389 20.19 19.54 9.77
N HIS A 390 21.11 18.99 10.58
CA HIS A 390 20.85 18.63 11.98
C HIS A 390 20.67 19.86 12.89
N ALA A 391 21.42 20.90 12.60
CA ALA A 391 21.40 22.17 13.38
C ALA A 391 20.02 22.79 13.29
N ASN A 392 19.54 22.89 12.05
CA ASN A 392 18.19 23.35 11.75
C ASN A 392 17.08 22.34 12.25
N MET A 393 17.18 21.06 11.85
CA MET A 393 16.34 19.97 12.34
C MET A 393 16.23 19.71 13.87
N PHE A 394 17.40 19.52 14.53
CA PHE A 394 17.48 19.07 15.94
C PHE A 394 18.28 20.04 16.84
N PRO A 395 17.87 21.32 16.92
CA PRO A 395 18.66 22.21 17.77
C PRO A 395 18.46 21.94 19.27
N HIS A 396 17.34 21.29 19.69
CA HIS A 396 17.15 20.91 21.10
C HIS A 396 18.24 20.00 21.73
N LEU A 397 19.27 19.64 20.94
CA LEU A 397 20.32 18.67 21.29
C LEU A 397 21.67 19.36 21.31
N LYS A 398 21.68 20.66 20.99
CA LYS A 398 22.92 21.46 21.16
C LYS A 398 23.36 21.51 22.59
N LYS A 399 22.42 21.38 23.51
CA LYS A 399 22.64 21.49 24.94
C LYS A 399 21.91 20.39 25.68
N LYS A 400 22.51 19.95 26.78
CA LYS A 400 21.96 18.86 27.51
C LYS A 400 22.11 18.95 29.02
N ALA A 401 21.16 18.38 29.76
CA ALA A 401 21.27 18.26 31.23
C ALA A 401 21.30 16.78 31.60
N VAL A 402 21.99 16.43 32.70
CA VAL A 402 21.95 15.05 33.26
C VAL A 402 21.29 14.97 34.65
N ILE A 403 20.96 13.78 35.13
CA ILE A 403 20.61 13.56 36.57
C ILE A 403 21.68 12.71 37.35
N ASP A 404 21.80 12.87 38.68
CA ASP A 404 22.79 12.10 39.48
C ASP A 404 22.33 10.80 40.19
N PHE A 405 23.30 10.06 40.77
CA PHE A 405 23.18 8.78 41.56
C PHE A 405 21.85 8.05 41.46
N ILE A 411 29.75 11.11 38.28
CA ILE A 411 28.81 11.81 37.36
C ILE A 411 28.92 11.30 35.91
N TYR A 412 27.88 10.66 35.39
CA TYR A 412 27.84 10.24 33.97
C TYR A 412 27.06 11.21 33.09
N ASP A 413 27.58 11.46 31.89
CA ASP A 413 26.93 12.34 30.95
C ASP A 413 25.85 11.67 30.12
N ASN A 414 25.73 10.34 30.22
CA ASN A 414 24.84 9.61 29.34
C ASN A 414 23.99 8.53 29.98
N ARG A 415 23.58 8.70 31.23
CA ARG A 415 22.72 7.67 31.83
C ARG A 415 21.27 8.10 31.86
N ILE A 416 21.04 9.30 32.37
CA ILE A 416 19.78 10.00 32.29
C ILE A 416 20.12 11.37 31.67
N VAL A 417 19.52 11.65 30.52
CA VAL A 417 19.72 12.91 29.78
C VAL A 417 18.44 13.77 29.66
N LEU A 418 18.54 15.09 29.76
CA LEU A 418 17.45 16.02 29.33
C LEU A 418 17.80 16.98 28.17
N ASN A 419 16.82 17.24 27.31
CA ASN A 419 17.01 18.08 26.16
C ASN A 419 15.78 18.93 25.99
N GLY A 420 16.00 20.21 25.74
CA GLY A 420 14.88 21.13 25.55
C GLY A 420 15.29 22.52 25.13
N ILE A 421 14.48 23.09 24.20
CA ILE A 421 14.64 24.49 23.72
C ILE A 421 14.59 25.42 24.92
N ASP A 422 13.74 25.07 25.89
CA ASP A 422 13.58 25.80 27.15
C ASP A 422 14.22 25.13 28.39
N LEU A 423 15.32 24.40 28.18
CA LEU A 423 15.99 23.71 29.28
C LEU A 423 16.56 24.69 30.26
N LYS A 424 17.22 25.74 29.77
CA LYS A 424 17.90 26.73 30.60
C LYS A 424 16.92 27.24 31.64
N ALA A 425 15.73 27.62 31.17
CA ALA A 425 14.70 28.17 32.03
C ALA A 425 14.21 27.10 32.97
N PHE A 426 14.13 25.86 32.50
CA PHE A 426 13.68 24.78 33.35
C PHE A 426 14.67 24.58 34.47
N LEU A 427 15.94 24.48 34.11
CA LEU A 427 17.03 24.36 35.08
C LEU A 427 16.93 25.48 36.09
N ASP A 428 16.77 26.71 35.60
CA ASP A 428 16.79 27.90 36.44
C ASP A 428 15.64 27.99 37.43
N SER A 429 14.66 27.12 37.25
CA SER A 429 13.47 27.06 38.09
C SER A 429 13.73 26.14 39.25
N LEU A 430 14.87 25.44 39.18
CA LEU A 430 15.27 24.42 40.17
C LEU A 430 16.10 25.00 41.29
N PRO A 431 16.03 24.37 42.50
CA PRO A 431 16.73 24.91 43.66
C PRO A 431 18.26 24.75 43.58
N ASP A 432 18.75 23.56 43.21
CA ASP A 432 20.20 23.30 43.22
C ASP A 432 20.54 22.74 41.88
N VAL A 433 21.53 23.34 41.21
CA VAL A 433 21.99 22.84 39.93
C VAL A 433 23.49 23.02 39.85
N LYS A 434 24.21 21.93 39.56
CA LYS A 434 25.65 21.97 39.50
C LYS A 434 26.17 21.89 38.07
N ILE A 435 26.97 22.89 37.71
CA ILE A 435 27.47 23.07 36.34
C ILE A 435 28.81 22.36 36.22
N VAL A 436 29.10 21.77 35.04
CA VAL A 436 30.35 20.99 34.79
C VAL A 436 30.94 21.30 33.39
N ASN A 455 30.51 22.96 29.41
CA ASN A 455 29.40 23.36 30.25
C ASN A 455 28.21 22.34 30.33
N MET A 456 28.21 21.49 31.36
CA MET A 456 27.11 20.52 31.56
C MET A 456 26.36 20.56 32.90
N PRO A 457 25.15 21.15 32.89
CA PRO A 457 24.31 21.12 34.10
C PRO A 457 24.03 19.70 34.61
N VAL A 458 24.00 19.53 35.92
CA VAL A 458 23.74 18.25 36.59
C VAL A 458 22.65 18.48 37.67
N ILE A 459 21.59 17.72 37.61
CA ILE A 459 20.55 17.81 38.61
C ILE A 459 20.84 16.72 39.61
N PRO A 460 21.02 17.08 40.90
CA PRO A 460 21.15 16.10 42.00
C PRO A 460 19.86 15.31 42.30
N MET A 461 19.99 14.29 43.14
CA MET A 461 18.88 13.42 43.49
C MET A 461 17.93 14.00 44.55
N ASN A 462 16.77 14.49 44.12
CA ASN A 462 15.75 15.03 45.02
C ASN A 462 14.38 14.70 44.45
N THR A 463 13.29 15.17 45.08
CA THR A 463 11.88 14.92 44.66
C THR A 463 11.63 15.28 43.20
N ILE A 464 12.34 16.32 42.76
CA ILE A 464 12.38 16.78 41.39
C ILE A 464 13.01 15.72 40.48
N ALA A 465 14.23 15.28 40.81
CA ALA A 465 14.90 14.20 40.05
C ALA A 465 14.19 12.85 40.12
N GLU A 466 13.43 12.66 41.21
CA GLU A 466 12.73 11.41 41.52
C GLU A 466 11.51 11.29 40.66
N ALA A 467 10.78 12.40 40.51
CA ALA A 467 9.52 12.42 39.75
C ALA A 467 9.73 12.05 38.27
N VAL A 468 10.85 12.52 37.71
CA VAL A 468 11.28 12.12 36.37
C VAL A 468 11.50 10.62 36.28
N ILE A 469 12.38 10.07 37.11
CA ILE A 469 12.62 8.62 37.16
C ILE A 469 11.34 7.78 37.37
N GLU A 470 10.45 8.24 38.24
CA GLU A 470 9.13 7.67 38.48
C GLU A 470 8.31 7.55 37.18
N MET A 471 8.38 8.61 36.35
CA MET A 471 7.75 8.60 35.03
C MET A 471 8.36 7.55 34.08
N ILE A 472 9.69 7.47 34.04
CA ILE A 472 10.36 6.52 33.14
C ILE A 472 10.07 5.09 33.57
N ASN A 473 10.14 4.82 34.88
CA ASN A 473 9.82 3.49 35.43
C ASN A 473 8.41 3.09 35.12
N ARG A 474 7.49 4.01 35.39
CA ARG A 474 6.09 3.72 35.18
C ARG A 474 5.65 3.73 33.71
N GLY A 475 6.56 4.02 32.78
CA GLY A 475 6.24 4.18 31.36
C GLY A 475 5.14 5.18 31.01
N GLN A 476 4.86 6.16 31.88
CA GLN A 476 3.85 7.18 31.61
C GLN A 476 4.42 8.30 30.67
N ILE A 477 3.51 9.08 30.07
CA ILE A 477 3.78 9.81 28.81
C ILE A 477 4.54 11.11 29.02
N GLN A 478 4.17 11.89 30.02
CA GLN A 478 4.85 13.17 30.36
C GLN A 478 4.50 13.63 31.81
N ILE A 479 5.24 14.59 32.36
CA ILE A 479 4.90 15.26 33.65
C ILE A 479 5.13 16.77 33.60
N THR A 480 4.76 17.44 34.69
CA THR A 480 4.94 18.86 34.90
C THR A 480 5.75 19.09 36.17
N ILE A 481 6.86 19.81 36.02
CA ILE A 481 7.67 20.27 37.12
C ILE A 481 7.86 21.76 36.90
N ASN A 482 7.44 22.54 37.89
CA ASN A 482 7.55 24.01 37.91
C ASN A 482 6.87 24.62 36.70
N GLY A 483 5.75 24.00 36.33
CA GLY A 483 5.07 24.39 35.13
C GLY A 483 5.67 23.97 33.79
N PHE A 484 6.91 23.45 33.75
CA PHE A 484 7.54 23.02 32.49
C PHE A 484 7.12 21.65 32.00
N SER A 485 7.11 21.48 30.67
CA SER A 485 6.58 20.25 30.12
C SER A 485 7.72 19.27 29.98
N ILE A 486 7.59 18.15 30.69
CA ILE A 486 8.64 17.13 30.70
C ILE A 486 8.05 15.90 30.11
N SER A 487 8.75 15.38 29.08
CA SER A 487 8.31 14.26 28.26
C SER A 487 9.25 13.07 28.36
N ASN A 488 8.67 11.87 28.16
CA ASN A 488 9.31 10.58 27.88
C ASN A 488 9.83 10.50 26.43
N GLY A 489 11.09 10.16 26.21
CA GLY A 489 11.69 9.97 24.90
C GLY A 489 10.94 8.99 24.02
N LEU A 490 10.22 8.04 24.64
CA LEU A 490 9.54 6.96 23.91
C LEU A 490 8.09 7.29 23.50
N ALA A 491 7.63 8.50 23.83
CA ALA A 491 6.22 8.81 23.74
C ALA A 491 5.98 9.92 22.75
N THR A 492 6.98 10.19 21.90
CA THR A 492 6.97 11.41 21.11
C THR A 492 5.88 11.45 20.05
N THR A 493 5.64 10.37 19.29
CA THR A 493 4.50 10.34 18.33
C THR A 493 3.12 10.58 18.95
N GLN A 494 2.92 10.14 20.19
CA GLN A 494 1.74 10.59 20.98
C GLN A 494 1.78 12.07 21.50
N ILE A 495 2.96 12.69 21.60
CA ILE A 495 2.96 14.11 21.94
C ILE A 495 2.83 15.05 20.72
N ASN A 496 3.62 14.77 19.68
CA ASN A 496 3.71 15.57 18.48
C ASN A 496 4.35 14.71 17.39
N ASN A 497 3.53 14.22 16.46
CA ASN A 497 3.99 13.38 15.35
C ASN A 497 4.97 14.14 14.39
N LYS A 498 4.81 15.45 14.25
CA LYS A 498 5.75 16.19 13.36
C LYS A 498 7.09 16.46 14.06
N ALA A 499 7.08 16.47 15.39
CA ALA A 499 8.35 16.54 16.10
C ALA A 499 9.08 15.20 16.02
N ALA A 500 8.32 14.08 15.97
CA ALA A 500 8.91 12.77 15.90
C ALA A 500 9.69 12.56 14.59
N THR A 501 9.17 12.96 13.46
CA THR A 501 9.80 12.75 12.19
C THR A 501 10.97 13.71 11.93
N GLY A 502 11.07 14.76 12.74
CA GLY A 502 12.04 15.84 12.47
C GLY A 502 11.44 17.04 11.72
N GLU A 503 10.16 16.96 11.31
CA GLU A 503 9.47 18.03 10.55
C GLU A 503 9.25 19.29 11.36
N GLU A 504 9.39 19.19 12.67
CA GLU A 504 9.12 20.26 13.63
C GLU A 504 10.15 20.05 14.73
N VAL A 505 10.71 21.13 15.26
CA VAL A 505 11.48 21.10 16.46
C VAL A 505 10.48 20.87 17.63
N PRO A 506 10.74 19.90 18.54
CA PRO A 506 9.77 19.63 19.61
C PRO A 506 9.64 20.80 20.59
N ARG A 507 8.49 20.91 21.26
CA ARG A 507 8.24 22.08 22.07
C ARG A 507 8.18 21.86 23.58
N THR A 508 8.60 20.69 24.06
CA THR A 508 8.56 20.35 25.50
C THR A 508 9.94 19.87 25.76
N ILE A 509 10.23 19.45 26.99
CA ILE A 509 11.60 18.97 27.35
C ILE A 509 11.60 17.45 27.39
N ILE A 510 12.67 16.86 26.83
CA ILE A 510 12.73 15.43 26.61
C ILE A 510 13.78 14.74 27.47
N VAL A 511 13.33 13.80 28.29
CA VAL A 511 14.23 13.00 29.09
C VAL A 511 14.44 11.64 28.42
N THR A 512 15.70 11.21 28.40
CA THR A 512 16.20 10.04 27.61
C THR A 512 17.07 9.25 28.60
N THR A 513 16.89 7.94 28.68
CA THR A 513 17.63 7.18 29.66
C THR A 513 18.21 5.91 29.07
N ARG A 514 19.28 5.38 29.69
CA ARG A 514 19.67 3.96 29.45
C ARG A 514 18.59 2.89 29.76
N SER A 515 17.83 3.09 30.83
CA SER A 515 16.82 2.13 31.22
C SER A 515 15.76 1.90 30.14
N GLN A 516 15.47 2.95 29.34
CA GLN A 516 14.47 2.89 28.27
C GLN A 516 14.81 1.88 27.21
N TYR A 517 16.08 1.70 26.92
CA TYR A 517 16.51 0.77 25.85
C TYR A 517 17.12 -0.51 26.41
N GLY A 518 17.10 -0.61 27.75
CA GLY A 518 17.58 -1.79 28.47
C GLY A 518 19.07 -1.83 28.62
N LEU A 519 19.71 -0.65 28.63
CA LEU A 519 21.17 -0.67 28.70
C LEU A 519 21.63 -0.60 30.14
N PRO A 520 22.87 -1.12 30.43
CA PRO A 520 23.50 -1.12 31.77
C PRO A 520 23.82 0.27 32.30
N GLU A 521 23.49 0.53 33.56
CA GLU A 521 23.86 1.80 34.16
C GLU A 521 25.34 1.91 34.46
N ASP A 522 26.06 0.78 34.36
CA ASP A 522 27.41 0.64 34.95
C ASP A 522 28.44 0.02 34.01
N ALA A 523 28.21 0.16 32.72
CA ALA A 523 29.09 -0.46 31.74
C ALA A 523 29.14 0.43 30.54
N ILE A 524 30.16 0.22 29.72
CA ILE A 524 30.37 0.98 28.52
C ILE A 524 29.51 0.46 27.39
N VAL A 525 29.03 1.36 26.53
CA VAL A 525 28.03 1.03 25.46
C VAL A 525 28.62 1.42 24.10
N TYR A 526 28.90 0.42 23.29
CA TYR A 526 29.29 0.63 21.94
C TYR A 526 28.00 0.53 21.12
N CYS A 527 27.77 1.48 20.22
CA CYS A 527 26.57 1.45 19.33
C CYS A 527 27.05 1.28 17.90
N ASN A 528 26.17 0.68 17.09
CA ASN A 528 26.11 0.93 15.66
C ASN A 528 24.64 0.87 15.29
N PHE A 529 24.25 1.79 14.42
CA PHE A 529 22.84 2.15 14.24
C PHE A 529 22.32 1.98 12.79
N ASN A 530 23.17 1.42 11.92
CA ASN A 530 22.84 1.21 10.54
C ASN A 530 22.02 -0.05 10.38
N GLN A 531 21.48 -0.16 9.18
CA GLN A 531 20.76 -1.31 8.75
C GLN A 531 21.77 -2.47 8.76
N LEU A 532 21.27 -3.66 9.14
CA LEU A 532 22.10 -4.82 9.44
C LEU A 532 22.87 -5.31 8.25
N TYR A 533 22.42 -4.99 7.05
CA TYR A 533 23.07 -5.45 5.82
C TYR A 533 24.43 -4.84 5.64
N LYS A 534 24.79 -3.85 6.47
CA LYS A 534 26.13 -3.22 6.34
C LYS A 534 27.27 -4.01 6.99
N ILE A 535 26.94 -4.76 8.05
CA ILE A 535 27.80 -5.73 8.76
C ILE A 535 28.13 -6.93 7.81
N ASP A 536 29.36 -7.44 7.91
CA ASP A 536 29.79 -8.70 7.24
C ASP A 536 30.47 -9.54 8.33
N PRO A 537 30.85 -10.80 8.02
CA PRO A 537 31.65 -11.60 8.99
C PRO A 537 32.84 -10.85 9.62
N SER A 538 33.76 -10.33 8.79
CA SER A 538 34.96 -9.67 9.29
CA SER A 538 34.96 -9.61 9.25
C SER A 538 34.60 -8.66 10.39
N THR A 539 33.69 -7.74 10.06
CA THR A 539 33.15 -6.74 10.96
C THR A 539 32.60 -7.36 12.25
N LEU A 540 31.71 -8.35 12.14
CA LEU A 540 31.12 -8.88 13.38
C LEU A 540 32.21 -9.54 14.23
N GLN A 541 33.26 -10.04 13.56
CA GLN A 541 34.42 -10.63 14.25
C GLN A 541 35.12 -9.50 14.98
N MET A 542 35.48 -8.45 14.22
CA MET A 542 36.13 -7.27 14.77
CA MET A 542 36.11 -7.24 14.76
C MET A 542 35.42 -6.78 16.03
N TRP A 543 34.11 -6.56 15.98
CA TRP A 543 33.45 -6.07 17.19
C TRP A 543 33.45 -7.06 18.30
N ALA A 544 33.61 -8.35 17.98
CA ALA A 544 33.49 -9.33 19.05
C ALA A 544 34.79 -9.33 19.82
N ASN A 545 35.91 -9.36 19.09
CA ASN A 545 37.24 -9.06 19.61
C ASN A 545 37.23 -7.92 20.62
N ILE A 546 36.77 -6.76 20.14
CA ILE A 546 36.56 -5.55 20.94
C ILE A 546 35.81 -5.87 22.23
N LEU A 547 34.75 -6.64 22.09
CA LEU A 547 33.85 -6.86 23.20
C LEU A 547 34.39 -7.78 24.25
N LYS A 548 35.31 -8.68 23.89
CA LYS A 548 35.95 -9.61 24.86
C LYS A 548 37.06 -8.94 25.65
N ARG A 549 37.79 -8.03 25.00
CA ARG A 549 38.76 -7.17 25.65
C ARG A 549 38.19 -6.20 26.68
N VAL A 550 36.87 -5.95 26.66
CA VAL A 550 36.27 -4.94 27.52
C VAL A 550 35.10 -5.54 28.31
N PRO A 551 35.38 -6.30 29.38
CA PRO A 551 34.33 -6.99 30.18
C PRO A 551 33.08 -6.21 30.59
N ASN A 552 33.22 -4.95 30.96
CA ASN A 552 32.02 -4.13 31.19
C ASN A 552 31.70 -3.39 29.91
N SER A 553 30.88 -4.04 29.07
CA SER A 553 30.43 -3.48 27.82
C SER A 553 29.33 -4.30 27.22
N VAL A 554 28.55 -3.64 26.36
CA VAL A 554 27.48 -4.21 25.52
C VAL A 554 27.58 -3.51 24.15
N LEU A 555 27.19 -4.18 23.08
CA LEU A 555 27.07 -3.53 21.76
C LEU A 555 25.57 -3.33 21.51
N TRP A 556 25.21 -2.12 21.09
CA TRP A 556 23.80 -1.77 21.02
C TRP A 556 23.47 -1.66 19.54
N LEU A 557 22.49 -2.49 19.16
CA LEU A 557 22.18 -2.83 17.79
C LEU A 557 20.69 -2.62 17.41
N LEU A 558 20.42 -2.38 16.14
CA LEU A 558 19.01 -2.22 15.72
C LEU A 558 18.32 -3.42 14.90
N ARG A 559 17.04 -3.65 15.16
CA ARG A 559 16.22 -4.57 14.38
C ARG A 559 15.84 -4.00 13.01
N PHE A 560 16.72 -4.20 12.06
CA PHE A 560 16.73 -3.42 10.86
C PHE A 560 17.18 -4.33 9.74
N PRO A 561 16.54 -5.47 9.55
CA PRO A 561 15.15 -5.73 9.99
C PRO A 561 15.14 -6.70 11.14
N ALA A 562 14.05 -6.77 11.90
CA ALA A 562 14.02 -7.59 13.15
C ALA A 562 14.52 -9.03 12.97
N VAL A 563 14.28 -9.58 11.79
CA VAL A 563 14.47 -11.01 11.49
C VAL A 563 15.96 -11.33 11.35
N GLY A 564 16.81 -10.28 11.41
CA GLY A 564 18.25 -10.44 11.31
C GLY A 564 18.89 -10.64 12.65
N GLU A 565 18.13 -10.42 13.73
CA GLU A 565 18.65 -10.44 15.12
C GLU A 565 19.20 -11.81 15.55
N PRO A 566 18.40 -12.91 15.34
CA PRO A 566 18.96 -14.21 15.74
C PRO A 566 20.23 -14.62 14.98
N ASN A 567 20.32 -14.33 13.67
CA ASN A 567 21.58 -14.57 12.89
C ASN A 567 22.82 -13.96 13.55
N ILE A 568 22.73 -12.66 13.77
CA ILE A 568 23.76 -11.88 14.44
C ILE A 568 24.00 -12.49 15.80
N GLN A 569 22.95 -12.76 16.57
CA GLN A 569 23.11 -13.37 17.90
C GLN A 569 23.90 -14.70 17.88
N GLN A 570 23.56 -15.54 16.89
CA GLN A 570 24.22 -16.82 16.72
C GLN A 570 25.66 -16.69 16.30
N TYR A 571 25.98 -15.96 15.21
CA TYR A 571 27.40 -15.84 14.75
C TYR A 571 28.31 -15.24 15.81
N ALA A 572 27.72 -14.39 16.65
CA ALA A 572 28.38 -13.77 17.75
C ALA A 572 28.81 -14.82 18.77
N GLN A 573 27.83 -15.60 19.27
CA GLN A 573 28.10 -16.73 20.17
C GLN A 573 29.19 -17.65 19.62
N ASN A 574 29.11 -17.98 18.34
CA ASN A 574 30.17 -18.75 17.68
C ASN A 574 31.58 -18.28 18.02
N MET A 575 31.77 -17.04 18.48
CA MET A 575 33.09 -16.62 18.97
C MET A 575 33.05 -15.89 20.32
N GLY A 576 31.86 -15.38 20.68
CA GLY A 576 31.67 -14.28 21.65
C GLY A 576 31.19 -14.72 23.01
N LEU A 577 30.25 -13.97 23.57
CA LEU A 577 29.78 -14.26 24.92
C LEU A 577 28.28 -14.37 24.94
N PRO A 578 27.65 -14.57 26.13
CA PRO A 578 26.21 -14.85 26.18
C PRO A 578 25.30 -13.75 25.62
N GLN A 579 24.00 -14.08 25.52
CA GLN A 579 22.99 -13.16 25.01
C GLN A 579 22.67 -12.13 26.08
N ASN A 580 23.66 -11.30 26.36
CA ASN A 580 23.54 -10.18 27.26
C ASN A 580 24.56 -9.15 26.82
N ARG A 581 25.43 -9.54 25.88
CA ARG A 581 26.42 -8.64 25.32
C ARG A 581 25.87 -7.78 24.19
N ILE A 582 25.01 -8.36 23.36
CA ILE A 582 24.41 -7.58 22.31
C ILE A 582 22.99 -7.14 22.68
N ILE A 583 22.76 -5.83 22.78
CA ILE A 583 21.38 -5.38 23.01
C ILE A 583 20.74 -4.89 21.73
N PHE A 584 19.58 -5.45 21.41
CA PHE A 584 18.76 -4.97 20.29
C PHE A 584 17.68 -4.04 20.75
N SER A 585 17.64 -2.91 20.07
CA SER A 585 16.51 -2.01 20.14
C SER A 585 15.82 -1.93 18.75
N PRO A 586 14.50 -1.64 18.77
CA PRO A 586 13.74 -1.23 17.61
C PRO A 586 14.30 -0.04 16.81
N VAL A 587 13.98 -0.06 15.50
CA VAL A 587 14.08 1.18 14.69
C VAL A 587 13.17 2.23 15.34
N ALA A 588 13.69 3.47 15.41
CA ALA A 588 13.05 4.66 16.00
C ALA A 588 12.55 5.77 14.97
N PRO A 589 11.44 6.48 15.35
CA PRO A 589 11.17 7.79 14.80
C PRO A 589 12.52 8.55 14.57
N LYS A 590 12.71 9.19 13.41
CA LYS A 590 13.94 10.01 13.17
C LYS A 590 14.49 10.77 14.42
N GLU A 591 13.64 11.49 15.15
CA GLU A 591 14.12 12.40 16.20
C GLU A 591 14.63 11.59 17.38
N GLU A 592 13.84 10.62 17.87
CA GLU A 592 14.23 9.70 18.99
C GLU A 592 15.54 9.02 18.62
N HIS A 593 15.57 8.52 17.39
CA HIS A 593 16.78 7.94 16.80
C HIS A 593 18.07 8.79 17.00
N VAL A 594 18.10 10.06 16.53
CA VAL A 594 19.24 10.96 16.85
C VAL A 594 19.36 11.23 18.34
N ARG A 595 18.31 11.77 18.98
CA ARG A 595 18.31 11.99 20.41
C ARG A 595 18.92 10.85 21.35
N ARG A 596 18.44 9.61 21.22
CA ARG A 596 18.88 8.48 22.05
C ARG A 596 20.35 8.10 21.83
N GLY A 597 20.90 8.39 20.63
CA GLY A 597 22.37 8.25 20.34
C GLY A 597 23.29 8.81 21.44
N GLN A 598 22.80 9.84 22.11
CA GLN A 598 23.50 10.44 23.24
C GLN A 598 23.73 9.44 24.38
N LEU A 599 23.04 8.26 24.40
CA LEU A 599 23.13 7.35 25.56
C LEU A 599 24.38 6.45 25.55
N ALA A 600 24.98 6.39 24.37
CA ALA A 600 26.11 5.58 24.00
C ALA A 600 27.44 6.19 24.47
N ASP A 601 28.54 5.43 24.42
CA ASP A 601 29.87 5.95 24.73
C ASP A 601 30.66 6.14 23.46
N VAL A 602 30.61 5.16 22.57
CA VAL A 602 31.35 5.16 21.32
C VAL A 602 30.50 4.47 20.22
N CYS A 603 30.65 4.95 18.98
CA CYS A 603 30.02 4.29 17.84
C CYS A 603 31.08 3.56 17.08
N LEU A 604 30.82 2.28 16.80
CA LEU A 604 31.67 1.43 15.92
C LEU A 604 31.08 1.39 14.53
N ASP A 605 31.76 2.00 13.57
CA ASP A 605 31.27 2.07 12.21
C ASP A 605 31.61 0.84 11.40
N THR A 606 30.65 0.43 10.55
CA THR A 606 30.75 -0.72 9.67
C THR A 606 31.69 -0.41 8.48
N PRO A 607 32.86 -1.11 8.40
CA PRO A 607 33.82 -0.83 7.30
C PRO A 607 33.31 -1.08 5.88
N LEU A 608 32.52 -2.13 5.68
CA LEU A 608 32.02 -2.49 4.34
C LEU A 608 31.17 -1.38 3.60
N CYS A 609 30.20 -0.80 4.32
CA CYS A 609 29.59 0.46 3.95
C CYS A 609 29.30 1.17 5.25
N ASN A 610 29.90 2.35 5.42
CA ASN A 610 29.71 3.17 6.65
C ASN A 610 28.32 3.84 6.80
N GLY A 611 28.05 4.39 7.99
CA GLY A 611 26.98 5.34 8.18
C GLY A 611 27.25 6.54 7.28
N HIS A 612 26.24 6.96 6.52
CA HIS A 612 26.41 8.20 5.79
C HIS A 612 25.49 9.14 6.54
N THR A 613 24.19 9.09 6.28
CA THR A 613 23.22 9.84 7.07
C THR A 613 23.42 9.40 8.48
N THR A 614 23.67 8.11 8.70
CA THR A 614 23.77 7.56 10.08
C THR A 614 24.97 8.08 10.81
N GLY A 615 26.00 8.43 10.04
CA GLY A 615 27.28 8.95 10.57
C GLY A 615 27.09 10.33 11.18
N MET A 616 26.59 11.23 10.33
CA MET A 616 26.04 12.50 10.75
C MET A 616 25.09 12.43 11.94
N ASP A 617 24.25 11.40 11.97
CA ASP A 617 23.21 11.34 12.98
C ASP A 617 23.86 11.10 14.27
N VAL A 618 24.94 10.32 14.24
CA VAL A 618 25.57 9.84 15.49
C VAL A 618 26.44 10.96 16.11
N LEU A 619 27.24 11.64 15.27
CA LEU A 619 28.12 12.76 15.61
C LEU A 619 27.34 13.95 16.16
N TRP A 620 26.20 14.28 15.52
CA TRP A 620 25.30 15.30 16.03
C TRP A 620 24.94 15.08 17.53
N ALA A 621 24.74 13.83 17.99
CA ALA A 621 24.59 13.50 19.48
C ALA A 621 25.86 13.61 20.38
N GLY A 622 27.01 13.77 19.76
CA GLY A 622 28.30 13.98 20.51
C GLY A 622 29.05 12.70 20.85
N THR A 623 28.50 11.61 20.33
CA THR A 623 29.05 10.29 20.33
C THR A 623 30.19 10.21 19.26
N PRO A 624 31.44 9.93 19.72
CA PRO A 624 32.57 9.60 18.79
C PRO A 624 32.31 8.32 17.95
N MET A 625 32.96 8.26 16.80
CA MET A 625 32.75 7.19 15.92
C MET A 625 34.10 6.64 15.56
N VAL A 626 34.26 5.33 15.67
CA VAL A 626 35.51 4.68 15.22
C VAL A 626 35.22 4.11 13.86
N THR A 627 36.16 4.36 12.95
CA THR A 627 36.00 3.95 11.57
C THR A 627 37.32 3.52 10.94
N MET A 628 37.24 2.72 9.87
CA MET A 628 38.42 2.23 9.15
C MET A 628 38.12 2.39 7.65
N PRO A 629 38.54 3.52 7.05
CA PRO A 629 38.25 3.77 5.60
C PRO A 629 38.75 2.64 4.70
N GLY A 630 37.87 2.13 3.82
CA GLY A 630 38.19 1.12 2.77
C GLY A 630 38.63 1.78 1.46
N GLU A 631 38.27 1.16 0.34
CA GLU A 631 38.63 1.73 -0.98
C GLU A 631 37.48 2.24 -1.84
N THR A 632 36.26 1.80 -1.53
CA THR A 632 35.10 2.36 -2.23
C THR A 632 34.66 3.61 -1.54
N LEU A 633 34.09 4.53 -2.32
CA LEU A 633 33.53 5.77 -1.79
C LEU A 633 32.58 5.48 -0.64
N ALA A 634 31.79 4.43 -0.74
CA ALA A 634 30.80 4.10 0.30
C ALA A 634 31.43 3.72 1.61
N SER A 635 32.69 3.33 1.58
CA SER A 635 33.42 2.84 2.78
C SER A 635 34.43 3.85 3.32
N ARG A 636 34.46 5.03 2.73
CA ARG A 636 35.39 6.10 3.05
C ARG A 636 34.69 7.26 3.78
N VAL A 637 33.35 7.31 3.74
CA VAL A 637 32.54 8.53 4.03
C VAL A 637 32.66 8.89 5.48
N ALA A 638 32.53 7.89 6.36
CA ALA A 638 32.66 8.12 7.84
C ALA A 638 33.99 8.78 8.22
N ALA A 639 35.06 8.44 7.50
CA ALA A 639 36.38 8.96 7.77
C ALA A 639 36.54 10.40 7.31
N SER A 640 35.96 10.72 6.16
CA SER A 640 35.89 12.11 5.67
C SER A 640 35.10 13.07 6.62
N GLN A 641 33.92 12.64 7.03
CA GLN A 641 33.15 13.37 8.05
C GLN A 641 33.98 13.66 9.30
N LEU A 642 34.75 12.67 9.73
CA LEU A 642 35.58 12.74 10.93
C LEU A 642 36.79 13.62 10.72
N THR A 643 37.38 13.58 9.52
CA THR A 643 38.41 14.55 9.18
C THR A 643 37.95 15.99 9.32
N CYS A 644 36.77 16.32 8.75
CA CYS A 644 36.15 17.64 8.91
C CYS A 644 35.95 18.01 10.37
N LEU A 645 35.45 17.07 11.17
CA LEU A 645 35.28 17.30 12.60
C LEU A 645 36.58 17.57 13.33
N GLY A 646 37.71 17.16 12.75
CA GLY A 646 39.05 17.29 13.38
C GLY A 646 39.46 16.18 14.34
N CYS A 647 38.97 14.96 14.09
CA CYS A 647 39.29 13.81 14.94
C CYS A 647 40.02 12.73 14.21
N LEU A 648 41.21 13.00 13.71
CA LEU A 648 41.92 12.00 12.92
C LEU A 648 42.37 10.76 13.77
N GLU A 649 42.56 10.97 15.09
CA GLU A 649 42.86 9.85 16.01
C GLU A 649 41.73 8.80 16.15
N LEU A 650 40.58 8.98 15.47
CA LEU A 650 39.46 8.01 15.37
C LEU A 650 39.39 7.17 14.05
N ILE A 651 40.26 7.50 13.10
CA ILE A 651 40.43 6.82 11.84
C ILE A 651 41.50 5.71 11.98
N ALA A 652 41.05 4.45 11.86
CA ALA A 652 41.92 3.25 11.81
C ALA A 652 42.54 2.98 10.42
N LYS A 653 43.80 2.53 10.38
CA LYS A 653 44.50 2.16 9.13
C LYS A 653 44.26 0.71 8.71
N ASN A 654 43.90 -0.13 9.69
CA ASN A 654 43.72 -1.59 9.54
C ASN A 654 42.74 -2.11 10.61
N ARG A 655 42.45 -3.41 10.58
CA ARG A 655 41.57 -4.03 11.60
C ARG A 655 42.15 -3.85 13.01
N GLN A 656 43.47 -4.08 13.16
CA GLN A 656 44.15 -4.03 14.47
C GLN A 656 43.98 -2.67 15.11
N GLU A 657 44.32 -1.61 14.38
CA GLU A 657 44.09 -0.23 14.86
C GLU A 657 42.67 0.02 15.36
N TYR A 658 41.68 -0.37 14.54
CA TYR A 658 40.25 -0.30 14.86
C TYR A 658 39.91 -0.94 16.23
N GLU A 659 40.32 -2.19 16.44
CA GLU A 659 40.19 -2.83 17.77
C GLU A 659 40.93 -2.03 18.88
N ASP A 660 42.14 -1.54 18.58
CA ASP A 660 42.88 -0.79 19.62
C ASP A 660 42.20 0.55 19.97
N ILE A 661 41.71 1.24 18.93
CA ILE A 661 41.00 2.52 19.07
C ILE A 661 39.75 2.38 19.99
N ALA A 662 38.97 1.37 19.67
CA ALA A 662 37.72 1.09 20.32
C ALA A 662 37.94 0.59 21.75
N VAL A 663 39.08 -0.09 21.99
CA VAL A 663 39.37 -0.65 23.32
C VAL A 663 39.83 0.48 24.22
N LYS A 664 40.75 1.28 23.70
CA LYS A 664 41.20 2.45 24.44
C LYS A 664 40.02 3.33 24.85
N LEU A 665 39.07 3.59 23.93
CA LEU A 665 37.92 4.41 24.26
C LEU A 665 36.98 3.81 25.31
N GLY A 666 36.95 2.48 25.38
CA GLY A 666 36.18 1.77 26.39
C GLY A 666 36.86 1.52 27.75
N THR A 667 38.18 1.69 27.81
CA THR A 667 38.95 1.47 29.08
C THR A 667 39.66 2.71 29.65
N ASP A 668 40.48 3.40 28.85
CA ASP A 668 40.90 4.77 29.17
C ASP A 668 39.66 5.71 29.30
N LEU A 669 39.25 6.06 30.52
CA LEU A 669 38.01 6.87 30.79
C LEU A 669 38.23 8.38 31.00
N GLU A 670 39.49 8.83 30.99
CA GLU A 670 39.74 10.26 30.84
C GLU A 670 39.93 10.54 29.37
N TYR A 671 40.39 9.54 28.60
CA TYR A 671 40.60 9.75 27.18
C TYR A 671 39.22 9.74 26.58
N LEU A 672 38.29 8.99 27.23
CA LEU A 672 36.90 8.94 26.78
C LEU A 672 36.28 10.33 26.94
N LYS A 673 36.47 10.94 28.11
CA LYS A 673 35.94 12.25 28.41
C LYS A 673 36.46 13.29 27.43
N LYS A 674 37.74 13.15 27.08
CA LYS A 674 38.38 14.06 26.13
C LYS A 674 37.73 13.97 24.73
N VAL A 675 37.62 12.78 24.14
CA VAL A 675 37.15 12.71 22.77
C VAL A 675 35.62 12.98 22.61
N ARG A 676 34.86 12.57 23.64
CA ARG A 676 33.46 12.95 23.78
C ARG A 676 33.32 14.45 23.88
N GLY A 677 34.18 15.11 24.68
CA GLY A 677 34.23 16.55 24.74
C GLY A 677 34.47 17.14 23.37
N LYS A 678 35.45 16.55 22.68
CA LYS A 678 35.99 17.11 21.46
C LYS A 678 34.89 17.12 20.45
N VAL A 679 34.16 16.00 20.38
CA VAL A 679 33.03 15.89 19.48
C VAL A 679 31.88 16.86 19.86
N TRP A 680 31.37 16.75 21.08
CA TRP A 680 30.27 17.59 21.59
C TRP A 680 30.48 19.05 21.29
N LYS A 681 31.72 19.51 21.40
CA LYS A 681 32.09 20.87 21.00
C LYS A 681 32.24 21.06 19.47
N GLN A 682 33.06 20.25 18.81
CA GLN A 682 33.37 20.59 17.43
C GLN A 682 32.23 20.37 16.41
N ARG A 683 31.15 19.73 16.82
CA ARG A 683 30.03 19.61 15.90
C ARG A 683 29.39 21.01 15.69
N ILE A 684 29.49 21.91 16.68
CA ILE A 684 29.09 23.32 16.52
C ILE A 684 30.15 24.16 15.77
N SER A 685 31.40 24.01 16.15
CA SER A 685 32.45 24.93 15.68
C SER A 685 33.26 24.59 14.38
N SER A 686 33.19 23.36 13.90
CA SER A 686 33.81 22.93 12.65
C SER A 686 32.75 23.05 11.54
N PRO A 687 33.16 22.86 10.28
CA PRO A 687 32.20 23.15 9.21
C PRO A 687 31.25 21.99 8.77
N LEU A 688 31.19 20.93 9.61
CA LEU A 688 30.46 19.71 9.28
C LEU A 688 28.94 19.92 9.16
N PHE A 689 28.28 20.37 10.24
CA PHE A 689 26.82 20.66 10.29
C PHE A 689 26.49 22.11 9.99
N ASN A 690 27.44 22.83 9.35
CA ASN A 690 27.33 24.25 8.93
C ASN A 690 26.83 24.40 7.49
N THR A 691 25.52 24.42 7.34
CA THR A 691 24.94 24.44 5.99
C THR A 691 25.28 25.70 5.19
N LYS A 692 25.40 26.85 5.89
CA LYS A 692 25.67 28.12 5.21
C LYS A 692 27.09 28.18 4.59
N GLN A 693 28.09 27.81 5.40
CA GLN A 693 29.44 27.60 4.87
C GLN A 693 29.52 26.53 3.73
N TYR A 694 28.96 25.34 3.96
CA TYR A 694 28.92 24.34 2.90
C TYR A 694 28.34 24.88 1.57
N THR A 695 27.18 25.55 1.67
CA THR A 695 26.53 26.14 0.52
C THR A 695 27.46 27.05 -0.30
N MET A 696 28.25 27.86 0.42
CA MET A 696 29.08 28.87 -0.16
C MET A 696 30.23 28.25 -0.93
N GLU A 697 30.92 27.30 -0.29
CA GLU A 697 32.00 26.64 -1.00
C GLU A 697 31.42 25.74 -2.07
N LEU A 698 30.22 25.23 -1.89
CA LEU A 698 29.54 24.54 -2.98
C LEU A 698 29.26 25.45 -4.24
N GLU A 699 28.78 26.67 -3.97
CA GLU A 699 28.71 27.75 -4.96
C GLU A 699 30.08 28.08 -5.63
N ARG A 700 31.14 28.16 -4.83
CA ARG A 700 32.50 28.41 -5.36
C ARG A 700 32.93 27.32 -6.37
N LEU A 701 32.69 26.05 -6.03
CA LEU A 701 33.02 24.94 -6.93
C LEU A 701 32.17 24.89 -8.21
N TYR A 702 30.90 25.28 -8.11
CA TYR A 702 30.04 25.50 -9.29
C TYR A 702 30.64 26.52 -10.29
N LEU A 703 31.10 27.68 -9.78
CA LEU A 703 31.66 28.74 -10.62
C LEU A 703 32.96 28.27 -11.28
N GLN A 704 33.87 27.74 -10.44
CA GLN A 704 35.14 27.11 -10.87
C GLN A 704 34.92 26.07 -11.97
N MET A 705 33.87 25.24 -11.82
CA MET A 705 33.36 24.29 -12.82
C MET A 705 32.85 24.95 -14.11
N TRP A 706 32.08 26.02 -13.94
CA TRP A 706 31.55 26.76 -15.08
C TRP A 706 32.65 27.46 -15.87
N GLU A 707 33.52 28.18 -15.15
CA GLU A 707 34.55 29.02 -15.78
C GLU A 707 35.51 28.19 -16.63
N HIS A 708 35.83 26.97 -16.16
CA HIS A 708 36.53 25.96 -16.96
C HIS A 708 35.81 25.66 -18.28
N TYR A 709 34.52 25.34 -18.22
CA TYR A 709 33.72 25.12 -19.43
C TYR A 709 33.54 26.40 -20.25
N ALA A 710 33.36 27.54 -19.57
CA ALA A 710 33.27 28.83 -20.25
C ALA A 710 34.52 29.13 -21.12
N ALA A 711 35.70 28.69 -20.69
CA ALA A 711 36.93 28.73 -21.52
C ALA A 711 36.93 27.73 -22.71
N GLY A 712 35.76 27.14 -23.00
CA GLY A 712 35.62 26.12 -24.05
C GLY A 712 36.27 24.76 -23.77
N ASN A 713 36.55 24.44 -22.50
CA ASN A 713 37.14 23.13 -22.11
C ASN A 713 36.13 21.99 -21.83
N LYS A 714 36.61 20.77 -22.05
CA LYS A 714 36.02 19.55 -21.51
C LYS A 714 36.33 19.54 -20.01
N PRO A 715 35.41 18.97 -19.20
CA PRO A 715 35.63 18.67 -17.79
C PRO A 715 37.03 18.09 -17.46
N ASP A 716 37.66 18.68 -16.45
CA ASP A 716 38.88 18.12 -15.89
C ASP A 716 38.87 18.31 -14.36
N HIS A 717 39.69 17.55 -13.64
CA HIS A 717 39.77 17.56 -12.16
C HIS A 717 39.83 18.95 -11.50
N MET A 718 39.03 19.14 -10.45
CA MET A 718 38.95 20.41 -9.70
C MET A 718 39.41 20.15 -8.28
N ILE A 719 40.42 20.89 -7.82
CA ILE A 719 41.15 20.60 -6.56
C ILE A 719 41.18 21.82 -5.59
N TYR B 1 10.12 2.39 10.71
CA TYR B 1 10.00 1.98 12.15
C TYR B 1 8.66 1.35 12.40
N PRO B 2 8.55 0.57 13.49
CA PRO B 2 7.26 0.06 13.92
C PRO B 2 6.22 1.08 14.23
N GLY B 3 5.37 1.40 13.25
CA GLY B 3 4.27 2.33 13.44
C GLY B 3 4.19 3.36 12.35
N GLY B 4 5.20 3.43 11.51
CA GLY B 4 5.34 4.49 10.57
C GLY B 4 6.32 4.01 9.55
N SER B 5 6.89 4.94 8.83
CA SER B 5 7.74 4.62 7.70
C SER B 5 9.15 5.14 8.02
N THR B 6 10.18 4.35 7.74
CA THR B 6 11.54 4.86 7.85
C THR B 6 12.20 4.78 6.48
N PRO B 7 12.25 5.89 5.72
CA PRO B 7 12.81 5.74 4.39
C PRO B 7 14.31 5.67 4.44
N VAL B 8 14.88 5.05 3.40
CA VAL B 8 16.30 4.73 3.37
C VAL B 8 16.84 4.72 1.96
N SER B 9 18.17 4.65 1.87
CA SER B 9 18.90 4.64 0.59
C SER B 9 18.63 3.29 -0.05
N SER B 10 18.36 3.26 -1.34
CA SER B 10 18.12 1.95 -1.95
C SER B 10 18.07 1.88 -3.47
N ALA B 11 18.36 0.66 -3.96
CA ALA B 11 18.39 0.33 -5.37
C ALA B 11 17.13 0.56 -6.21
N ASN B 12 17.31 1.01 -7.47
CA ASN B 12 16.21 1.04 -8.42
C ASN B 12 16.30 -0.10 -9.40
N GLU C 26 -12.41 -2.03 30.18
CA GLU C 26 -12.20 -0.80 31.05
C GLU C 26 -11.44 -1.00 32.37
N GLU C 27 -11.86 -2.00 33.16
CA GLU C 27 -11.28 -2.20 34.49
C GLU C 27 -9.98 -3.00 34.40
N ALA C 28 -9.85 -3.74 33.29
CA ALA C 28 -8.57 -4.38 32.87
C ALA C 28 -7.43 -3.34 32.88
N VAL C 29 -7.60 -2.25 32.13
CA VAL C 29 -6.69 -1.09 32.16
C VAL C 29 -6.26 -0.70 33.60
N ARG C 30 -7.26 -0.56 34.48
CA ARG C 30 -7.03 -0.11 35.87
C ARG C 30 -6.19 -1.14 36.60
N LEU C 31 -6.59 -2.41 36.46
CA LEU C 31 -5.85 -3.55 37.01
C LEU C 31 -4.37 -3.45 36.58
N TYR C 32 -4.11 -3.65 35.28
CA TYR C 32 -2.77 -3.65 34.65
C TYR C 32 -1.84 -2.51 35.04
N ARG C 33 -2.41 -1.32 35.19
CA ARG C 33 -1.60 -0.18 35.58
C ARG C 33 -1.19 -0.27 37.05
N LYS C 34 -2.06 -0.88 37.87
CA LYS C 34 -1.72 -1.28 39.26
C LYS C 34 -0.67 -2.42 39.29
N ALA C 35 -0.91 -3.49 38.51
CA ALA C 35 0.09 -4.55 38.27
C ALA C 35 1.47 -3.95 37.92
N LEU C 36 1.47 -2.84 37.19
CA LEU C 36 2.68 -2.13 36.84
C LEU C 36 3.09 -1.12 37.90
N GLU C 37 2.13 -0.71 38.73
CA GLU C 37 2.39 0.07 39.93
C GLU C 37 3.13 -0.83 40.94
N VAL C 38 2.53 -2.00 41.24
CA VAL C 38 3.12 -3.00 42.14
C VAL C 38 4.54 -3.33 41.68
N PHE C 39 4.65 -3.84 40.45
CA PHE C 39 5.88 -4.33 39.83
C PHE C 39 6.19 -3.48 38.58
N PRO C 40 7.34 -2.75 38.53
CA PRO C 40 7.61 -1.97 37.30
C PRO C 40 7.90 -2.85 36.06
N GLU C 41 8.54 -4.00 36.26
CA GLU C 41 9.22 -4.79 35.22
C GLU C 41 8.52 -6.04 34.65
N PHE C 42 7.19 -6.04 34.61
CA PHE C 42 6.37 -7.24 34.33
C PHE C 42 5.99 -7.37 32.84
N ALA C 43 6.87 -7.98 32.05
CA ALA C 43 6.66 -8.17 30.60
C ALA C 43 5.27 -8.57 30.18
N ALA C 44 4.65 -9.50 30.90
CA ALA C 44 3.35 -10.04 30.51
C ALA C 44 2.23 -9.01 30.69
N ALA C 45 2.33 -8.25 31.77
CA ALA C 45 1.30 -7.27 32.07
C ALA C 45 1.44 -6.00 31.20
N HIS C 46 2.67 -5.72 30.72
CA HIS C 46 2.86 -4.69 29.68
C HIS C 46 2.14 -5.17 28.44
N SER C 47 2.40 -6.40 28.04
CA SER C 47 1.82 -6.95 26.85
C SER C 47 0.30 -7.02 26.94
N ASN C 48 -0.19 -7.34 28.13
CA ASN C 48 -1.62 -7.34 28.40
C ASN C 48 -2.28 -5.97 28.40
N LEU C 49 -1.58 -4.99 28.98
CA LEU C 49 -2.04 -3.60 28.91
C LEU C 49 -2.16 -3.18 27.44
N ALA C 50 -1.09 -3.46 26.69
CA ALA C 50 -1.00 -3.09 25.30
C ALA C 50 -2.12 -3.66 24.46
N SER C 51 -2.57 -4.87 24.78
CA SER C 51 -3.64 -5.51 24.00
C SER C 51 -5.01 -4.91 24.25
N VAL C 52 -5.22 -4.32 25.44
CA VAL C 52 -6.53 -3.75 25.76
C VAL C 52 -6.62 -2.29 25.31
N LEU C 53 -5.49 -1.58 25.40
CA LEU C 53 -5.40 -0.26 24.75
C LEU C 53 -5.67 -0.41 23.24
N GLN C 54 -5.21 -1.51 22.66
CA GLN C 54 -5.41 -1.83 21.24
C GLN C 54 -6.87 -2.12 20.92
N GLN C 55 -7.65 -2.53 21.91
CA GLN C 55 -9.10 -2.74 21.69
C GLN C 55 -9.81 -1.42 21.61
N GLN C 56 -9.52 -0.55 22.58
CA GLN C 56 -10.17 0.75 22.66
C GLN C 56 -9.54 1.80 21.75
N GLY C 57 -8.94 1.35 20.64
CA GLY C 57 -8.38 2.22 19.58
C GLY C 57 -7.04 2.98 19.77
N LYS C 58 -6.44 2.87 20.96
CA LYS C 58 -5.27 3.67 21.35
C LYS C 58 -4.01 3.00 20.83
N LEU C 59 -3.84 3.07 19.51
CA LEU C 59 -2.87 2.24 18.80
C LEU C 59 -1.42 2.62 19.13
N GLN C 60 -1.17 3.93 19.24
CA GLN C 60 0.18 4.45 19.52
C GLN C 60 0.63 3.99 20.89
N GLU C 61 -0.25 4.19 21.87
CA GLU C 61 0.05 3.91 23.27
C GLU C 61 0.28 2.41 23.44
N ALA C 62 -0.68 1.62 22.96
CA ALA C 62 -0.54 0.19 22.76
C ALA C 62 0.84 -0.17 22.23
N LEU C 63 1.20 0.36 21.08
CA LEU C 63 2.43 -0.02 20.43
C LEU C 63 3.66 0.23 21.34
N MET C 64 3.63 1.36 22.09
CA MET C 64 4.66 1.69 23.10
C MET C 64 4.84 0.62 24.16
N HIS C 65 3.78 0.22 24.86
CA HIS C 65 3.85 -0.82 25.87
C HIS C 65 4.32 -2.18 25.37
N TYR C 66 3.91 -2.57 24.17
CA TYR C 66 4.44 -3.78 23.55
C TYR C 66 5.95 -3.73 23.40
N LYS C 67 6.54 -2.59 23.00
CA LYS C 67 8.04 -2.55 22.91
C LYS C 67 8.76 -2.67 24.28
N GLU C 68 8.10 -2.17 25.33
CA GLU C 68 8.55 -2.32 26.73
C GLU C 68 8.63 -3.78 27.18
N ALA C 69 7.49 -4.46 27.08
CA ALA C 69 7.42 -5.91 27.14
C ALA C 69 8.58 -6.58 26.37
N ILE C 70 8.76 -6.29 25.06
CA ILE C 70 9.87 -6.87 24.26
C ILE C 70 11.29 -6.41 24.73
N ARG C 71 11.39 -5.23 25.37
CA ARG C 71 12.69 -4.75 25.84
C ARG C 71 13.10 -5.60 27.03
N ILE C 72 12.15 -5.76 27.99
CA ILE C 72 12.24 -6.68 29.17
C ILE C 72 12.61 -8.12 28.80
N SER C 73 11.87 -8.73 27.85
CA SER C 73 12.04 -10.13 27.42
CA SER C 73 12.08 -10.12 27.44
C SER C 73 12.21 -10.23 25.91
N PRO C 74 13.45 -10.24 25.39
CA PRO C 74 13.60 -10.19 23.92
C PRO C 74 13.08 -11.39 23.13
N THR C 75 12.74 -12.48 23.81
CA THR C 75 12.16 -13.62 23.11
C THR C 75 10.72 -13.89 23.57
N PHE C 76 9.89 -12.84 23.49
CA PHE C 76 8.46 -12.85 23.88
C PHE C 76 7.54 -12.96 22.65
N ALA C 77 7.62 -14.10 21.96
CA ALA C 77 6.80 -14.40 20.78
C ALA C 77 5.37 -13.79 20.78
N ASP C 78 4.68 -13.91 21.92
CA ASP C 78 3.31 -13.46 22.07
C ASP C 78 3.14 -11.95 21.90
N ALA C 79 4.08 -11.15 22.42
CA ALA C 79 4.08 -9.71 22.22
C ALA C 79 4.26 -9.37 20.73
N TYR C 80 5.27 -9.96 20.11
CA TYR C 80 5.57 -9.71 18.72
C TYR C 80 4.36 -9.97 17.81
N SER C 81 3.66 -11.07 18.09
CA SER C 81 2.44 -11.40 17.39
C SER C 81 1.38 -10.37 17.66
N ASN C 82 1.20 -9.91 18.88
CA ASN C 82 0.15 -8.91 19.12
C ASN C 82 0.52 -7.49 18.66
N MET C 83 1.79 -7.14 18.81
CA MET C 83 2.36 -5.99 18.09
C MET C 83 2.06 -5.96 16.57
N GLY C 84 2.24 -7.08 15.87
CA GLY C 84 1.88 -7.18 14.45
C GLY C 84 0.42 -6.83 14.13
N ASN C 85 -0.48 -7.22 15.05
CA ASN C 85 -1.89 -6.97 14.87
C ASN C 85 -2.13 -5.48 14.85
N THR C 86 -1.59 -4.76 15.84
CA THR C 86 -1.66 -3.30 15.92
C THR C 86 -1.11 -2.67 14.66
N LEU C 87 0.11 -3.08 14.28
CA LEU C 87 0.71 -2.53 13.09
C LEU C 87 -0.23 -2.70 11.87
N LYS C 88 -0.80 -3.91 11.68
CA LYS C 88 -1.88 -4.15 10.67
C LYS C 88 -3.09 -3.18 10.81
N GLU C 89 -3.63 -3.02 12.01
CA GLU C 89 -4.63 -1.98 12.23
C GLU C 89 -4.23 -0.51 11.85
N MET C 90 -3.07 0.01 12.33
CA MET C 90 -2.42 1.25 11.81
C MET C 90 -2.06 1.28 10.30
N GLN C 91 -2.29 0.19 9.59
CA GLN C 91 -1.99 0.05 8.16
C GLN C 91 -0.52 0.06 7.79
N ASP C 92 0.30 -0.23 8.80
CA ASP C 92 1.70 -0.59 8.61
C ASP C 92 1.75 -2.10 8.34
N VAL C 93 1.72 -2.46 7.05
CA VAL C 93 1.57 -3.85 6.65
C VAL C 93 2.90 -4.57 6.71
N GLN C 94 3.99 -3.86 6.38
CA GLN C 94 5.35 -4.40 6.35
C GLN C 94 5.90 -4.59 7.74
N GLY C 95 5.49 -3.74 8.67
CA GLY C 95 5.85 -3.88 10.08
C GLY C 95 5.14 -5.05 10.75
N ALA C 96 3.85 -5.17 10.48
CA ALA C 96 3.10 -6.36 10.86
C ALA C 96 3.70 -7.66 10.26
N LEU C 97 4.35 -7.55 9.11
CA LEU C 97 4.93 -8.70 8.46
C LEU C 97 6.18 -9.09 9.22
N GLN C 98 6.98 -8.08 9.60
CA GLN C 98 8.22 -8.37 10.24
C GLN C 98 7.96 -8.90 11.61
N CYS C 99 6.84 -8.49 12.22
CA CYS C 99 6.50 -8.90 13.60
C CYS C 99 6.05 -10.31 13.69
N TYR C 100 5.10 -10.68 12.83
CA TYR C 100 4.61 -12.05 12.72
C TYR C 100 5.75 -13.04 12.43
N THR C 101 6.56 -12.76 11.41
CA THR C 101 7.75 -13.58 11.07
C THR C 101 8.75 -13.80 12.22
N ARG C 102 8.96 -12.74 13.00
CA ARG C 102 9.88 -12.74 14.11
C ARG C 102 9.29 -13.58 15.23
N ALA C 103 7.95 -13.59 15.38
CA ALA C 103 7.32 -14.48 16.38
C ALA C 103 7.39 -15.96 15.95
N ILE C 104 7.30 -16.20 14.65
CA ILE C 104 7.43 -17.57 14.09
C ILE C 104 8.89 -18.07 14.15
N GLN C 105 9.86 -17.13 14.25
CA GLN C 105 11.25 -17.51 14.27
C GLN C 105 11.48 -18.00 15.67
N ILE C 106 11.14 -17.14 16.62
CA ILE C 106 11.27 -17.39 18.05
C ILE C 106 10.60 -18.70 18.50
N ASN C 107 9.42 -18.98 17.97
CA ASN C 107 8.70 -20.20 18.27
C ASN C 107 8.01 -20.76 17.00
N PRO C 108 8.67 -21.71 16.29
CA PRO C 108 8.11 -22.21 15.00
C PRO C 108 6.79 -22.98 15.10
N ALA C 109 6.42 -23.38 16.32
CA ALA C 109 5.13 -24.04 16.61
C ALA C 109 4.11 -23.10 17.23
N PHE C 110 4.24 -21.81 16.98
CA PHE C 110 3.30 -20.85 17.55
C PHE C 110 2.11 -20.70 16.61
N ALA C 111 0.94 -21.17 17.06
CA ALA C 111 -0.21 -21.29 16.14
C ALA C 111 -0.71 -19.91 15.65
N ASP C 112 -0.72 -18.94 16.56
CA ASP C 112 -1.29 -17.63 16.31
C ASP C 112 -0.49 -16.84 15.33
N ALA C 113 0.82 -16.72 15.54
CA ALA C 113 1.73 -16.20 14.47
C ALA C 113 1.44 -16.75 13.08
N HIS C 114 1.13 -18.04 12.97
CA HIS C 114 0.79 -18.62 11.67
C HIS C 114 -0.59 -18.16 11.11
N SER C 115 -1.61 -18.18 11.99
CA SER C 115 -2.95 -17.75 11.69
C SER C 115 -2.95 -16.28 11.22
N ASN C 116 -2.21 -15.44 11.98
CA ASN C 116 -2.16 -14.01 11.79
C ASN C 116 -1.44 -13.68 10.50
N LEU C 117 -0.29 -14.34 10.29
CA LEU C 117 0.47 -14.26 9.08
C LEU C 117 -0.48 -14.52 7.91
N ALA C 118 -1.26 -15.58 8.03
CA ALA C 118 -2.06 -16.01 6.91
C ALA C 118 -3.09 -14.92 6.52
N SER C 119 -3.63 -14.31 7.58
CA SER C 119 -4.60 -13.26 7.43
C SER C 119 -4.03 -12.01 6.69
N ILE C 120 -2.74 -11.68 6.86
CA ILE C 120 -2.05 -10.69 5.99
C ILE C 120 -2.00 -11.15 4.50
N HIS C 121 -1.52 -12.36 4.28
CA HIS C 121 -1.53 -12.94 2.96
C HIS C 121 -2.93 -12.90 2.28
N LYS C 122 -3.99 -13.16 3.05
CA LYS C 122 -5.38 -13.11 2.62
C LYS C 122 -5.74 -11.70 2.16
N ASP C 123 -5.51 -10.70 3.00
CA ASP C 123 -5.84 -9.31 2.68
C ASP C 123 -5.04 -8.72 1.53
N SER C 124 -3.95 -9.38 1.16
CA SER C 124 -3.10 -9.05 -0.01
C SER C 124 -3.47 -9.87 -1.24
N GLY C 125 -4.45 -10.77 -1.09
CA GLY C 125 -4.86 -11.64 -2.17
C GLY C 125 -3.91 -12.79 -2.50
N ASN C 126 -2.85 -12.99 -1.70
CA ASN C 126 -2.16 -14.26 -1.73
C ASN C 126 -2.92 -15.41 -1.00
N ILE C 127 -4.12 -15.79 -1.49
CA ILE C 127 -4.90 -16.87 -0.89
C ILE C 127 -4.19 -18.26 -0.86
N PRO C 128 -3.47 -18.69 -1.95
CA PRO C 128 -2.67 -19.94 -1.81
C PRO C 128 -1.69 -19.93 -0.60
N GLU C 129 -0.94 -18.83 -0.45
CA GLU C 129 -0.04 -18.71 0.69
C GLU C 129 -0.80 -18.48 1.99
N ALA C 130 -2.01 -17.92 1.94
CA ALA C 130 -2.81 -17.84 3.14
C ALA C 130 -3.24 -19.23 3.59
N ILE C 131 -3.86 -20.01 2.68
CA ILE C 131 -4.33 -21.39 2.92
C ILE C 131 -3.22 -22.20 3.55
N ALA C 132 -2.01 -22.16 2.98
CA ALA C 132 -0.83 -22.88 3.55
C ALA C 132 -0.64 -22.56 5.04
N SER C 133 -0.64 -21.27 5.40
CA SER C 133 -0.41 -20.86 6.79
C SER C 133 -1.59 -21.13 7.74
N TYR C 134 -2.78 -21.15 7.18
CA TYR C 134 -3.92 -21.51 7.98
C TYR C 134 -3.84 -22.98 8.37
N ARG C 135 -3.26 -23.79 7.48
CA ARG C 135 -3.25 -25.23 7.61
C ARG C 135 -2.28 -25.56 8.74
N THR C 136 -1.18 -24.82 8.71
CA THR C 136 -0.06 -24.96 9.59
C THR C 136 -0.51 -24.63 10.97
N ALA C 137 -1.36 -23.63 11.15
CA ALA C 137 -2.01 -23.38 12.45
C ALA C 137 -2.77 -24.59 12.92
N LEU C 138 -3.70 -25.08 12.08
CA LEU C 138 -4.61 -26.19 12.45
C LEU C 138 -3.89 -27.48 12.84
N LYS C 139 -2.80 -27.77 12.10
CA LYS C 139 -1.83 -28.82 12.45
C LYS C 139 -1.19 -28.61 13.84
N LEU C 140 -0.76 -27.39 14.15
CA LEU C 140 -0.18 -27.08 15.46
C LEU C 140 -1.14 -27.07 16.67
N LYS C 141 -2.33 -26.49 16.50
CA LYS C 141 -3.35 -26.39 17.54
C LYS C 141 -4.65 -26.78 16.81
N PRO C 142 -5.01 -28.09 16.85
CA PRO C 142 -6.07 -28.55 15.96
C PRO C 142 -7.49 -28.08 16.27
N ASP C 143 -7.80 -27.84 17.54
CA ASP C 143 -8.99 -27.08 17.88
C ASP C 143 -8.58 -25.57 18.00
N PHE C 144 -8.87 -24.82 16.95
CA PHE C 144 -8.60 -23.40 16.81
C PHE C 144 -9.73 -22.86 15.90
N PRO C 145 -10.91 -22.58 16.47
CA PRO C 145 -12.09 -22.32 15.63
C PRO C 145 -11.89 -21.17 14.65
N ASP C 146 -11.29 -20.08 15.12
CA ASP C 146 -11.09 -18.87 14.34
C ASP C 146 -10.35 -19.13 13.03
N ALA C 147 -9.29 -19.93 13.12
CA ALA C 147 -8.47 -20.23 11.98
C ALA C 147 -9.15 -21.20 11.03
N TYR C 148 -10.04 -22.05 11.54
CA TYR C 148 -10.76 -22.98 10.68
C TYR C 148 -11.72 -22.18 9.73
N CYS C 149 -12.48 -21.28 10.35
CA CYS C 149 -13.49 -20.47 9.69
C CYS C 149 -12.87 -19.53 8.68
N ASN C 150 -11.74 -18.96 9.05
CA ASN C 150 -10.94 -18.15 8.16
C ASN C 150 -10.44 -18.92 6.91
N LEU C 151 -9.87 -20.11 7.13
CA LEU C 151 -9.50 -21.04 6.07
C LEU C 151 -10.72 -21.40 5.25
N ALA C 152 -11.87 -21.54 5.90
CA ALA C 152 -13.05 -22.00 5.17
C ALA C 152 -13.49 -20.88 4.19
N HIS C 153 -13.48 -19.63 4.65
CA HIS C 153 -13.70 -18.50 3.74
C HIS C 153 -12.66 -18.45 2.59
N CYS C 154 -11.40 -18.70 2.89
CA CYS C 154 -10.39 -18.78 1.84
C CYS C 154 -10.73 -19.79 0.79
N LEU C 155 -11.27 -20.91 1.23
CA LEU C 155 -11.53 -22.03 0.37
C LEU C 155 -12.70 -21.66 -0.53
N GLN C 156 -13.72 -21.07 0.08
CA GLN C 156 -14.81 -20.42 -0.62
C GLN C 156 -14.30 -19.44 -1.71
N ILE C 157 -13.38 -18.56 -1.39
CA ILE C 157 -12.89 -17.60 -2.37
C ILE C 157 -12.32 -18.26 -3.63
N VAL C 158 -11.62 -19.37 -3.47
CA VAL C 158 -11.00 -19.96 -4.64
C VAL C 158 -11.88 -21.09 -5.26
N CYS C 159 -13.06 -21.32 -4.70
CA CYS C 159 -13.84 -22.49 -5.03
C CYS C 159 -13.03 -23.82 -4.86
N ASP C 160 -12.45 -23.98 -3.68
CA ASP C 160 -11.92 -25.26 -3.27
C ASP C 160 -12.97 -25.95 -2.41
N TRP C 161 -13.44 -27.09 -2.90
CA TRP C 161 -14.58 -27.74 -2.25
C TRP C 161 -14.29 -29.17 -1.77
N THR C 162 -13.01 -29.46 -1.50
CA THR C 162 -12.59 -30.78 -1.00
C THR C 162 -13.18 -30.94 0.38
N ASP C 163 -13.74 -32.11 0.69
CA ASP C 163 -14.45 -32.37 1.97
C ASP C 163 -15.52 -31.31 2.27
N TYR C 164 -16.02 -30.67 1.21
CA TYR C 164 -16.98 -29.58 1.31
C TYR C 164 -18.14 -29.84 2.29
N ASP C 165 -18.73 -31.01 2.25
CA ASP C 165 -19.86 -31.39 3.11
C ASP C 165 -19.44 -31.47 4.57
N GLU C 166 -18.25 -32.03 4.81
CA GLU C 166 -17.64 -32.06 6.13
C GLU C 166 -17.45 -30.65 6.70
N ARG C 167 -16.82 -29.80 5.89
CA ARG C 167 -16.55 -28.43 6.24
C ARG C 167 -17.78 -27.72 6.78
N MET C 168 -18.86 -27.76 6.00
CA MET C 168 -20.12 -27.12 6.32
C MET C 168 -20.67 -27.67 7.61
N LYS C 169 -20.66 -29.01 7.73
CA LYS C 169 -21.14 -29.68 8.93
C LYS C 169 -20.32 -29.22 10.12
N LYS C 170 -19.00 -29.16 9.92
CA LYS C 170 -18.11 -28.61 10.96
C LYS C 170 -18.31 -27.10 11.31
N LEU C 171 -18.63 -26.22 10.34
CA LEU C 171 -18.79 -24.79 10.67
C LEU C 171 -20.04 -24.56 11.52
N VAL C 172 -21.11 -25.31 11.20
CA VAL C 172 -22.37 -25.32 11.98
C VAL C 172 -22.04 -25.70 13.42
N SER C 173 -21.12 -26.67 13.54
CA SER C 173 -20.67 -27.21 14.84
C SER C 173 -19.91 -26.20 15.72
N ILE C 174 -18.81 -25.67 15.18
CA ILE C 174 -18.04 -24.59 15.77
C ILE C 174 -18.95 -23.48 16.31
N VAL C 175 -19.96 -23.12 15.53
CA VAL C 175 -20.87 -22.04 15.87
C VAL C 175 -21.89 -22.42 16.96
N ALA C 176 -22.50 -23.59 16.78
CA ALA C 176 -23.33 -24.24 17.80
C ALA C 176 -22.68 -24.13 19.20
N ASP C 177 -21.43 -24.60 19.29
CA ASP C 177 -20.54 -24.57 20.49
C ASP C 177 -20.36 -23.16 21.12
N GLN C 178 -19.87 -22.21 20.32
CA GLN C 178 -19.49 -20.86 20.76
C GLN C 178 -20.63 -20.04 21.38
N LEU C 179 -21.82 -20.21 20.81
CA LEU C 179 -23.03 -19.55 21.28
C LEU C 179 -23.36 -19.73 22.76
N GLU C 180 -22.98 -20.87 23.33
CA GLU C 180 -23.17 -21.08 24.77
C GLU C 180 -22.11 -20.41 25.66
N LEU C 184 -17.27 -15.08 21.58
CA LEU C 184 -17.63 -14.44 20.30
C LEU C 184 -17.57 -15.45 19.12
N PRO C 185 -18.66 -15.58 18.34
CA PRO C 185 -18.74 -16.48 17.17
C PRO C 185 -17.64 -16.30 16.13
N SER C 186 -17.02 -17.41 15.72
CA SER C 186 -15.80 -17.40 14.91
C SER C 186 -16.06 -17.24 13.39
N VAL C 187 -17.34 -17.17 13.02
CA VAL C 187 -17.77 -16.95 11.64
C VAL C 187 -18.36 -15.52 11.57
N HIS C 188 -17.92 -14.73 10.59
CA HIS C 188 -18.30 -13.31 10.48
C HIS C 188 -19.73 -13.22 9.98
N PRO C 189 -20.58 -12.37 10.58
CA PRO C 189 -21.98 -12.21 10.03
C PRO C 189 -22.07 -12.00 8.49
N HIS C 190 -21.17 -11.23 7.87
CA HIS C 190 -21.11 -11.06 6.41
C HIS C 190 -20.75 -12.34 5.68
N HIS C 191 -20.27 -13.34 6.42
CA HIS C 191 -20.04 -14.68 5.86
C HIS C 191 -21.16 -15.74 6.11
N SER C 192 -21.94 -15.51 7.17
CA SER C 192 -22.81 -16.51 7.76
C SER C 192 -23.89 -16.94 6.78
N MET C 193 -24.26 -16.01 5.93
CA MET C 193 -25.10 -16.31 4.77
C MET C 193 -24.62 -17.33 3.72
N LEU C 194 -23.33 -17.67 3.63
CA LEU C 194 -22.83 -18.68 2.65
C LEU C 194 -22.92 -20.17 3.12
N TYR C 195 -23.18 -20.35 4.42
CA TYR C 195 -23.10 -21.64 5.17
C TYR C 195 -24.48 -22.11 5.67
N PRO C 196 -24.65 -23.43 5.85
CA PRO C 196 -25.99 -23.94 6.13
C PRO C 196 -26.42 -23.77 7.59
N LEU C 197 -26.23 -22.57 8.14
CA LEU C 197 -26.71 -22.29 9.50
C LEU C 197 -28.24 -22.22 9.53
N SER C 198 -28.81 -22.35 10.73
CA SER C 198 -30.21 -22.00 10.90
C SER C 198 -30.30 -20.47 10.97
N HIS C 199 -31.51 -19.95 10.87
CA HIS C 199 -31.76 -18.51 10.84
C HIS C 199 -31.66 -17.95 12.25
N GLY C 200 -32.02 -18.78 13.23
CA GLY C 200 -31.69 -18.57 14.64
C GLY C 200 -30.19 -18.39 14.85
N PHE C 201 -29.37 -19.24 14.23
CA PHE C 201 -27.87 -19.13 14.25
C PHE C 201 -27.29 -17.86 13.55
N ARG C 202 -27.81 -17.55 12.36
CA ARG C 202 -27.41 -16.34 11.66
C ARG C 202 -27.77 -15.10 12.46
N LYS C 203 -28.99 -15.05 13.02
CA LYS C 203 -29.38 -13.91 13.85
C LYS C 203 -28.48 -13.84 15.10
N ALA C 204 -28.30 -14.99 15.73
CA ALA C 204 -27.49 -15.07 16.94
C ALA C 204 -26.07 -14.52 16.73
N ILE C 205 -25.45 -14.85 15.57
CA ILE C 205 -24.09 -14.37 15.17
C ILE C 205 -24.00 -12.83 15.09
N ALA C 206 -24.94 -12.24 14.35
CA ALA C 206 -25.07 -10.79 14.27
C ALA C 206 -25.35 -10.14 15.62
N GLU C 207 -26.16 -10.80 16.46
CA GLU C 207 -26.51 -10.33 17.81
C GLU C 207 -25.30 -10.18 18.75
N ARG C 208 -24.35 -11.11 18.67
CA ARG C 208 -23.14 -11.04 19.49
C ARG C 208 -22.06 -10.09 18.92
N HIS C 209 -22.22 -9.67 17.66
CA HIS C 209 -21.33 -8.62 17.10
C HIS C 209 -21.83 -7.23 17.47
N GLY C 210 -23.13 -7.02 17.34
CA GLY C 210 -23.78 -5.78 17.77
C GLY C 210 -23.59 -5.49 19.25
N ASN C 211 -23.80 -6.53 20.06
CA ASN C 211 -23.49 -6.49 21.49
C ASN C 211 -22.06 -6.01 21.82
N LEU C 212 -21.06 -6.47 21.05
CA LEU C 212 -19.65 -6.06 21.17
C LEU C 212 -19.38 -4.58 20.94
N CYS C 213 -20.24 -3.94 20.14
CA CYS C 213 -20.16 -2.52 19.88
C CYS C 213 -20.63 -1.70 21.06
N LEU C 214 -21.67 -2.19 21.75
CA LEU C 214 -22.13 -1.61 23.04
C LEU C 214 -21.05 -1.65 24.11
N ASP C 215 -20.37 -2.79 24.21
CA ASP C 215 -19.34 -2.96 25.24
C ASP C 215 -18.14 -2.02 25.05
N LYS C 216 -17.92 -1.61 23.79
CA LYS C 216 -16.95 -0.58 23.40
C LYS C 216 -17.41 0.82 23.80
N ILE C 217 -18.68 1.15 23.59
CA ILE C 217 -19.19 2.49 23.93
C ILE C 217 -19.49 2.76 25.40
N ASN C 218 -19.83 1.71 26.17
CA ASN C 218 -20.15 1.84 27.62
C ASN C 218 -18.97 2.30 28.49
N VAL C 219 -17.77 1.99 28.02
CA VAL C 219 -16.51 2.57 28.51
C VAL C 219 -16.60 4.10 28.59
N LEU C 220 -17.37 4.70 27.67
CA LEU C 220 -17.45 6.16 27.55
C LEU C 220 -18.45 6.82 28.52
N HIS C 221 -19.12 6.00 29.35
CA HIS C 221 -19.99 6.49 30.44
C HIS C 221 -21.07 7.46 29.96
N LYS C 222 -21.31 7.55 28.65
CA LYS C 222 -22.25 8.54 28.06
C LYS C 222 -23.74 8.44 28.55
N PRO C 223 -24.29 9.57 29.05
CA PRO C 223 -25.71 9.64 29.42
C PRO C 223 -26.58 9.33 28.19
N PRO C 224 -27.89 9.05 28.36
CA PRO C 224 -28.70 8.87 27.13
C PRO C 224 -28.90 10.20 26.36
N TYR C 225 -29.03 10.16 25.04
CA TYR C 225 -29.29 11.38 24.25
C TYR C 225 -30.75 11.76 24.34
N GLU C 226 -31.02 13.06 24.34
CA GLU C 226 -32.38 13.58 24.25
C GLU C 226 -32.71 13.95 22.82
N HIS C 227 -33.64 13.18 22.28
CA HIS C 227 -34.03 13.26 20.89
C HIS C 227 -35.14 14.26 20.69
N PRO C 228 -35.08 15.02 19.58
CA PRO C 228 -36.22 15.78 19.09
C PRO C 228 -37.48 14.92 19.14
N LYS C 229 -38.56 15.49 19.67
CA LYS C 229 -39.85 14.81 19.63
C LYS C 229 -40.78 15.61 18.71
N ASP C 230 -40.14 16.47 17.92
CA ASP C 230 -40.76 17.50 17.12
C ASP C 230 -40.00 17.80 15.81
N LEU C 231 -40.63 18.53 14.88
CA LEU C 231 -39.90 19.10 13.72
C LEU C 231 -39.76 20.62 13.74
N LYS C 232 -39.80 21.22 14.92
CA LYS C 232 -39.89 22.69 15.00
C LYS C 232 -38.55 23.42 14.86
N LEU C 233 -37.46 22.94 15.50
CA LEU C 233 -36.10 23.49 15.25
C LEU C 233 -35.60 23.33 13.79
N SER C 234 -35.98 22.22 13.16
CA SER C 234 -35.60 21.89 11.78
C SER C 234 -36.36 22.65 10.64
N ASP C 235 -37.26 23.57 11.00
CA ASP C 235 -38.15 24.31 10.07
C ASP C 235 -39.22 23.47 9.33
N GLY C 236 -39.68 22.40 9.97
CA GLY C 236 -40.71 21.49 9.41
C GLY C 236 -40.16 20.41 8.52
N ARG C 237 -38.84 20.31 8.44
CA ARG C 237 -38.15 19.36 7.58
C ARG C 237 -37.61 18.22 8.41
N LEU C 238 -37.71 17.03 7.85
CA LEU C 238 -37.21 15.83 8.49
C LEU C 238 -35.73 15.74 8.23
N ARG C 239 -34.95 15.63 9.30
CA ARG C 239 -33.48 15.46 9.23
C ARG C 239 -33.04 13.99 9.10
N VAL C 240 -32.56 13.64 7.90
CA VAL C 240 -32.13 12.28 7.56
C VAL C 240 -30.60 12.29 7.40
N GLY C 241 -29.93 11.50 8.22
CA GLY C 241 -28.47 11.35 8.16
C GLY C 241 -28.05 10.01 7.57
N TYR C 242 -27.24 10.05 6.50
CA TYR C 242 -26.79 8.88 5.74
C TYR C 242 -25.31 8.56 6.02
N VAL C 243 -24.99 7.53 6.82
CA VAL C 243 -23.59 7.10 7.18
C VAL C 243 -23.04 5.90 6.34
N SER C 244 -21.87 6.08 5.75
CA SER C 244 -21.35 5.09 4.80
C SER C 244 -19.92 5.37 4.71
N SER C 245 -19.12 4.31 4.65
CA SER C 245 -17.67 4.46 4.40
C SER C 245 -17.36 4.40 2.90
N ASP C 246 -18.39 4.39 2.10
CA ASP C 246 -18.30 4.12 0.68
C ASP C 246 -18.77 5.29 -0.24
N PHE C 247 -18.78 6.50 0.30
CA PHE C 247 -19.12 7.69 -0.50
C PHE C 247 -17.78 7.97 -1.20
N GLY C 248 -17.65 7.43 -2.40
CA GLY C 248 -16.37 7.30 -3.03
C GLY C 248 -16.54 6.13 -3.95
N ASN C 249 -15.49 5.72 -4.63
CA ASN C 249 -15.60 4.59 -5.53
C ASN C 249 -15.71 3.27 -4.72
N HIS C 250 -16.96 2.78 -4.64
CA HIS C 250 -17.34 1.54 -3.96
C HIS C 250 -18.75 1.33 -4.40
N PRO C 251 -19.19 0.04 -4.52
CA PRO C 251 -20.55 -0.24 -5.01
C PRO C 251 -21.63 0.58 -4.38
N THR C 252 -21.44 1.04 -3.15
CA THR C 252 -22.49 1.83 -2.55
C THR C 252 -22.83 3.08 -3.37
N SER C 253 -21.83 3.90 -3.67
CA SER C 253 -22.02 5.07 -4.58
C SER C 253 -22.57 4.71 -5.96
N HIS C 254 -22.16 3.58 -6.52
CA HIS C 254 -22.58 3.19 -7.88
C HIS C 254 -24.09 2.94 -7.98
N LEU C 255 -24.66 2.63 -6.81
CA LEU C 255 -26.08 2.42 -6.73
C LEU C 255 -26.91 3.65 -6.34
N MET C 256 -26.46 4.47 -5.37
CA MET C 256 -27.30 5.51 -4.75
C MET C 256 -26.80 6.95 -4.85
N GLN C 257 -25.83 7.22 -5.70
CA GLN C 257 -25.21 8.53 -5.72
C GLN C 257 -26.10 9.71 -6.05
N SER C 258 -27.23 9.46 -6.72
CA SER C 258 -28.21 10.49 -7.03
C SER C 258 -29.34 10.64 -6.01
N ILE C 259 -29.46 9.70 -5.08
CA ILE C 259 -30.46 9.81 -4.00
C ILE C 259 -30.36 11.14 -3.14
N PRO C 260 -29.18 11.48 -2.51
CA PRO C 260 -29.21 12.74 -1.72
C PRO C 260 -29.70 13.93 -2.53
N GLY C 261 -29.13 14.22 -3.70
CA GLY C 261 -29.52 15.41 -4.44
C GLY C 261 -30.95 15.47 -5.00
N MET C 262 -31.62 14.31 -5.05
CA MET C 262 -32.99 14.20 -5.49
C MET C 262 -34.04 14.28 -4.36
N HIS C 263 -33.59 14.41 -3.14
CA HIS C 263 -34.50 14.62 -2.03
C HIS C 263 -35.23 15.96 -2.17
N ASN C 264 -36.43 16.06 -1.58
CA ASN C 264 -37.28 17.26 -1.58
C ASN C 264 -36.82 18.24 -0.51
N PRO C 265 -36.15 19.36 -0.91
CA PRO C 265 -35.65 20.26 0.17
C PRO C 265 -36.75 20.83 1.08
N ASP C 266 -38.00 20.92 0.62
CA ASP C 266 -39.08 21.56 1.40
C ASP C 266 -39.43 20.78 2.65
N LYS C 267 -39.36 19.45 2.55
CA LYS C 267 -39.80 18.57 3.63
C LYS C 267 -38.67 17.72 4.25
N PHE C 268 -37.48 17.76 3.67
CA PHE C 268 -36.37 16.94 4.16
C PHE C 268 -35.08 17.67 4.13
N GLU C 269 -34.18 17.31 5.04
CA GLU C 269 -32.86 17.91 5.05
C GLU C 269 -31.87 16.76 5.11
N VAL C 270 -30.91 16.75 4.19
CA VAL C 270 -29.98 15.62 4.08
C VAL C 270 -28.59 15.94 4.55
N PHE C 271 -28.12 15.10 5.48
CA PHE C 271 -26.81 15.12 6.11
C PHE C 271 -26.11 13.83 5.68
N CYS C 272 -24.96 13.98 5.05
CA CYS C 272 -24.12 12.83 4.66
C CYS C 272 -22.88 12.68 5.52
N TYR C 273 -22.79 11.57 6.25
CA TYR C 273 -21.68 11.28 7.18
C TYR C 273 -20.70 10.29 6.59
N ALA C 274 -19.64 10.78 5.97
CA ALA C 274 -18.64 9.86 5.40
C ALA C 274 -17.75 9.26 6.50
N LEU C 275 -17.51 7.95 6.43
CA LEU C 275 -16.62 7.31 7.40
C LEU C 275 -15.21 7.11 6.89
N SER C 276 -14.93 7.62 5.69
CA SER C 276 -13.64 7.45 5.02
C SER C 276 -13.12 8.77 4.45
N PRO C 277 -11.80 8.87 4.29
CA PRO C 277 -11.25 10.02 3.55
C PRO C 277 -11.72 10.15 2.07
N ASP C 278 -11.64 11.36 1.53
CA ASP C 278 -11.96 11.68 0.14
C ASP C 278 -11.00 10.90 -0.76
N ASP C 279 -11.58 9.97 -1.55
CA ASP C 279 -10.76 9.06 -2.33
C ASP C 279 -10.43 9.72 -3.67
N GLY C 280 -10.88 10.95 -3.86
CA GLY C 280 -10.58 11.71 -5.04
C GLY C 280 -11.66 11.59 -6.12
N THR C 281 -12.65 10.72 -5.98
CA THR C 281 -13.42 10.33 -7.17
C THR C 281 -14.64 11.22 -7.54
N ASN C 282 -15.05 11.23 -8.81
CA ASN C 282 -16.31 11.96 -9.13
C ASN C 282 -17.54 11.46 -8.38
N PHE C 283 -17.48 10.23 -7.83
CA PHE C 283 -18.56 9.76 -6.98
C PHE C 283 -18.59 10.58 -5.71
N ARG C 284 -17.43 10.78 -5.08
CA ARG C 284 -17.37 11.57 -3.84
C ARG C 284 -17.81 13.00 -4.10
N VAL C 285 -17.35 13.55 -5.22
CA VAL C 285 -17.63 14.89 -5.57
C VAL C 285 -19.15 15.11 -5.63
N LYS C 286 -19.86 14.16 -6.24
CA LYS C 286 -21.32 14.30 -6.41
C LYS C 286 -22.05 14.44 -5.07
N VAL C 287 -21.63 13.67 -4.08
CA VAL C 287 -22.40 13.51 -2.89
C VAL C 287 -22.13 14.73 -2.03
N MET C 288 -20.87 15.21 -2.04
CA MET C 288 -20.52 16.45 -1.32
C MET C 288 -21.25 17.64 -1.93
N ALA C 289 -21.23 17.73 -3.27
CA ALA C 289 -21.97 18.82 -3.95
C ALA C 289 -23.50 18.79 -3.79
N GLU C 290 -24.06 17.61 -3.54
CA GLU C 290 -25.48 17.47 -3.74
C GLU C 290 -26.30 17.37 -2.46
N ALA C 291 -25.71 16.78 -1.43
CA ALA C 291 -26.28 16.73 -0.10
C ALA C 291 -26.45 18.15 0.40
N ASN C 292 -27.39 18.33 1.34
CA ASN C 292 -27.45 19.64 2.02
C ASN C 292 -26.28 19.83 3.01
N HIS C 293 -25.79 18.77 3.62
CA HIS C 293 -24.68 18.90 4.55
C HIS C 293 -23.87 17.63 4.45
N PHE C 294 -22.58 17.79 4.19
CA PHE C 294 -21.62 16.68 4.13
C PHE C 294 -20.58 16.82 5.26
N ILE C 295 -20.45 15.78 6.08
CA ILE C 295 -19.62 15.79 7.29
C ILE C 295 -18.66 14.63 7.21
N ASP C 296 -17.39 14.92 7.33
CA ASP C 296 -16.35 13.89 7.19
C ASP C 296 -15.98 13.24 8.51
N LEU C 297 -16.59 12.13 8.86
CA LEU C 297 -16.31 11.56 10.18
C LEU C 297 -14.95 10.89 10.29
N SER C 298 -14.29 10.67 9.16
CA SER C 298 -12.93 10.11 9.17
C SER C 298 -11.89 10.94 9.96
N GLN C 299 -12.16 12.23 10.22
CA GLN C 299 -11.23 13.04 11.02
C GLN C 299 -11.74 13.24 12.44
N ILE C 300 -12.92 12.69 12.73
CA ILE C 300 -13.44 12.65 14.09
C ILE C 300 -13.43 11.18 14.50
N PRO C 301 -12.23 10.63 14.78
CA PRO C 301 -12.12 9.17 14.90
C PRO C 301 -12.70 8.62 16.22
N CYS C 302 -12.71 9.46 17.25
CA CYS C 302 -13.36 9.20 18.53
C CYS C 302 -14.89 9.07 18.38
N ASN C 303 -15.43 7.90 18.74
CA ASN C 303 -16.88 7.61 18.54
C ASN C 303 -17.84 8.46 19.39
N GLY C 304 -17.35 8.87 20.56
CA GLY C 304 -18.13 9.71 21.47
C GLY C 304 -18.34 11.06 20.83
N LYS C 305 -17.22 11.71 20.54
CA LYS C 305 -17.13 13.00 19.87
C LYS C 305 -17.86 13.00 18.49
N ALA C 306 -17.82 11.87 17.77
CA ALA C 306 -18.54 11.75 16.48
C ALA C 306 -20.05 11.57 16.61
N ALA C 307 -20.48 10.77 17.59
CA ALA C 307 -21.90 10.61 17.93
C ALA C 307 -22.48 11.83 18.63
N ASP C 308 -21.64 12.60 19.32
CA ASP C 308 -22.05 13.92 19.77
C ASP C 308 -22.44 14.83 18.61
N ARG C 309 -21.63 14.85 17.56
CA ARG C 309 -21.88 15.71 16.42
C ARG C 309 -23.16 15.31 15.71
N ILE C 310 -23.35 14.01 15.41
CA ILE C 310 -24.64 13.53 14.84
C ILE C 310 -25.84 14.07 15.66
N HIS C 311 -25.77 14.00 16.99
CA HIS C 311 -26.84 14.52 17.85
C HIS C 311 -27.02 16.02 17.76
N GLN C 312 -25.89 16.74 17.73
CA GLN C 312 -25.86 18.20 17.54
C GLN C 312 -26.44 18.70 16.20
N ASP C 313 -26.40 17.85 15.16
CA ASP C 313 -27.03 18.15 13.88
C ASP C 313 -28.58 18.02 14.01
N GLY C 314 -29.01 17.29 15.04
CA GLY C 314 -30.40 17.08 15.35
C GLY C 314 -31.08 16.03 14.49
N ILE C 315 -30.40 14.92 14.19
CA ILE C 315 -30.91 13.92 13.21
C ILE C 315 -32.18 13.19 13.74
N HIS C 316 -33.16 13.01 12.86
CA HIS C 316 -34.38 12.26 13.17
C HIS C 316 -34.35 10.82 12.71
N ILE C 317 -33.99 10.58 11.46
CA ILE C 317 -33.70 9.23 11.03
C ILE C 317 -32.25 9.16 10.64
N LEU C 318 -31.49 8.32 11.32
CA LEU C 318 -30.07 8.04 10.95
C LEU C 318 -29.95 6.65 10.27
N VAL C 319 -29.48 6.63 9.02
CA VAL C 319 -29.48 5.43 8.19
C VAL C 319 -28.12 4.75 8.13
N ASN C 320 -28.06 3.46 8.48
CA ASN C 320 -26.82 2.65 8.37
C ASN C 320 -26.66 1.90 7.04
N MET C 321 -25.61 2.25 6.32
CA MET C 321 -25.37 1.71 4.98
C MET C 321 -24.11 0.85 4.90
N ASN C 322 -23.61 0.45 6.07
CA ASN C 322 -22.48 -0.47 6.16
C ASN C 322 -22.84 -1.87 6.68
N GLY C 323 -23.76 -1.95 7.65
CA GLY C 323 -23.82 -3.14 8.51
C GLY C 323 -22.42 -3.63 8.89
N TYR C 324 -22.13 -4.90 8.61
CA TYR C 324 -20.86 -5.51 9.01
C TYR C 324 -19.93 -5.62 7.81
N THR C 325 -19.58 -4.45 7.23
CA THR C 325 -18.81 -4.42 5.98
C THR C 325 -17.62 -3.53 6.24
N LYS C 326 -16.54 -3.73 5.45
CA LYS C 326 -15.26 -2.97 5.54
C LYS C 326 -15.53 -1.46 5.67
N GLY C 327 -15.15 -0.85 6.78
CA GLY C 327 -15.39 0.55 7.00
C GLY C 327 -16.28 0.92 8.19
N ALA C 328 -17.21 0.01 8.51
CA ALA C 328 -18.28 0.25 9.51
C ALA C 328 -17.79 0.86 10.80
N ARG C 329 -18.57 1.76 11.37
CA ARG C 329 -18.30 2.30 12.67
C ARG C 329 -19.65 2.26 13.38
N ASN C 330 -20.14 1.04 13.60
CA ASN C 330 -21.44 0.83 14.20
C ASN C 330 -21.61 1.33 15.63
N GLU C 331 -20.50 1.62 16.30
CA GLU C 331 -20.48 2.27 17.61
C GLU C 331 -21.24 3.59 17.57
N LEU C 332 -21.05 4.40 16.53
CA LEU C 332 -21.87 5.58 16.29
C LEU C 332 -23.36 5.19 16.41
N PHE C 333 -23.81 4.08 15.82
CA PHE C 333 -25.22 3.64 16.01
C PHE C 333 -25.54 2.98 17.37
N ALA C 334 -24.52 2.37 17.98
CA ALA C 334 -24.60 1.79 19.34
C ALA C 334 -24.94 2.83 20.41
N LEU C 335 -24.21 3.95 20.49
CA LEU C 335 -24.66 5.15 21.22
C LEU C 335 -25.87 5.57 20.42
N ARG C 336 -26.90 6.13 21.04
CA ARG C 336 -28.13 6.24 20.24
C ARG C 336 -28.51 7.70 19.88
N PRO C 337 -27.80 8.33 18.88
CA PRO C 337 -27.94 9.77 18.70
C PRO C 337 -29.18 10.18 17.89
N ALA C 338 -29.92 9.22 17.39
CA ALA C 338 -31.15 9.48 16.70
C ALA C 338 -32.27 8.59 17.22
N PRO C 339 -33.48 9.15 17.34
CA PRO C 339 -34.71 8.46 17.71
C PRO C 339 -35.04 7.27 16.82
N ILE C 340 -34.73 7.37 15.53
CA ILE C 340 -35.00 6.30 14.57
C ILE C 340 -33.70 5.93 13.88
N GLN C 341 -33.43 4.62 13.82
CA GLN C 341 -32.19 4.15 13.23
C GLN C 341 -32.52 2.97 12.35
N ALA C 342 -32.10 3.08 11.09
CA ALA C 342 -32.54 2.21 9.99
C ALA C 342 -31.35 1.62 9.29
N MET C 343 -31.55 0.46 8.66
CA MET C 343 -30.47 -0.16 7.86
C MET C 343 -30.90 -0.08 6.42
N TRP C 344 -29.98 0.24 5.52
CA TRP C 344 -30.35 0.40 4.13
C TRP C 344 -29.31 0.10 3.10
N LEU C 345 -29.42 -1.05 2.45
CA LEU C 345 -28.91 -1.27 1.08
C LEU C 345 -27.47 -1.69 0.96
N GLY C 346 -26.64 -1.38 1.94
CA GLY C 346 -25.24 -1.79 1.92
C GLY C 346 -25.03 -3.14 2.53
N TYR C 347 -25.99 -3.54 3.39
CA TYR C 347 -25.89 -4.79 4.09
C TYR C 347 -27.01 -5.79 3.87
N PRO C 348 -26.72 -6.89 3.13
CA PRO C 348 -27.74 -7.88 2.78
C PRO C 348 -28.10 -8.89 3.89
N GLY C 349 -28.38 -8.39 5.09
CA GLY C 349 -28.76 -9.26 6.20
C GLY C 349 -29.15 -8.46 7.42
N THR C 350 -29.38 -9.16 8.53
CA THR C 350 -29.71 -8.50 9.81
C THR C 350 -28.44 -8.03 10.59
N SER C 351 -28.55 -6.97 11.38
CA SER C 351 -27.48 -6.48 12.26
C SER C 351 -27.55 -7.15 13.59
N GLY C 352 -28.71 -7.79 13.81
CA GLY C 352 -29.01 -8.58 14.98
C GLY C 352 -29.14 -7.76 16.24
N ALA C 353 -29.09 -6.43 16.11
CA ALA C 353 -28.88 -5.52 17.24
C ALA C 353 -30.05 -4.59 17.55
N LEU C 354 -30.29 -4.41 18.84
CA LEU C 354 -31.46 -3.70 19.34
C LEU C 354 -31.28 -2.18 19.23
N PHE C 355 -30.05 -1.72 18.94
CA PHE C 355 -29.85 -0.31 18.56
C PHE C 355 -30.25 0.04 17.11
N MET C 356 -30.52 -0.96 16.26
CA MET C 356 -31.12 -0.74 14.93
C MET C 356 -32.64 -1.04 14.89
N ASP C 357 -33.46 -0.04 14.53
CA ASP C 357 -34.91 -0.15 14.65
C ASP C 357 -35.61 -0.76 13.45
N TYR C 358 -35.24 -0.32 12.25
CA TYR C 358 -35.82 -0.89 11.03
C TYR C 358 -34.73 -1.47 10.12
N ILE C 359 -35.16 -2.33 9.20
CA ILE C 359 -34.47 -2.58 7.94
C ILE C 359 -35.38 -2.22 6.73
N ILE C 360 -34.84 -1.33 5.89
CA ILE C 360 -35.49 -0.96 4.63
C ILE C 360 -35.23 -2.13 3.72
N THR C 361 -36.32 -2.67 3.21
CA THR C 361 -36.35 -3.88 2.41
C THR C 361 -37.66 -3.82 1.59
N ASP C 362 -38.15 -4.97 1.10
CA ASP C 362 -39.50 -5.15 0.46
C ASP C 362 -40.11 -6.56 0.71
N GLN C 363 -41.39 -6.75 0.45
CA GLN C 363 -41.99 -8.08 0.71
C GLN C 363 -41.42 -9.19 -0.17
N GLU C 364 -40.93 -8.86 -1.37
CA GLU C 364 -40.34 -9.85 -2.28
C GLU C 364 -38.96 -10.38 -1.88
N THR C 365 -38.22 -9.62 -1.07
CA THR C 365 -36.93 -10.07 -0.54
C THR C 365 -37.04 -10.51 0.89
N SER C 366 -37.88 -9.83 1.67
CA SER C 366 -38.06 -10.13 3.09
C SER C 366 -39.53 -10.28 3.42
N PRO C 367 -40.16 -11.41 3.00
CA PRO C 367 -41.60 -11.62 3.18
C PRO C 367 -41.97 -11.67 4.64
N ALA C 368 -43.11 -11.05 5.00
CA ALA C 368 -43.59 -10.84 6.39
C ALA C 368 -43.53 -12.09 7.24
N GLU C 369 -43.89 -13.20 6.58
CA GLU C 369 -43.72 -14.59 6.99
C GLU C 369 -42.40 -14.87 7.75
N VAL C 370 -41.28 -14.36 7.22
CA VAL C 370 -39.91 -14.65 7.72
C VAL C 370 -39.23 -13.51 8.52
N ALA C 371 -40.06 -12.62 9.08
CA ALA C 371 -39.65 -11.47 9.89
C ALA C 371 -38.71 -11.73 11.06
N GLU C 372 -38.53 -13.00 11.43
CA GLU C 372 -37.89 -13.40 12.70
C GLU C 372 -36.44 -13.81 12.51
N GLN C 373 -35.96 -13.82 11.27
CA GLN C 373 -34.49 -13.72 11.06
C GLN C 373 -33.96 -12.34 11.47
N TYR C 374 -34.79 -11.32 11.25
CA TYR C 374 -34.40 -9.95 11.43
C TYR C 374 -34.75 -9.48 12.85
N SER C 375 -33.75 -9.00 13.58
CA SER C 375 -33.97 -8.43 14.89
C SER C 375 -34.71 -7.11 14.77
N GLU C 376 -34.43 -6.39 13.67
CA GLU C 376 -35.01 -5.08 13.33
C GLU C 376 -36.43 -5.27 12.81
N LYS C 377 -37.27 -4.24 12.87
CA LYS C 377 -38.56 -4.33 12.17
C LYS C 377 -38.36 -4.11 10.67
N LEU C 378 -39.33 -4.55 9.88
CA LEU C 378 -39.31 -4.49 8.43
C LEU C 378 -40.07 -3.29 7.84
N ALA C 379 -39.31 -2.42 7.17
CA ALA C 379 -39.86 -1.29 6.44
C ALA C 379 -39.89 -1.64 4.96
N TYR C 380 -41.09 -1.70 4.41
CA TYR C 380 -41.25 -2.03 3.01
C TYR C 380 -41.23 -0.81 2.09
N MET C 381 -40.30 -0.86 1.14
CA MET C 381 -40.36 -0.09 -0.06
C MET C 381 -41.33 -0.77 -1.02
N PRO C 382 -42.02 0.00 -1.89
CA PRO C 382 -43.15 -0.63 -2.60
C PRO C 382 -42.80 -1.61 -3.71
N HIS C 383 -41.57 -1.60 -4.23
CA HIS C 383 -41.19 -2.57 -5.30
C HIS C 383 -39.98 -3.42 -4.94
N THR C 384 -38.87 -2.72 -4.73
CA THR C 384 -37.62 -3.28 -4.35
C THR C 384 -36.89 -2.16 -3.66
N PHE C 385 -36.21 -2.54 -2.58
CA PHE C 385 -35.36 -1.62 -1.84
C PHE C 385 -34.10 -1.35 -2.69
N PHE C 386 -33.85 -2.18 -3.71
CA PHE C 386 -32.65 -2.01 -4.51
C PHE C 386 -32.77 -0.91 -5.54
N ILE C 387 -31.70 -0.12 -5.70
CA ILE C 387 -31.63 0.95 -6.70
C ILE C 387 -30.33 0.88 -7.57
N GLY C 388 -30.23 1.67 -8.62
CA GLY C 388 -29.01 1.75 -9.44
C GLY C 388 -28.93 3.11 -10.09
N ASP C 389 -27.77 3.68 -10.11
CA ASP C 389 -27.48 4.91 -10.87
C ASP C 389 -26.95 4.64 -12.30
N HIS C 390 -27.23 3.47 -12.85
CA HIS C 390 -26.93 3.16 -14.25
C HIS C 390 -27.57 4.12 -15.29
N ALA C 391 -28.77 4.62 -14.95
CA ALA C 391 -29.53 5.50 -15.83
C ALA C 391 -28.63 6.70 -16.13
N ASN C 392 -28.02 7.18 -15.01
CA ASN C 392 -27.21 8.35 -14.95
C ASN C 392 -25.82 8.00 -15.38
N MET C 393 -25.13 7.05 -14.67
CA MET C 393 -23.73 6.69 -15.00
C MET C 393 -23.46 6.10 -16.40
N PHE C 394 -24.24 5.15 -16.89
CA PHE C 394 -23.96 4.65 -18.24
C PHE C 394 -25.09 5.04 -19.21
N PRO C 395 -25.16 6.30 -19.61
CA PRO C 395 -26.36 6.41 -20.44
C PRO C 395 -26.07 6.07 -21.89
N HIS C 396 -24.83 5.78 -22.27
CA HIS C 396 -24.51 5.39 -23.65
C HIS C 396 -25.02 3.98 -24.02
N LEU C 397 -25.60 3.29 -23.01
CA LEU C 397 -26.12 1.94 -23.14
C LEU C 397 -27.61 1.90 -23.22
N LYS C 398 -28.30 3.06 -23.10
CA LYS C 398 -29.74 3.07 -23.44
C LYS C 398 -30.05 2.61 -24.90
N LYS C 399 -29.14 2.84 -25.86
CA LYS C 399 -29.40 2.48 -27.27
C LYS C 399 -28.21 1.81 -27.91
N LYS C 400 -28.48 0.89 -28.86
CA LYS C 400 -27.42 0.11 -29.54
C LYS C 400 -27.57 -0.07 -31.04
N ALA C 401 -26.53 -0.50 -31.70
CA ALA C 401 -26.58 -0.82 -33.10
C ALA C 401 -25.71 -2.08 -33.20
N VAL C 402 -25.91 -2.85 -34.26
CA VAL C 402 -25.09 -4.03 -34.50
C VAL C 402 -24.52 -4.02 -35.91
N ILE C 403 -23.44 -4.76 -36.11
CA ILE C 403 -22.82 -4.99 -37.41
C ILE C 403 -23.17 -6.42 -37.86
N ASP C 404 -23.39 -6.60 -39.18
CA ASP C 404 -23.84 -7.87 -39.80
C ASP C 404 -22.75 -8.86 -40.29
N PHE C 405 -23.17 -10.10 -40.62
CA PHE C 405 -22.31 -11.28 -40.97
C PHE C 405 -20.80 -11.16 -40.61
N ILE C 411 -29.64 -12.01 -38.28
CA ILE C 411 -29.05 -10.83 -37.61
C ILE C 411 -29.09 -10.97 -36.07
N TYR C 412 -27.92 -10.73 -35.46
CA TYR C 412 -27.74 -10.97 -34.05
C TYR C 412 -27.61 -9.70 -33.24
N ASP C 413 -28.44 -9.61 -32.19
CA ASP C 413 -28.42 -8.46 -31.28
C ASP C 413 -27.17 -8.33 -30.36
N ASN C 414 -26.22 -9.29 -30.42
CA ASN C 414 -25.22 -9.49 -29.35
C ASN C 414 -23.88 -10.07 -29.78
N ARG C 415 -23.50 -9.91 -31.03
CA ARG C 415 -22.22 -10.45 -31.49
C ARG C 415 -21.23 -9.32 -31.67
N ILE C 416 -21.64 -8.27 -32.39
CA ILE C 416 -20.83 -7.08 -32.60
C ILE C 416 -21.73 -5.88 -32.35
N VAL C 417 -21.45 -5.09 -31.31
CA VAL C 417 -22.36 -4.11 -30.71
C VAL C 417 -21.77 -2.68 -30.73
N LEU C 418 -22.58 -1.65 -31.06
CA LEU C 418 -22.05 -0.28 -30.92
C LEU C 418 -22.87 0.50 -29.90
N ASN C 419 -22.18 1.33 -29.10
CA ASN C 419 -22.76 2.25 -28.12
C ASN C 419 -22.02 3.62 -28.10
N GLY C 420 -22.81 4.70 -28.03
CA GLY C 420 -22.26 6.04 -28.11
C GLY C 420 -23.27 7.11 -27.81
N ILE C 421 -22.85 8.23 -27.24
CA ILE C 421 -23.78 9.36 -27.00
C ILE C 421 -24.24 9.95 -28.36
N ASP C 422 -23.30 9.95 -29.31
CA ASP C 422 -23.49 10.47 -30.64
C ASP C 422 -23.61 9.36 -31.67
N LEU C 423 -24.12 8.19 -31.25
CA LEU C 423 -24.31 7.06 -32.18
C LEU C 423 -25.28 7.37 -33.35
N LYS C 424 -26.46 7.88 -32.99
CA LYS C 424 -27.50 8.26 -33.97
C LYS C 424 -26.93 9.09 -35.12
N ALA C 425 -26.19 10.15 -34.83
CA ALA C 425 -25.52 10.98 -35.84
C ALA C 425 -24.62 10.18 -36.81
N PHE C 426 -23.82 9.27 -36.23
CA PHE C 426 -22.98 8.40 -36.98
C PHE C 426 -23.84 7.49 -37.86
N LEU C 427 -24.84 6.82 -37.29
CA LEU C 427 -25.73 5.97 -38.11
C LEU C 427 -26.26 6.74 -39.35
N ASP C 428 -26.73 7.97 -39.11
CA ASP C 428 -27.30 8.80 -40.16
C ASP C 428 -26.20 9.35 -41.08
N SER C 429 -24.92 9.22 -40.72
CA SER C 429 -23.86 9.59 -41.65
C SER C 429 -23.63 8.45 -42.69
N LEU C 430 -24.27 7.32 -42.42
CA LEU C 430 -24.04 6.15 -43.22
C LEU C 430 -25.01 6.05 -44.41
N PRO C 431 -24.47 5.59 -45.57
CA PRO C 431 -25.27 5.22 -46.74
C PRO C 431 -26.50 4.29 -46.46
N ASP C 432 -26.30 3.22 -45.68
CA ASP C 432 -27.32 2.17 -45.56
C ASP C 432 -27.45 1.74 -44.11
N VAL C 433 -28.67 1.69 -43.56
CA VAL C 433 -28.92 1.23 -42.18
C VAL C 433 -30.35 0.71 -42.05
N LYS C 434 -30.54 -0.50 -41.52
CA LYS C 434 -31.91 -1.06 -41.43
C LYS C 434 -32.52 -1.30 -40.01
N ILE C 435 -33.38 -0.40 -39.63
CA ILE C 435 -33.86 -0.34 -38.25
C ILE C 435 -34.98 -1.37 -38.06
N VAL C 436 -34.80 -2.33 -37.15
CA VAL C 436 -35.75 -3.44 -36.94
C VAL C 436 -36.41 -3.43 -35.51
N ASN C 455 -36.71 -1.07 -31.62
CA ASN C 455 -35.99 -0.56 -32.79
C ASN C 455 -34.45 -0.72 -32.70
N MET C 456 -33.88 -1.62 -33.48
CA MET C 456 -32.44 -1.75 -33.42
C MET C 456 -31.76 -1.53 -34.75
N PRO C 457 -30.96 -0.47 -34.87
CA PRO C 457 -30.32 -0.19 -36.19
C PRO C 457 -29.34 -1.28 -36.51
N VAL C 458 -29.20 -1.60 -37.80
CA VAL C 458 -28.26 -2.62 -38.22
C VAL C 458 -27.31 -2.13 -39.34
N ILE C 459 -25.99 -2.15 -39.05
CA ILE C 459 -24.95 -1.82 -40.07
C ILE C 459 -24.52 -3.01 -40.97
N PRO C 460 -24.87 -2.95 -42.29
CA PRO C 460 -24.46 -3.95 -43.29
C PRO C 460 -22.96 -4.05 -43.44
N MET C 461 -22.51 -5.26 -43.79
CA MET C 461 -21.10 -5.56 -43.91
C MET C 461 -20.44 -4.86 -45.14
N ASN C 462 -19.97 -3.63 -44.93
CA ASN C 462 -19.24 -2.85 -45.94
C ASN C 462 -17.82 -2.51 -45.49
N THR C 463 -17.16 -1.64 -46.25
CA THR C 463 -15.78 -1.28 -45.99
C THR C 463 -15.67 -0.45 -44.68
N ILE C 464 -16.80 0.13 -44.25
CA ILE C 464 -17.02 0.67 -42.89
C ILE C 464 -16.87 -0.42 -41.81
N ALA C 465 -17.71 -1.46 -41.90
CA ALA C 465 -17.69 -2.58 -40.97
C ALA C 465 -16.40 -3.41 -41.01
N GLU C 466 -15.65 -3.30 -42.12
CA GLU C 466 -14.35 -3.99 -42.27
C GLU C 466 -13.27 -3.31 -41.44
N ALA C 467 -13.23 -1.97 -41.51
CA ALA C 467 -12.26 -1.17 -40.77
C ALA C 467 -12.50 -1.31 -39.27
N VAL C 468 -13.79 -1.43 -38.88
CA VAL C 468 -14.22 -1.73 -37.50
C VAL C 468 -13.68 -3.09 -37.09
N ILE C 469 -14.10 -4.16 -37.77
CA ILE C 469 -13.70 -5.50 -37.33
C ILE C 469 -12.19 -5.71 -37.41
N GLU C 470 -11.51 -5.09 -38.37
CA GLU C 470 -10.05 -5.19 -38.41
C GLU C 470 -9.31 -4.44 -37.26
N MET C 471 -9.88 -3.32 -36.80
CA MET C 471 -9.47 -2.69 -35.54
C MET C 471 -9.50 -3.66 -34.36
N ILE C 472 -10.59 -4.43 -34.27
CA ILE C 472 -10.78 -5.37 -33.19
C ILE C 472 -9.70 -6.44 -33.38
N ASN C 473 -9.53 -6.85 -34.64
CA ASN C 473 -8.60 -7.89 -35.04
C ASN C 473 -7.15 -7.59 -34.70
N ARG C 474 -6.67 -6.43 -35.13
CA ARG C 474 -5.33 -5.89 -34.74
C ARG C 474 -5.14 -5.56 -33.25
N GLY C 475 -6.25 -5.31 -32.52
CA GLY C 475 -6.20 -4.74 -31.18
C GLY C 475 -5.63 -3.32 -31.14
N GLN C 476 -5.85 -2.54 -32.21
CA GLN C 476 -5.48 -1.12 -32.14
C GLN C 476 -6.61 -0.32 -31.42
N ILE C 477 -6.24 0.82 -30.83
CA ILE C 477 -7.09 1.52 -29.85
C ILE C 477 -8.40 2.15 -30.36
N GLN C 478 -8.36 2.77 -31.55
CA GLN C 478 -9.45 3.57 -32.14
C GLN C 478 -9.18 3.90 -33.60
N ILE C 479 -10.22 4.34 -34.31
CA ILE C 479 -10.19 4.72 -35.73
C ILE C 479 -11.13 5.90 -35.91
N THR C 480 -11.00 6.59 -37.05
CA THR C 480 -11.93 7.64 -37.37
C THR C 480 -12.77 7.22 -38.56
N ILE C 481 -14.09 7.29 -38.44
CA ILE C 481 -15.01 7.14 -39.58
C ILE C 481 -15.90 8.39 -39.68
N ASN C 482 -15.94 9.03 -40.86
CA ASN C 482 -16.77 10.24 -41.07
C ASN C 482 -16.52 11.35 -40.02
N GLY C 483 -15.30 11.41 -39.50
CA GLY C 483 -14.98 12.34 -38.42
C GLY C 483 -15.34 11.88 -37.01
N PHE C 484 -16.01 10.73 -36.86
CA PHE C 484 -16.39 10.26 -35.53
C PHE C 484 -15.29 9.42 -34.92
N SER C 485 -15.23 9.41 -33.59
CA SER C 485 -14.41 8.45 -32.87
C SER C 485 -15.12 7.08 -32.79
N ILE C 486 -14.48 6.08 -33.35
CA ILE C 486 -14.92 4.73 -33.16
C ILE C 486 -13.76 4.16 -32.36
N SER C 487 -14.04 3.75 -31.12
CA SER C 487 -13.06 3.30 -30.07
C SER C 487 -13.24 1.83 -29.72
N ASN C 488 -12.13 1.16 -29.36
CA ASN C 488 -12.16 -0.26 -29.02
C ASN C 488 -12.56 -0.40 -27.55
N GLY C 489 -13.56 -1.22 -27.25
CA GLY C 489 -14.06 -1.38 -25.88
C GLY C 489 -13.05 -1.95 -24.94
N LEU C 490 -12.09 -2.69 -25.50
CA LEU C 490 -10.98 -3.21 -24.70
C LEU C 490 -9.96 -2.13 -24.24
N ALA C 491 -10.09 -0.92 -24.77
CA ALA C 491 -9.14 0.14 -24.53
C ALA C 491 -9.74 1.39 -23.95
N THR C 492 -10.75 1.29 -23.07
CA THR C 492 -11.41 2.48 -22.52
C THR C 492 -10.49 3.30 -21.65
N THR C 493 -9.78 2.63 -20.74
CA THR C 493 -8.81 3.26 -19.84
C THR C 493 -7.72 3.97 -20.59
N GLN C 494 -7.36 3.50 -21.77
CA GLN C 494 -6.36 4.25 -22.56
C GLN C 494 -6.91 5.58 -23.02
N ILE C 495 -8.16 5.59 -23.48
CA ILE C 495 -8.78 6.77 -24.09
C ILE C 495 -9.31 7.81 -23.09
N ASN C 496 -10.12 7.37 -22.12
CA ASN C 496 -10.56 8.21 -21.03
C ASN C 496 -10.75 7.33 -19.78
N ASN C 497 -9.80 7.45 -18.83
CA ASN C 497 -9.86 6.65 -17.60
C ASN C 497 -11.15 6.78 -16.75
N LYS C 498 -11.53 8.01 -16.44
CA LYS C 498 -12.75 8.29 -15.71
C LYS C 498 -14.00 7.79 -16.41
N ALA C 499 -13.94 7.61 -17.74
CA ALA C 499 -15.04 6.92 -18.43
C ALA C 499 -15.07 5.44 -18.01
N ALA C 500 -13.94 4.79 -18.08
CA ALA C 500 -13.84 3.39 -17.64
C ALA C 500 -14.31 3.12 -16.24
N THR C 501 -13.97 3.97 -15.29
CA THR C 501 -14.44 3.77 -13.91
C THR C 501 -15.91 4.11 -13.67
N GLY C 502 -16.61 4.72 -14.66
CA GLY C 502 -17.96 5.31 -14.51
C GLY C 502 -18.05 6.73 -13.88
N GLU C 503 -16.91 7.33 -13.53
CA GLU C 503 -16.85 8.77 -13.22
C GLU C 503 -17.30 9.78 -14.31
N GLU C 504 -17.18 9.42 -15.60
CA GLU C 504 -17.56 10.28 -16.72
C GLU C 504 -18.30 9.41 -17.73
N VAL C 505 -19.39 9.88 -18.32
CA VAL C 505 -19.96 9.27 -19.52
C VAL C 505 -18.93 9.31 -20.69
N PRO C 506 -18.76 8.20 -21.44
CA PRO C 506 -17.77 8.22 -22.52
C PRO C 506 -18.16 9.16 -23.61
N ARG C 507 -17.19 9.72 -24.27
CA ARG C 507 -17.47 10.72 -25.32
C ARG C 507 -17.02 10.27 -26.73
N THR C 508 -16.86 8.96 -26.93
CA THR C 508 -16.55 8.37 -28.24
C THR C 508 -17.62 7.29 -28.50
N ILE C 509 -17.66 6.72 -29.73
CA ILE C 509 -18.49 5.54 -30.02
C ILE C 509 -17.73 4.25 -29.79
N ILE C 510 -18.23 3.41 -28.89
CA ILE C 510 -17.49 2.19 -28.43
C ILE C 510 -18.03 0.88 -29.05
N VAL C 511 -17.08 0.03 -29.46
CA VAL C 511 -17.36 -1.23 -30.16
C VAL C 511 -17.10 -2.39 -29.20
N THR C 512 -18.09 -3.25 -29.05
CA THR C 512 -18.06 -4.40 -28.14
C THR C 512 -18.37 -5.62 -29.01
N THR C 513 -17.54 -6.66 -28.97
CA THR C 513 -17.75 -7.84 -29.84
C THR C 513 -17.49 -9.10 -29.05
N ARG C 514 -18.11 -10.22 -29.40
CA ARG C 514 -17.73 -11.47 -28.75
C ARG C 514 -16.27 -11.91 -29.05
N SER C 515 -15.77 -11.60 -30.26
CA SER C 515 -14.37 -11.97 -30.62
C SER C 515 -13.29 -11.45 -29.64
N GLN C 516 -13.47 -10.25 -29.10
CA GLN C 516 -12.67 -9.68 -27.99
C GLN C 516 -12.62 -10.55 -26.78
N TYR C 517 -13.67 -11.31 -26.50
CA TYR C 517 -13.69 -12.15 -25.29
C TYR C 517 -13.48 -13.63 -25.50
N GLY C 518 -13.38 -14.04 -26.77
CA GLY C 518 -13.23 -15.45 -27.13
C GLY C 518 -14.55 -16.18 -26.98
N LEU C 519 -15.65 -15.42 -27.00
CA LEU C 519 -16.97 -15.99 -27.07
C LEU C 519 -17.28 -16.42 -28.55
N PRO C 520 -18.02 -17.51 -28.73
CA PRO C 520 -18.31 -18.00 -30.08
C PRO C 520 -19.39 -17.21 -30.87
N GLU C 521 -19.25 -17.08 -32.18
CA GLU C 521 -20.22 -16.21 -32.81
C GLU C 521 -21.47 -16.99 -33.24
N ASP C 522 -21.47 -18.30 -32.99
CA ASP C 522 -22.55 -19.16 -33.47
C ASP C 522 -23.20 -20.09 -32.39
N ALA C 523 -23.30 -19.58 -31.17
CA ALA C 523 -23.72 -20.37 -30.02
C ALA C 523 -24.24 -19.46 -28.92
N ILE C 524 -25.14 -20.01 -28.11
CA ILE C 524 -25.66 -19.35 -26.90
C ILE C 524 -24.55 -19.10 -25.82
N VAL C 525 -24.53 -17.89 -25.22
CA VAL C 525 -23.65 -17.51 -24.13
C VAL C 525 -24.42 -17.31 -22.79
N TYR C 526 -24.13 -18.14 -21.79
CA TYR C 526 -24.58 -17.96 -20.40
C TYR C 526 -23.47 -17.21 -19.70
N CYS C 527 -23.80 -16.25 -18.84
CA CYS C 527 -22.78 -15.63 -18.00
C CYS C 527 -23.25 -15.63 -16.55
N ASN C 528 -22.25 -15.73 -15.65
CA ASN C 528 -22.36 -15.13 -14.29
C ASN C 528 -21.13 -14.32 -14.06
N PHE C 529 -21.32 -13.08 -13.64
CA PHE C 529 -20.24 -12.09 -13.54
C PHE C 529 -19.83 -11.74 -12.10
N ASN C 530 -20.25 -12.55 -11.13
CA ASN C 530 -19.91 -12.33 -9.71
C ASN C 530 -18.54 -12.82 -9.35
N GLN C 531 -18.09 -12.41 -8.17
CA GLN C 531 -16.99 -13.09 -7.56
C GLN C 531 -17.37 -14.57 -7.34
N LEU C 532 -16.36 -15.42 -7.57
CA LEU C 532 -16.51 -16.86 -7.62
C LEU C 532 -16.91 -17.45 -6.29
N TYR C 533 -16.68 -16.72 -5.21
CA TYR C 533 -17.06 -17.21 -3.88
C TYR C 533 -18.52 -17.55 -3.69
N LYS C 534 -19.36 -17.13 -4.61
CA LYS C 534 -20.78 -17.26 -4.41
C LYS C 534 -21.30 -18.52 -5.13
N ILE C 535 -20.50 -19.01 -6.09
CA ILE C 535 -20.66 -20.36 -6.67
C ILE C 535 -20.31 -21.36 -5.56
N ASP C 536 -21.10 -22.45 -5.52
CA ASP C 536 -20.80 -23.65 -4.72
C ASP C 536 -20.98 -24.93 -5.57
N PRO C 537 -20.72 -26.12 -5.00
CA PRO C 537 -21.00 -27.41 -5.63
C PRO C 537 -22.40 -27.52 -6.35
N SER C 538 -23.49 -27.41 -5.58
CA SER C 538 -24.87 -27.41 -6.09
CA SER C 538 -24.84 -27.46 -6.12
C SER C 538 -24.99 -26.57 -7.36
N THR C 539 -24.69 -25.27 -7.22
CA THR C 539 -24.75 -24.30 -8.30
C THR C 539 -23.97 -24.75 -9.53
N LEU C 540 -22.72 -25.19 -9.39
CA LEU C 540 -21.99 -25.63 -10.55
C LEU C 540 -22.67 -26.83 -11.22
N GLN C 541 -23.31 -27.68 -10.40
CA GLN C 541 -24.01 -28.85 -10.90
C GLN C 541 -25.17 -28.39 -11.82
N MET C 542 -25.98 -27.44 -11.31
CA MET C 542 -27.10 -26.87 -12.10
C MET C 542 -26.57 -26.36 -13.43
N TRP C 543 -25.55 -25.52 -13.43
CA TRP C 543 -25.00 -24.95 -14.67
C TRP C 543 -24.51 -26.01 -15.68
N ALA C 544 -23.90 -27.06 -15.12
CA ALA C 544 -23.37 -28.14 -15.89
C ALA C 544 -24.54 -28.88 -16.52
N ASN C 545 -25.63 -29.07 -15.76
CA ASN C 545 -26.84 -29.71 -16.33
C ASN C 545 -27.35 -29.00 -17.60
N ILE C 546 -27.68 -27.72 -17.41
CA ILE C 546 -28.01 -26.76 -18.45
C ILE C 546 -27.02 -26.87 -19.62
N LEU C 547 -25.73 -26.84 -19.33
CA LEU C 547 -24.73 -26.90 -20.39
C LEU C 547 -24.70 -28.19 -21.23
N LYS C 548 -25.18 -29.27 -20.63
CA LYS C 548 -25.23 -30.57 -21.32
C LYS C 548 -26.51 -30.73 -22.12
N ARG C 549 -27.62 -30.16 -21.62
CA ARG C 549 -28.85 -30.04 -22.44
C ARG C 549 -28.71 -29.02 -23.56
N VAL C 550 -27.82 -28.06 -23.44
CA VAL C 550 -27.73 -27.11 -24.52
C VAL C 550 -26.38 -27.12 -25.22
N PRO C 551 -26.16 -28.11 -26.11
CA PRO C 551 -24.79 -28.42 -26.58
C PRO C 551 -24.13 -27.22 -27.22
N ASN C 552 -24.93 -26.30 -27.71
CA ASN C 552 -24.37 -25.20 -28.46
C ASN C 552 -24.14 -23.99 -27.54
N SER C 553 -23.29 -24.14 -26.51
CA SER C 553 -23.20 -23.11 -25.48
C SER C 553 -22.00 -23.15 -24.55
N VAL C 554 -21.69 -21.96 -24.06
CA VAL C 554 -20.55 -21.66 -23.30
C VAL C 554 -21.09 -20.92 -22.08
N LEU C 555 -20.59 -21.24 -20.88
CA LEU C 555 -20.89 -20.46 -19.64
C LEU C 555 -19.70 -19.56 -19.39
N TRP C 556 -19.99 -18.26 -19.22
CA TRP C 556 -18.97 -17.19 -19.22
C TRP C 556 -18.79 -16.73 -17.85
N LEU C 557 -17.59 -17.01 -17.34
CA LEU C 557 -17.22 -16.53 -16.01
C LEU C 557 -15.94 -15.70 -16.03
N LEU C 558 -15.64 -15.16 -14.86
CA LEU C 558 -14.50 -14.25 -14.65
C LEU C 558 -13.55 -14.76 -13.62
N ARG C 559 -12.32 -14.28 -13.79
CA ARG C 559 -11.21 -14.60 -12.95
C ARG C 559 -11.37 -13.66 -11.83
N PHE C 560 -12.18 -14.05 -10.87
CA PHE C 560 -12.48 -13.20 -9.74
C PHE C 560 -12.49 -14.04 -8.44
N PRO C 561 -11.30 -14.49 -7.96
CA PRO C 561 -9.97 -14.28 -8.57
C PRO C 561 -9.60 -15.34 -9.58
N ALA C 562 -8.69 -15.03 -10.49
CA ALA C 562 -8.07 -16.04 -11.38
C ALA C 562 -7.57 -17.35 -10.65
N VAL C 563 -7.11 -17.26 -9.40
CA VAL C 563 -6.68 -18.46 -8.64
C VAL C 563 -7.79 -19.48 -8.23
N GLY C 564 -9.05 -19.16 -8.50
CA GLY C 564 -10.16 -20.12 -8.42
C GLY C 564 -10.61 -20.75 -9.76
N GLU C 565 -10.01 -20.33 -10.86
CA GLU C 565 -10.35 -20.82 -12.18
C GLU C 565 -9.98 -22.29 -12.34
N PRO C 566 -8.75 -22.72 -11.93
CA PRO C 566 -8.47 -24.12 -12.15
C PRO C 566 -9.41 -25.06 -11.40
N ASN C 567 -9.80 -24.65 -10.19
CA ASN C 567 -10.74 -25.40 -9.38
C ASN C 567 -12.05 -25.62 -10.07
N ILE C 568 -12.63 -24.50 -10.55
CA ILE C 568 -13.94 -24.48 -11.19
C ILE C 568 -13.92 -25.46 -12.37
N GLN C 569 -12.92 -25.34 -13.22
CA GLN C 569 -12.83 -26.18 -14.37
C GLN C 569 -12.61 -27.64 -14.07
N GLN C 570 -11.73 -27.95 -13.09
CA GLN C 570 -11.57 -29.30 -12.52
C GLN C 570 -12.91 -29.89 -12.10
N TYR C 571 -13.63 -29.17 -11.24
CA TYR C 571 -14.92 -29.65 -10.77
C TYR C 571 -15.94 -29.74 -11.88
N ALA C 572 -15.83 -28.86 -12.87
CA ALA C 572 -16.74 -28.92 -14.00
C ALA C 572 -16.50 -30.22 -14.78
N GLN C 573 -15.23 -30.54 -15.02
CA GLN C 573 -14.87 -31.72 -15.79
C GLN C 573 -15.19 -33.07 -15.12
N ASN C 574 -15.40 -33.06 -13.80
CA ASN C 574 -15.95 -34.18 -13.02
C ASN C 574 -17.43 -34.44 -13.26
N MET C 575 -18.06 -33.63 -14.09
CA MET C 575 -19.49 -33.69 -14.21
C MET C 575 -19.82 -33.96 -15.69
N GLY C 576 -18.77 -34.30 -16.44
CA GLY C 576 -18.86 -34.59 -17.86
C GLY C 576 -19.00 -33.32 -18.67
N LEU C 577 -18.03 -32.42 -18.56
CA LEU C 577 -18.08 -31.18 -19.31
C LEU C 577 -16.70 -30.80 -19.84
N PRO C 578 -16.47 -30.93 -21.16
CA PRO C 578 -15.16 -30.55 -21.82
C PRO C 578 -14.67 -29.11 -21.51
N GLN C 579 -13.39 -28.79 -21.74
CA GLN C 579 -12.86 -27.44 -21.36
C GLN C 579 -13.18 -26.29 -22.32
N ASN C 580 -13.58 -26.57 -23.56
CA ASN C 580 -14.20 -25.54 -24.44
C ASN C 580 -15.53 -24.90 -23.92
N ARG C 581 -16.14 -25.48 -22.89
CA ARG C 581 -17.47 -25.07 -22.43
C ARG C 581 -17.53 -23.88 -21.43
N ILE C 582 -16.62 -23.80 -20.47
CA ILE C 582 -16.68 -22.66 -19.56
C ILE C 582 -15.62 -21.67 -19.98
N ILE C 583 -16.02 -20.46 -20.33
CA ILE C 583 -15.01 -19.40 -20.64
C ILE C 583 -14.79 -18.40 -19.52
N PHE C 584 -13.51 -18.12 -19.30
CA PHE C 584 -13.04 -17.13 -18.36
C PHE C 584 -12.45 -15.94 -19.10
N SER C 585 -12.70 -14.77 -18.55
CA SER C 585 -12.05 -13.54 -18.99
C SER C 585 -11.73 -12.74 -17.74
N PRO C 586 -10.87 -11.71 -17.86
CA PRO C 586 -10.47 -11.03 -16.61
C PRO C 586 -11.55 -10.09 -16.14
N VAL C 587 -11.56 -9.75 -14.87
CA VAL C 587 -12.33 -8.64 -14.38
C VAL C 587 -12.00 -7.37 -15.15
N ALA C 588 -13.05 -6.60 -15.43
CA ALA C 588 -12.92 -5.39 -16.26
C ALA C 588 -13.25 -4.14 -15.46
N PRO C 589 -12.65 -3.01 -15.86
CA PRO C 589 -13.01 -1.75 -15.22
C PRO C 589 -14.50 -1.60 -15.36
N LYS C 590 -15.19 -1.00 -14.38
CA LYS C 590 -16.65 -0.83 -14.32
C LYS C 590 -17.41 -0.66 -15.62
N GLU C 591 -16.97 0.26 -16.48
CA GLU C 591 -17.85 0.57 -17.60
C GLU C 591 -17.77 -0.58 -18.62
N GLU C 592 -16.57 -1.17 -18.80
CA GLU C 592 -16.37 -2.34 -19.69
C GLU C 592 -17.26 -3.49 -19.29
N HIS C 593 -17.27 -3.78 -17.98
CA HIS C 593 -18.15 -4.80 -17.39
C HIS C 593 -19.59 -4.62 -17.90
N VAL C 594 -20.15 -3.45 -17.71
CA VAL C 594 -21.58 -3.24 -17.85
C VAL C 594 -21.92 -3.36 -19.33
N ARG C 595 -21.19 -2.64 -20.16
CA ARG C 595 -21.17 -2.80 -21.61
C ARG C 595 -21.09 -4.24 -22.10
N ARG C 596 -20.10 -5.02 -21.64
CA ARG C 596 -19.89 -6.41 -22.16
C ARG C 596 -21.07 -7.39 -21.83
N GLY C 597 -21.94 -7.06 -20.85
CA GLY C 597 -23.16 -7.84 -20.57
C GLY C 597 -24.04 -7.89 -21.83
N GLN C 598 -23.86 -6.91 -22.72
CA GLN C 598 -24.49 -6.96 -24.04
C GLN C 598 -24.09 -8.17 -24.89
N LEU C 599 -22.98 -8.84 -24.58
CA LEU C 599 -22.55 -9.93 -25.44
C LEU C 599 -23.21 -11.28 -25.08
N ALA C 600 -23.78 -11.28 -23.88
CA ALA C 600 -24.35 -12.44 -23.26
C ALA C 600 -25.75 -12.60 -23.76
N ASP C 601 -26.31 -13.81 -23.62
CA ASP C 601 -27.67 -14.09 -24.01
C ASP C 601 -28.52 -14.09 -22.78
N VAL C 602 -27.98 -14.64 -21.70
CA VAL C 602 -28.74 -14.96 -20.50
C VAL C 602 -27.73 -15.05 -19.37
N CYS C 603 -28.14 -14.57 -18.22
CA CYS C 603 -27.24 -14.65 -17.13
C CYS C 603 -27.85 -15.58 -16.07
N LEU C 604 -26.98 -16.48 -15.59
CA LEU C 604 -27.35 -17.47 -14.62
C LEU C 604 -26.95 -16.98 -13.22
N ASP C 605 -27.94 -16.66 -12.39
CA ASP C 605 -27.72 -16.12 -11.06
C ASP C 605 -27.40 -17.21 -10.04
N THR C 606 -26.44 -16.90 -9.17
CA THR C 606 -26.01 -17.71 -8.05
C THR C 606 -27.10 -17.81 -6.94
N PRO C 607 -27.65 -19.01 -6.76
CA PRO C 607 -28.77 -19.13 -5.78
C PRO C 607 -28.37 -18.85 -4.33
N LEU C 608 -27.10 -19.14 -4.00
CA LEU C 608 -26.54 -19.08 -2.66
C LEU C 608 -26.52 -17.66 -2.08
N CYS C 609 -25.88 -16.79 -2.86
CA CYS C 609 -25.88 -15.37 -2.65
C CYS C 609 -26.05 -14.80 -4.06
N ASN C 610 -27.13 -14.05 -4.28
CA ASN C 610 -27.35 -13.43 -5.60
C ASN C 610 -26.36 -12.27 -6.00
N GLY C 611 -26.25 -11.98 -7.31
CA GLY C 611 -25.79 -10.68 -7.80
C GLY C 611 -26.64 -9.58 -7.16
N HIS C 612 -25.99 -8.56 -6.62
CA HIS C 612 -26.72 -7.47 -6.03
C HIS C 612 -26.43 -6.34 -6.97
N THR C 613 -25.37 -5.59 -6.75
CA THR C 613 -24.87 -4.70 -7.79
C THR C 613 -24.81 -5.39 -9.20
N THR C 614 -24.26 -6.60 -9.20
CA THR C 614 -23.97 -7.38 -10.38
C THR C 614 -25.23 -7.71 -11.11
N GLY C 615 -26.31 -7.95 -10.35
CA GLY C 615 -27.66 -8.06 -10.92
C GLY C 615 -28.16 -6.86 -11.73
N MET C 616 -28.32 -5.70 -11.07
CA MET C 616 -28.64 -4.45 -11.77
C MET C 616 -27.72 -4.18 -12.95
N ASP C 617 -26.45 -4.59 -12.86
CA ASP C 617 -25.50 -4.44 -13.98
C ASP C 617 -25.92 -5.19 -15.21
N VAL C 618 -26.40 -6.41 -15.03
CA VAL C 618 -26.68 -7.21 -16.18
C VAL C 618 -28.04 -6.80 -16.78
N LEU C 619 -28.98 -6.45 -15.89
CA LEU C 619 -30.29 -5.99 -16.31
C LEU C 619 -30.11 -4.75 -17.18
N TRP C 620 -29.27 -3.83 -16.73
CA TRP C 620 -28.93 -2.65 -17.53
C TRP C 620 -28.47 -2.93 -19.03
N ALA C 621 -27.64 -3.96 -19.28
CA ALA C 621 -27.22 -4.38 -20.65
C ALA C 621 -28.34 -4.98 -21.51
N GLY C 622 -29.49 -5.20 -20.85
CA GLY C 622 -30.59 -5.84 -21.52
C GLY C 622 -30.47 -7.37 -21.61
N THR C 623 -30.06 -7.98 -20.49
CA THR C 623 -29.79 -9.39 -20.44
C THR C 623 -30.64 -10.05 -19.38
N PRO C 624 -31.50 -10.99 -19.79
CA PRO C 624 -32.32 -11.61 -18.76
C PRO C 624 -31.52 -12.46 -17.77
N MET C 625 -31.98 -12.47 -16.54
CA MET C 625 -31.29 -13.17 -15.51
C MET C 625 -32.20 -14.23 -14.95
N VAL C 626 -31.67 -15.44 -14.78
CA VAL C 626 -32.50 -16.51 -14.24
C VAL C 626 -32.04 -16.68 -12.81
N THR C 627 -32.98 -16.58 -11.86
CA THR C 627 -32.68 -16.71 -10.43
C THR C 627 -33.55 -17.78 -9.78
N MET C 628 -33.05 -18.34 -8.67
CA MET C 628 -33.80 -19.21 -7.75
C MET C 628 -33.67 -18.64 -6.31
N PRO C 629 -34.66 -17.82 -5.90
CA PRO C 629 -34.58 -17.17 -4.59
C PRO C 629 -34.60 -18.21 -3.50
N GLY C 630 -33.73 -18.07 -2.53
CA GLY C 630 -33.69 -18.97 -1.40
C GLY C 630 -34.35 -18.36 -0.17
N GLU C 631 -33.63 -18.38 0.97
CA GLU C 631 -34.19 -18.16 2.31
C GLU C 631 -33.66 -16.89 2.96
N THR C 632 -32.33 -16.82 2.98
CA THR C 632 -31.57 -15.64 3.35
C THR C 632 -31.78 -14.47 2.37
N LEU C 633 -31.94 -13.24 2.89
CA LEU C 633 -32.09 -12.02 2.06
C LEU C 633 -31.11 -11.92 0.89
N ALA C 634 -29.81 -12.19 1.12
CA ALA C 634 -28.83 -12.33 0.03
C ALA C 634 -29.24 -13.27 -1.12
N SER C 635 -30.18 -14.19 -0.85
CA SER C 635 -30.64 -15.10 -1.91
C SER C 635 -32.02 -14.71 -2.52
N ARG C 636 -32.56 -13.57 -2.11
CA ARG C 636 -33.89 -13.17 -2.60
C ARG C 636 -33.84 -11.86 -3.41
N VAL C 637 -32.63 -11.36 -3.67
CA VAL C 637 -32.45 -10.05 -4.27
C VAL C 637 -32.72 -10.03 -5.77
N ALA C 638 -32.07 -10.93 -6.53
CA ALA C 638 -32.21 -10.89 -8.00
C ALA C 638 -33.68 -11.06 -8.32
N ALA C 639 -34.38 -11.75 -7.40
CA ALA C 639 -35.80 -12.03 -7.54
C ALA C 639 -36.61 -10.77 -7.33
N SER C 640 -36.21 -9.98 -6.34
CA SER C 640 -36.81 -8.67 -6.06
C SER C 640 -36.66 -7.71 -7.24
N GLN C 641 -35.43 -7.56 -7.72
CA GLN C 641 -35.12 -6.79 -8.92
C GLN C 641 -36.04 -7.24 -10.12
N LEU C 642 -36.25 -8.56 -10.31
CA LEU C 642 -37.05 -9.04 -11.45
C LEU C 642 -38.57 -8.86 -11.30
N THR C 643 -39.08 -9.08 -10.08
CA THR C 643 -40.47 -8.72 -9.76
C THR C 643 -40.72 -7.26 -10.14
N CYS C 644 -39.81 -6.35 -9.71
CA CYS C 644 -39.88 -4.92 -10.09
C CYS C 644 -39.83 -4.70 -11.62
N LEU C 645 -38.77 -5.20 -12.25
CA LEU C 645 -38.61 -5.16 -13.69
C LEU C 645 -39.80 -5.77 -14.44
N GLY C 646 -40.47 -6.75 -13.81
CA GLY C 646 -41.64 -7.42 -14.36
C GLY C 646 -41.41 -8.70 -15.18
N CYS C 647 -40.44 -9.54 -14.80
CA CYS C 647 -40.20 -10.83 -15.42
C CYS C 647 -40.40 -11.90 -14.39
N LEU C 648 -41.66 -12.19 -14.10
CA LEU C 648 -41.98 -13.27 -13.18
C LEU C 648 -41.59 -14.64 -13.75
N GLU C 649 -41.42 -14.70 -15.07
CA GLU C 649 -41.11 -15.92 -15.84
C GLU C 649 -39.69 -16.44 -15.55
N LEU C 650 -38.85 -15.56 -15.00
CA LEU C 650 -37.44 -15.86 -14.82
C LEU C 650 -37.13 -16.26 -13.40
N ILE C 651 -38.15 -16.24 -12.56
CA ILE C 651 -38.00 -16.53 -11.14
C ILE C 651 -38.36 -18.01 -10.94
N ALA C 652 -37.37 -18.82 -10.55
CA ALA C 652 -37.52 -20.27 -10.36
C ALA C 652 -37.87 -20.69 -8.92
N LYS C 653 -38.86 -21.59 -8.80
CA LYS C 653 -39.27 -22.13 -7.47
C LYS C 653 -38.35 -23.26 -6.86
N ASN C 654 -37.56 -23.94 -7.71
CA ASN C 654 -36.67 -25.06 -7.35
C ASN C 654 -35.68 -25.32 -8.49
N ARG C 655 -34.75 -26.25 -8.29
CA ARG C 655 -33.70 -26.55 -9.28
C ARG C 655 -34.20 -26.97 -10.65
N GLN C 656 -35.08 -27.96 -10.67
CA GLN C 656 -35.66 -28.40 -11.93
C GLN C 656 -36.29 -27.21 -12.69
N GLU C 657 -37.07 -26.39 -11.95
CA GLU C 657 -37.60 -25.11 -12.48
C GLU C 657 -36.47 -24.20 -13.05
N TYR C 658 -35.40 -23.98 -12.28
CA TYR C 658 -34.26 -23.14 -12.69
C TYR C 658 -33.67 -23.62 -14.03
N GLU C 659 -33.23 -24.88 -14.04
CA GLU C 659 -32.55 -25.42 -15.21
C GLU C 659 -33.51 -25.40 -16.38
N ASP C 660 -34.81 -25.62 -16.13
CA ASP C 660 -35.80 -25.62 -17.25
C ASP C 660 -35.94 -24.27 -17.92
N ILE C 661 -36.09 -23.23 -17.08
CA ILE C 661 -36.10 -21.84 -17.52
C ILE C 661 -34.90 -21.47 -18.41
N ALA C 662 -33.70 -21.83 -17.97
CA ALA C 662 -32.52 -21.48 -18.73
C ALA C 662 -32.27 -22.33 -20.03
N VAL C 663 -32.62 -23.62 -19.97
CA VAL C 663 -32.57 -24.46 -21.20
C VAL C 663 -33.66 -23.95 -22.21
N LYS C 664 -34.85 -23.66 -21.68
CA LYS C 664 -35.87 -23.01 -22.48
C LYS C 664 -35.29 -21.78 -23.24
N LEU C 665 -34.62 -20.86 -22.49
CA LEU C 665 -34.10 -19.61 -23.00
C LEU C 665 -32.99 -19.81 -24.02
N GLY C 666 -32.20 -20.86 -23.84
CA GLY C 666 -31.14 -21.22 -24.78
C GLY C 666 -31.58 -22.11 -25.97
N THR C 667 -32.80 -22.65 -25.94
CA THR C 667 -33.28 -23.37 -27.16
C THR C 667 -34.46 -22.74 -27.96
N ASP C 668 -35.46 -22.24 -27.22
CA ASP C 668 -36.64 -21.54 -27.78
C ASP C 668 -36.23 -20.09 -28.19
N LEU C 669 -35.44 -19.98 -29.29
CA LEU C 669 -34.74 -18.74 -29.65
C LEU C 669 -35.63 -17.51 -29.67
N GLU C 670 -36.85 -17.65 -30.22
CA GLU C 670 -37.78 -16.53 -30.32
C GLU C 670 -38.35 -16.18 -28.99
N TYR C 671 -38.50 -17.16 -28.08
CA TYR C 671 -38.78 -16.85 -26.66
C TYR C 671 -37.65 -15.97 -26.06
N LEU C 672 -36.41 -16.24 -26.47
CA LEU C 672 -35.27 -15.43 -26.00
C LEU C 672 -35.34 -14.00 -26.60
N LYS C 673 -35.51 -13.87 -27.92
CA LYS C 673 -35.86 -12.55 -28.52
C LYS C 673 -37.05 -11.82 -27.82
N LYS C 674 -38.09 -12.58 -27.52
CA LYS C 674 -39.19 -12.03 -26.72
C LYS C 674 -38.71 -11.53 -25.35
N VAL C 675 -37.97 -12.37 -24.60
CA VAL C 675 -37.66 -12.00 -23.21
C VAL C 675 -36.67 -10.83 -23.12
N ARG C 676 -35.61 -10.90 -23.90
CA ARG C 676 -34.66 -9.80 -24.15
C ARG C 676 -35.30 -8.47 -24.48
N GLY C 677 -36.13 -8.49 -25.53
CA GLY C 677 -37.07 -7.38 -25.82
C GLY C 677 -37.81 -6.92 -24.60
N LYS C 678 -38.34 -7.83 -23.80
CA LYS C 678 -39.12 -7.42 -22.64
C LYS C 678 -38.18 -6.70 -21.56
N VAL C 679 -37.00 -7.27 -21.30
CA VAL C 679 -36.06 -6.68 -20.35
C VAL C 679 -35.55 -5.34 -20.89
N TRP C 680 -35.19 -5.30 -22.17
CA TRP C 680 -34.58 -4.14 -22.73
C TRP C 680 -35.47 -2.89 -22.70
N LYS C 681 -36.77 -3.03 -22.89
CA LYS C 681 -37.67 -1.93 -22.69
C LYS C 681 -37.97 -1.67 -21.21
N GLN C 682 -38.23 -2.71 -20.41
CA GLN C 682 -38.64 -2.48 -19.00
C GLN C 682 -37.66 -1.86 -17.99
N ARG C 683 -36.37 -1.92 -18.30
CA ARG C 683 -35.35 -1.24 -17.50
C ARG C 683 -35.58 0.28 -17.57
N ILE C 684 -35.99 0.80 -18.75
CA ILE C 684 -36.43 2.19 -18.85
C ILE C 684 -37.85 2.41 -18.30
N SER C 685 -38.77 1.51 -18.57
CA SER C 685 -40.14 1.87 -18.27
C SER C 685 -40.57 1.44 -16.89
N SER C 686 -39.81 0.60 -16.23
CA SER C 686 -40.23 0.16 -14.87
C SER C 686 -39.53 1.03 -13.81
N PRO C 687 -39.98 0.93 -12.52
CA PRO C 687 -39.30 1.67 -11.38
C PRO C 687 -37.82 1.30 -11.09
N LEU C 688 -37.30 0.27 -11.75
CA LEU C 688 -36.03 -0.34 -11.34
C LEU C 688 -34.87 0.64 -11.28
N PHE C 689 -34.71 1.39 -12.38
CA PHE C 689 -33.60 2.28 -12.62
C PHE C 689 -33.89 3.78 -12.44
N ASN C 690 -35.00 4.05 -11.78
CA ASN C 690 -35.61 5.33 -11.68
C ASN C 690 -35.41 5.88 -10.30
N THR C 691 -34.31 6.59 -10.19
CA THR C 691 -33.79 7.09 -8.93
C THR C 691 -34.75 8.10 -8.33
N LYS C 692 -35.38 8.91 -9.17
CA LYS C 692 -36.47 9.82 -8.74
C LYS C 692 -37.73 9.20 -8.09
N GLN C 693 -38.39 8.29 -8.81
CA GLN C 693 -39.45 7.52 -8.23
C GLN C 693 -38.96 6.84 -6.94
N TYR C 694 -37.75 6.25 -6.99
CA TYR C 694 -37.18 5.59 -5.83
C TYR C 694 -37.12 6.55 -4.62
N THR C 695 -36.59 7.75 -4.84
CA THR C 695 -36.32 8.69 -3.73
C THR C 695 -37.60 9.18 -3.09
N MET C 696 -38.54 9.54 -3.95
CA MET C 696 -39.85 9.93 -3.55
C MET C 696 -40.58 8.85 -2.74
N GLU C 697 -40.49 7.58 -3.16
CA GLU C 697 -41.19 6.58 -2.39
C GLU C 697 -40.47 6.27 -1.11
N LEU C 698 -39.14 6.33 -1.16
CA LEU C 698 -38.32 6.28 0.05
C LEU C 698 -38.70 7.38 1.02
N GLU C 699 -39.02 8.57 0.50
CA GLU C 699 -39.43 9.71 1.34
C GLU C 699 -40.75 9.47 2.09
N ARG C 700 -41.70 8.85 1.40
CA ARG C 700 -42.97 8.46 1.94
C ARG C 700 -42.76 7.52 3.13
N LEU C 701 -41.82 6.57 2.97
CA LEU C 701 -41.57 5.53 4.00
C LEU C 701 -40.95 6.09 5.24
N TYR C 702 -40.11 7.11 5.06
CA TYR C 702 -39.51 7.86 6.17
C TYR C 702 -40.55 8.61 6.98
N LEU C 703 -41.43 9.38 6.33
CA LEU C 703 -42.48 10.13 7.04
C LEU C 703 -43.38 9.20 7.85
N GLN C 704 -43.84 8.13 7.20
CA GLN C 704 -44.46 6.97 7.84
C GLN C 704 -43.76 6.53 9.15
N MET C 705 -42.42 6.51 9.12
CA MET C 705 -41.65 6.07 10.27
C MET C 705 -41.64 7.17 11.31
N TRP C 706 -41.77 8.43 10.87
CA TRP C 706 -41.75 9.54 11.82
C TRP C 706 -43.10 9.68 12.55
N GLU C 707 -44.20 9.75 11.78
CA GLU C 707 -45.59 9.71 12.28
C GLU C 707 -45.81 8.70 13.40
N HIS C 708 -45.20 7.52 13.24
CA HIS C 708 -45.33 6.44 14.18
C HIS C 708 -44.64 6.81 15.49
N TYR C 709 -43.35 7.17 15.41
CA TYR C 709 -42.61 7.61 16.60
C TYR C 709 -43.22 8.89 17.18
N ALA C 710 -43.85 9.71 16.33
CA ALA C 710 -44.47 10.98 16.74
C ALA C 710 -45.51 10.82 17.88
N ALA C 711 -46.31 9.74 17.84
CA ALA C 711 -47.30 9.46 18.91
C ALA C 711 -46.70 9.08 20.29
N ASN C 713 -45.72 5.93 19.87
CA ASN C 713 -45.60 4.48 19.76
C ASN C 713 -44.18 4.08 19.35
N LYS C 714 -43.77 2.86 19.70
CA LYS C 714 -42.43 2.35 19.36
C LYS C 714 -42.37 1.66 18.00
N PRO C 715 -41.15 1.52 17.41
CA PRO C 715 -41.02 0.89 16.09
C PRO C 715 -41.81 -0.41 15.82
N ASP C 716 -42.56 -0.42 14.72
CA ASP C 716 -43.40 -1.53 14.30
C ASP C 716 -43.32 -1.66 12.77
N HIS C 717 -43.47 -2.88 12.26
CA HIS C 717 -43.43 -3.20 10.81
C HIS C 717 -44.22 -2.28 9.89
N MET C 718 -43.65 -2.00 8.72
CA MET C 718 -44.23 -1.01 7.85
C MET C 718 -44.83 -1.60 6.59
N ILE C 719 -46.14 -1.35 6.41
CA ILE C 719 -46.84 -1.25 5.10
C ILE C 719 -47.69 0.02 5.16
N TYR D 1 -9.60 -5.07 -10.54
CA TYR D 1 -9.28 -5.58 -11.88
C TYR D 1 -7.79 -5.36 -12.24
N PRO D 2 -7.26 -6.15 -13.20
CA PRO D 2 -5.82 -6.03 -13.47
C PRO D 2 -5.35 -4.71 -14.07
N GLY D 3 -4.79 -3.86 -13.21
CA GLY D 3 -4.29 -2.55 -13.62
C GLY D 3 -4.86 -1.48 -12.71
N GLY D 4 -6.16 -1.58 -12.48
CA GLY D 4 -6.92 -0.70 -11.60
C GLY D 4 -7.47 -1.49 -10.43
N SER D 5 -8.39 -0.91 -9.67
CA SER D 5 -8.96 -1.64 -8.53
C SER D 5 -10.43 -1.83 -8.78
N THR D 6 -10.93 -2.95 -8.30
CA THR D 6 -12.34 -3.22 -8.47
C THR D 6 -12.88 -3.34 -7.10
N PRO D 7 -13.46 -2.25 -6.59
CA PRO D 7 -13.99 -2.23 -5.22
C PRO D 7 -15.15 -3.17 -5.05
N VAL D 8 -15.31 -3.79 -3.89
CA VAL D 8 -16.35 -4.81 -3.67
C VAL D 8 -16.93 -4.69 -2.23
N SER D 9 -18.07 -5.34 -1.93
CA SER D 9 -18.58 -5.40 -0.52
C SER D 9 -17.78 -6.51 0.10
N SER D 10 -17.21 -6.29 1.28
CA SER D 10 -16.45 -7.34 1.98
C SER D 10 -16.64 -7.11 3.49
N ALA D 11 -16.35 -8.17 4.28
CA ALA D 11 -16.43 -8.15 5.76
C ALA D 11 -15.44 -7.17 6.41
N ASN D 12 -15.78 -6.61 7.57
CA ASN D 12 -14.83 -5.92 8.45
C ASN D 12 -14.23 -6.83 9.54
N1 UDP E . 16.85 5.91 11.11
C2 UDP E . 15.68 6.17 11.84
N3 UDP E . 15.38 5.43 12.92
C4 UDP E . 16.22 4.49 13.36
C5 UDP E . 17.43 4.24 12.67
C6 UDP E . 17.71 4.94 11.51
O2 UDP E . 14.93 7.06 11.47
O4 UDP E . 15.89 3.81 14.36
C1' UDP E . 17.08 6.74 9.94
C2' UDP E . 18.46 7.35 9.71
O2' UDP E . 18.28 8.78 9.87
C3' UDP E . 18.67 7.26 8.25
C4' UDP E . 17.76 6.14 7.74
O4' UDP E . 16.94 5.83 8.88
O3' UDP E . 18.07 8.53 7.91
C5' UDP E . 18.40 4.84 7.21
O5' UDP E . 18.82 5.03 5.88
PA UDP E . 20.32 4.70 5.32
O1A UDP E . 20.87 3.47 6.03
O2A UDP E . 20.18 4.76 3.79
O3A UDP E . 21.35 5.81 5.83
PB UDP E . 22.93 5.89 5.37
O1B UDP E . 23.66 5.79 6.71
O2B UDP E . 23.12 7.24 4.71
O3B UDP E . 23.19 4.74 4.38
C10 9C1 F . 23.89 3.25 1.41
C11 9C1 F . 24.25 2.27 0.49
C12 9C1 F . 24.65 0.81 0.73
C3 9C1 F . 23.56 8.06 1.68
C4 9C1 F . 23.11 9.33 0.99
O14 9C1 F . 23.55 4.75 -0.33
O6 9C1 F . 22.20 11.73 0.51
C6 9C1 F . 21.11 10.85 0.78
C5 9C1 F . 21.70 9.67 1.60
O5 9C1 F . 20.81 8.53 1.37
C1 9C1 F . 21.31 7.19 1.72
C2 9C1 F . 22.72 6.89 1.17
N2 9C1 F . 23.10 5.62 1.74
C09 9C1 F . 23.51 4.57 0.93
CL13 9C1 F . 23.60 -0.49 -0.38
O3 9C1 F . 24.81 7.79 1.11
O4 9C1 F . 23.94 10.35 1.46
N1 UDP G . -17.50 -5.56 -11.56
C2 UDP G . -16.57 -4.82 -12.44
N3 UDP G . -15.96 -5.38 -13.49
C4 UDP G . -16.21 -6.66 -13.69
C5 UDP G . -17.09 -7.40 -12.85
C6 UDP G . -17.73 -6.85 -11.76
O2 UDP G . -16.30 -3.58 -12.29
O4 UDP G . -15.57 -7.11 -14.65
C1' UDP G . -18.06 -4.78 -10.44
C2' UDP G . -19.54 -4.84 -10.13
O2' UDP G . -20.22 -3.68 -10.63
C3' UDP G . -19.59 -4.79 -8.64
C4' UDP G . -18.31 -5.31 -8.11
O4' UDP G . -17.44 -5.21 -9.23
O3' UDP G . -19.37 -3.42 -8.33
C5' UDP G . -18.49 -6.66 -7.44
O5' UDP G . -19.53 -6.39 -6.51
PA UDP G . -19.86 -7.19 -5.14
O1A UDP G . -18.91 -6.61 -4.14
O2A UDP G . -19.59 -8.62 -5.43
O3A UDP G . -21.31 -6.79 -4.57
PB UDP G . -22.63 -7.53 -5.14
O1B UDP G . -23.74 -6.57 -4.81
O2B UDP G . -22.56 -8.74 -4.21
O3B UDP G . -22.63 -7.83 -6.62
O3 9CD H . -25.70 -6.18 -0.93
C3 9CD H . -24.64 -5.52 -1.63
C4 9CD H . -24.80 -3.99 -1.44
O4 9CD H . -26.04 -3.62 -2.05
C5 9CD H . -23.58 -3.28 -2.12
C6 9CD H . -23.80 -1.72 -2.27
O6 9CD H . -23.46 -1.11 -1.10
O5 9CD H . -22.47 -3.58 -1.30
C1 9CD H . -22.06 -4.98 -1.37
C2 9CD H . -23.28 -5.99 -0.99
N2 9CD H . -23.13 -7.38 -1.37
C12 9CD H . -22.69 -8.34 -0.47
C13 9CD H . -22.68 -9.73 -0.99
C14 9CD H . -23.32 -10.75 -0.38
C15 9CD H . -23.37 -12.17 -0.94
O16 9CD H . -22.33 -8.01 0.68
#